data_6SHW
# 
_entry.id   6SHW 
# 
_audit_conform.dict_name       mmcif_pdbx.dic 
_audit_conform.dict_version    5.392 
_audit_conform.dict_location   http://mmcif.pdb.org/dictionaries/ascii/mmcif_pdbx.dic 
# 
loop_
_database_2.database_id 
_database_2.database_code 
_database_2.pdbx_database_accession 
_database_2.pdbx_DOI 
PDB   6SHW         pdb_00006shw 10.2210/pdb6shw/pdb 
WWPDB D_1292103787 ?            ?                   
# 
loop_
_pdbx_audit_revision_history.ordinal 
_pdbx_audit_revision_history.data_content_type 
_pdbx_audit_revision_history.major_revision 
_pdbx_audit_revision_history.minor_revision 
_pdbx_audit_revision_history.revision_date 
1 'Structure model' 1 0 2020-11-18 
2 'Structure model' 1 1 2021-06-02 
3 'Structure model' 1 2 2024-05-15 
# 
_pdbx_audit_revision_details.ordinal             1 
_pdbx_audit_revision_details.revision_ordinal    1 
_pdbx_audit_revision_details.data_content_type   'Structure model' 
_pdbx_audit_revision_details.provider            repository 
_pdbx_audit_revision_details.type                'Initial release' 
_pdbx_audit_revision_details.description         ? 
_pdbx_audit_revision_details.details             ? 
# 
loop_
_pdbx_audit_revision_group.ordinal 
_pdbx_audit_revision_group.revision_ordinal 
_pdbx_audit_revision_group.data_content_type 
_pdbx_audit_revision_group.group 
1 2 'Structure model' 'Database references' 
2 3 'Structure model' 'Data collection'     
3 3 'Structure model' 'Database references' 
# 
loop_
_pdbx_audit_revision_category.ordinal 
_pdbx_audit_revision_category.revision_ordinal 
_pdbx_audit_revision_category.data_content_type 
_pdbx_audit_revision_category.category 
1 2 'Structure model' citation        
2 2 'Structure model' citation_author 
3 3 'Structure model' chem_comp_atom  
4 3 'Structure model' chem_comp_bond  
5 3 'Structure model' database_2      
# 
loop_
_pdbx_audit_revision_item.ordinal 
_pdbx_audit_revision_item.revision_ordinal 
_pdbx_audit_revision_item.data_content_type 
_pdbx_audit_revision_item.item 
1  2 'Structure model' '_citation.country'                   
2  2 'Structure model' '_citation.journal_abbrev'            
3  2 'Structure model' '_citation.journal_id_ASTM'           
4  2 'Structure model' '_citation.journal_id_CSD'            
5  2 'Structure model' '_citation.journal_id_ISSN'           
6  2 'Structure model' '_citation.pdbx_database_id_DOI'      
7  2 'Structure model' '_citation.pdbx_database_id_PubMed'   
8  2 'Structure model' '_citation.title'                     
9  2 'Structure model' '_citation.year'                      
10 3 'Structure model' '_database_2.pdbx_DOI'                
11 3 'Structure model' '_database_2.pdbx_database_accession' 
# 
_pdbx_database_status.status_code                     REL 
_pdbx_database_status.status_code_sf                  REL 
_pdbx_database_status.status_code_mr                  ? 
_pdbx_database_status.entry_id                        6SHW 
_pdbx_database_status.recvd_initial_deposition_date   2019-08-08 
_pdbx_database_status.SG_entry                        N 
_pdbx_database_status.deposit_site                    PDBE 
_pdbx_database_status.process_site                    PDBE 
_pdbx_database_status.status_code_cs                  ? 
_pdbx_database_status.methods_development_category    ? 
_pdbx_database_status.pdb_format_compatible           Y 
_pdbx_database_status.status_code_nmr_data            ? 
# 
loop_
_audit_author.name 
_audit_author.pdbx_ordinal 
_audit_author.identifier_ORCID 
'Ferrero, D.S.' 1 0000-0001-6848-9939 
'Garriga, D.'   2 0000-0003-0410-538X 
'Guerra, P.'    3 0000-0002-0154-3862 
'Uson, I.'      4 0000-0003-2504-1696 
'Verdaguer, N.' 5 0000-0001-8826-7129 
# 
_citation.abstract                  ? 
_citation.abstract_id_CAS           ? 
_citation.book_id_ISBN              ? 
_citation.book_publisher            ? 
_citation.book_publisher_city       ? 
_citation.book_title                ? 
_citation.coordinate_linkage        ? 
_citation.country                   US 
_citation.database_id_Medline       ? 
_citation.details                   ? 
_citation.id                        primary 
_citation.journal_abbrev            J.Virol. 
_citation.journal_id_ASTM           JOVIAM 
_citation.journal_id_CSD            0825 
_citation.journal_id_ISSN           1098-5514 
_citation.journal_full              ? 
_citation.journal_issue             ? 
_citation.journal_volume            ? 
_citation.language                  ? 
_citation.page_first                ? 
_citation.page_last                 ? 
_citation.title                     'Structure and dsRNA-binding activity of the Birnavirus Drosophila X Virus VP3 protein.' 
_citation.year                      2020 
_citation.database_id_CSD           ? 
_citation.pdbx_database_id_DOI      10.1128/JVI.02166-20 
_citation.pdbx_database_id_PubMed   33239452 
_citation.unpublished_flag          ? 
# 
loop_
_citation_author.citation_id 
_citation_author.name 
_citation_author.ordinal 
_citation_author.identifier_ORCID 
primary 'Ferrero, D.S.'   1 ?                   
primary 'Busnadiego, I.'  2 ?                   
primary 'Garriga, D.'     3 ?                   
primary 'Guerra, P.'      4 ?                   
primary 'Martin, M.T.'    5 ?                   
primary 'Kremer, L.'      6 ?                   
primary 'Uson, I.'        7 ?                   
primary 'Rodriguez, J.F.' 8 ?                   
primary 'Verdaguer, N.'   9 0000-0001-8826-7129 
# 
loop_
_entity.id 
_entity.type 
_entity.src_method 
_entity.pdbx_description 
_entity.formula_weight 
_entity.pdbx_number_of_molecules 
_entity.pdbx_ec 
_entity.pdbx_mutation 
_entity.pdbx_fragment 
_entity.details 
1 polymer     man 'Structural polyprotein' 35427.883 1  3.4.21.- ? ? ? 
2 non-polymer syn 'SULFATE ION'            96.063    1  ?        ? ? ? 
3 water       nat water                    18.015    22 ?        ? ? ? 
# 
_entity_name_com.entity_id   1 
_entity_name_com.name        PP 
# 
_entity_poly.entity_id                      1 
_entity_poly.type                           'polypeptide(L)' 
_entity_poly.nstd_linkage                   no 
_entity_poly.nstd_monomer                   no 
_entity_poly.pdbx_seq_one_letter_code       
;ASMNPFMNTNPFLEELDQPIPSNAAKPISEETRDLFLSDGQTIPSSQEKIATIHEYLLEHKELEEAMFSLISQGRGRSLI
NMVVKSALNIETQSREVTGERRQRLERKLRNLENQGIYVDESKIMSRGRISKEDTELAMRIARKNQKDAKLRRIYSNNAS
IQESYTVDDFVSYWMEQESLPTGIQIAMWLKGDDWSQPIPPRVQRRHYDSYIMMLGPSPTQEQADAVKDLVDDIYDRNQG
KGPSQEQARELSHAVRRLISHSLVNQPATAPRVPPRRIVSAQTAQTDPPGRRAALDRLRRVRGEDNDIV
;
_entity_poly.pdbx_seq_one_letter_code_can   
;ASMNPFMNTNPFLEELDQPIPSNAAKPISEETRDLFLSDGQTIPSSQEKIATIHEYLLEHKELEEAMFSLISQGRGRSLI
NMVVKSALNIETQSREVTGERRQRLERKLRNLENQGIYVDESKIMSRGRISKEDTELAMRIARKNQKDAKLRRIYSNNAS
IQESYTVDDFVSYWMEQESLPTGIQIAMWLKGDDWSQPIPPRVQRRHYDSYIMMLGPSPTQEQADAVKDLVDDIYDRNQG
KGPSQEQARELSHAVRRLISHSLVNQPATAPRVPPRRIVSAQTAQTDPPGRRAALDRLRRVRGEDNDIV
;
_entity_poly.pdbx_strand_id                 A 
_entity_poly.pdbx_target_identifier         ? 
# 
loop_
_pdbx_entity_nonpoly.entity_id 
_pdbx_entity_nonpoly.name 
_pdbx_entity_nonpoly.comp_id 
2 'SULFATE ION' SO4 
3 water         HOH 
# 
loop_
_entity_poly_seq.entity_id 
_entity_poly_seq.num 
_entity_poly_seq.mon_id 
_entity_poly_seq.hetero 
1 1   ALA n 
1 2   SER n 
1 3   MET n 
1 4   ASN n 
1 5   PRO n 
1 6   PHE n 
1 7   MET n 
1 8   ASN n 
1 9   THR n 
1 10  ASN n 
1 11  PRO n 
1 12  PHE n 
1 13  LEU n 
1 14  GLU n 
1 15  GLU n 
1 16  LEU n 
1 17  ASP n 
1 18  GLN n 
1 19  PRO n 
1 20  ILE n 
1 21  PRO n 
1 22  SER n 
1 23  ASN n 
1 24  ALA n 
1 25  ALA n 
1 26  LYS n 
1 27  PRO n 
1 28  ILE n 
1 29  SER n 
1 30  GLU n 
1 31  GLU n 
1 32  THR n 
1 33  ARG n 
1 34  ASP n 
1 35  LEU n 
1 36  PHE n 
1 37  LEU n 
1 38  SER n 
1 39  ASP n 
1 40  GLY n 
1 41  GLN n 
1 42  THR n 
1 43  ILE n 
1 44  PRO n 
1 45  SER n 
1 46  SER n 
1 47  GLN n 
1 48  GLU n 
1 49  LYS n 
1 50  ILE n 
1 51  ALA n 
1 52  THR n 
1 53  ILE n 
1 54  HIS n 
1 55  GLU n 
1 56  TYR n 
1 57  LEU n 
1 58  LEU n 
1 59  GLU n 
1 60  HIS n 
1 61  LYS n 
1 62  GLU n 
1 63  LEU n 
1 64  GLU n 
1 65  GLU n 
1 66  ALA n 
1 67  MET n 
1 68  PHE n 
1 69  SER n 
1 70  LEU n 
1 71  ILE n 
1 72  SER n 
1 73  GLN n 
1 74  GLY n 
1 75  ARG n 
1 76  GLY n 
1 77  ARG n 
1 78  SER n 
1 79  LEU n 
1 80  ILE n 
1 81  ASN n 
1 82  MET n 
1 83  VAL n 
1 84  VAL n 
1 85  LYS n 
1 86  SER n 
1 87  ALA n 
1 88  LEU n 
1 89  ASN n 
1 90  ILE n 
1 91  GLU n 
1 92  THR n 
1 93  GLN n 
1 94  SER n 
1 95  ARG n 
1 96  GLU n 
1 97  VAL n 
1 98  THR n 
1 99  GLY n 
1 100 GLU n 
1 101 ARG n 
1 102 ARG n 
1 103 GLN n 
1 104 ARG n 
1 105 LEU n 
1 106 GLU n 
1 107 ARG n 
1 108 LYS n 
1 109 LEU n 
1 110 ARG n 
1 111 ASN n 
1 112 LEU n 
1 113 GLU n 
1 114 ASN n 
1 115 GLN n 
1 116 GLY n 
1 117 ILE n 
1 118 TYR n 
1 119 VAL n 
1 120 ASP n 
1 121 GLU n 
1 122 SER n 
1 123 LYS n 
1 124 ILE n 
1 125 MET n 
1 126 SER n 
1 127 ARG n 
1 128 GLY n 
1 129 ARG n 
1 130 ILE n 
1 131 SER n 
1 132 LYS n 
1 133 GLU n 
1 134 ASP n 
1 135 THR n 
1 136 GLU n 
1 137 LEU n 
1 138 ALA n 
1 139 MET n 
1 140 ARG n 
1 141 ILE n 
1 142 ALA n 
1 143 ARG n 
1 144 LYS n 
1 145 ASN n 
1 146 GLN n 
1 147 LYS n 
1 148 ASP n 
1 149 ALA n 
1 150 LYS n 
1 151 LEU n 
1 152 ARG n 
1 153 ARG n 
1 154 ILE n 
1 155 TYR n 
1 156 SER n 
1 157 ASN n 
1 158 ASN n 
1 159 ALA n 
1 160 SER n 
1 161 ILE n 
1 162 GLN n 
1 163 GLU n 
1 164 SER n 
1 165 TYR n 
1 166 THR n 
1 167 VAL n 
1 168 ASP n 
1 169 ASP n 
1 170 PHE n 
1 171 VAL n 
1 172 SER n 
1 173 TYR n 
1 174 TRP n 
1 175 MET n 
1 176 GLU n 
1 177 GLN n 
1 178 GLU n 
1 179 SER n 
1 180 LEU n 
1 181 PRO n 
1 182 THR n 
1 183 GLY n 
1 184 ILE n 
1 185 GLN n 
1 186 ILE n 
1 187 ALA n 
1 188 MET n 
1 189 TRP n 
1 190 LEU n 
1 191 LYS n 
1 192 GLY n 
1 193 ASP n 
1 194 ASP n 
1 195 TRP n 
1 196 SER n 
1 197 GLN n 
1 198 PRO n 
1 199 ILE n 
1 200 PRO n 
1 201 PRO n 
1 202 ARG n 
1 203 VAL n 
1 204 GLN n 
1 205 ARG n 
1 206 ARG n 
1 207 HIS n 
1 208 TYR n 
1 209 ASP n 
1 210 SER n 
1 211 TYR n 
1 212 ILE n 
1 213 MET n 
1 214 MET n 
1 215 LEU n 
1 216 GLY n 
1 217 PRO n 
1 218 SER n 
1 219 PRO n 
1 220 THR n 
1 221 GLN n 
1 222 GLU n 
1 223 GLN n 
1 224 ALA n 
1 225 ASP n 
1 226 ALA n 
1 227 VAL n 
1 228 LYS n 
1 229 ASP n 
1 230 LEU n 
1 231 VAL n 
1 232 ASP n 
1 233 ASP n 
1 234 ILE n 
1 235 TYR n 
1 236 ASP n 
1 237 ARG n 
1 238 ASN n 
1 239 GLN n 
1 240 GLY n 
1 241 LYS n 
1 242 GLY n 
1 243 PRO n 
1 244 SER n 
1 245 GLN n 
1 246 GLU n 
1 247 GLN n 
1 248 ALA n 
1 249 ARG n 
1 250 GLU n 
1 251 LEU n 
1 252 SER n 
1 253 HIS n 
1 254 ALA n 
1 255 VAL n 
1 256 ARG n 
1 257 ARG n 
1 258 LEU n 
1 259 ILE n 
1 260 SER n 
1 261 HIS n 
1 262 SER n 
1 263 LEU n 
1 264 VAL n 
1 265 ASN n 
1 266 GLN n 
1 267 PRO n 
1 268 ALA n 
1 269 THR n 
1 270 ALA n 
1 271 PRO n 
1 272 ARG n 
1 273 VAL n 
1 274 PRO n 
1 275 PRO n 
1 276 ARG n 
1 277 ARG n 
1 278 ILE n 
1 279 VAL n 
1 280 SER n 
1 281 ALA n 
1 282 GLN n 
1 283 THR n 
1 284 ALA n 
1 285 GLN n 
1 286 THR n 
1 287 ASP n 
1 288 PRO n 
1 289 PRO n 
1 290 GLY n 
1 291 ARG n 
1 292 ARG n 
1 293 ALA n 
1 294 ALA n 
1 295 LEU n 
1 296 ASP n 
1 297 ARG n 
1 298 LEU n 
1 299 ARG n 
1 300 ARG n 
1 301 VAL n 
1 302 ARG n 
1 303 GLY n 
1 304 GLU n 
1 305 ASP n 
1 306 ASN n 
1 307 ASP n 
1 308 ILE n 
1 309 VAL n 
# 
_entity_src_gen.entity_id                          1 
_entity_src_gen.pdbx_src_id                        1 
_entity_src_gen.pdbx_alt_source_flag               sample 
_entity_src_gen.pdbx_seq_type                      'Biological sequence' 
_entity_src_gen.pdbx_beg_seq_num                   1 
_entity_src_gen.pdbx_end_seq_num                   309 
_entity_src_gen.gene_src_common_name               DXV 
_entity_src_gen.gene_src_genus                     ? 
_entity_src_gen.pdbx_gene_src_gene                 ? 
_entity_src_gen.gene_src_species                   ? 
_entity_src_gen.gene_src_strain                    'isolate Chung/1996' 
_entity_src_gen.gene_src_tissue                    ? 
_entity_src_gen.gene_src_tissue_fraction           ? 
_entity_src_gen.gene_src_details                   ? 
_entity_src_gen.pdbx_gene_src_fragment             ? 
_entity_src_gen.pdbx_gene_src_scientific_name      'Drosophila x virus (isolate Chung/1996)' 
_entity_src_gen.pdbx_gene_src_ncbi_taxonomy_id     654931 
_entity_src_gen.pdbx_gene_src_variant              ? 
_entity_src_gen.pdbx_gene_src_cell_line            ? 
_entity_src_gen.pdbx_gene_src_atcc                 ? 
_entity_src_gen.pdbx_gene_src_organ                ? 
_entity_src_gen.pdbx_gene_src_organelle            ? 
_entity_src_gen.pdbx_gene_src_cell                 ? 
_entity_src_gen.pdbx_gene_src_cellular_location    ? 
_entity_src_gen.host_org_common_name               ? 
_entity_src_gen.pdbx_host_org_scientific_name      'Escherichia coli' 
_entity_src_gen.pdbx_host_org_ncbi_taxonomy_id     562 
_entity_src_gen.host_org_genus                     ? 
_entity_src_gen.pdbx_host_org_gene                 ? 
_entity_src_gen.pdbx_host_org_organ                ? 
_entity_src_gen.host_org_species                   ? 
_entity_src_gen.pdbx_host_org_tissue               ? 
_entity_src_gen.pdbx_host_org_tissue_fraction      ? 
_entity_src_gen.pdbx_host_org_strain               ? 
_entity_src_gen.pdbx_host_org_variant              ? 
_entity_src_gen.pdbx_host_org_cell_line            ? 
_entity_src_gen.pdbx_host_org_atcc                 ? 
_entity_src_gen.pdbx_host_org_culture_collection   ? 
_entity_src_gen.pdbx_host_org_cell                 ? 
_entity_src_gen.pdbx_host_org_organelle            ? 
_entity_src_gen.pdbx_host_org_cellular_location    ? 
_entity_src_gen.pdbx_host_org_vector_type          ? 
_entity_src_gen.pdbx_host_org_vector               ? 
_entity_src_gen.host_org_details                   ? 
_entity_src_gen.expression_system_id               ? 
_entity_src_gen.plasmid_name                       ? 
_entity_src_gen.plasmid_details                    ? 
_entity_src_gen.pdbx_description                   ? 
# 
loop_
_chem_comp.id 
_chem_comp.type 
_chem_comp.mon_nstd_flag 
_chem_comp.name 
_chem_comp.pdbx_synonyms 
_chem_comp.formula 
_chem_comp.formula_weight 
ALA 'L-peptide linking' y ALANINE         ? 'C3 H7 N O2'     89.093  
ARG 'L-peptide linking' y ARGININE        ? 'C6 H15 N4 O2 1' 175.209 
ASN 'L-peptide linking' y ASPARAGINE      ? 'C4 H8 N2 O3'    132.118 
ASP 'L-peptide linking' y 'ASPARTIC ACID' ? 'C4 H7 N O4'     133.103 
GLN 'L-peptide linking' y GLUTAMINE       ? 'C5 H10 N2 O3'   146.144 
GLU 'L-peptide linking' y 'GLUTAMIC ACID' ? 'C5 H9 N O4'     147.129 
GLY 'peptide linking'   y GLYCINE         ? 'C2 H5 N O2'     75.067  
HIS 'L-peptide linking' y HISTIDINE       ? 'C6 H10 N3 O2 1' 156.162 
HOH non-polymer         . WATER           ? 'H2 O'           18.015  
ILE 'L-peptide linking' y ISOLEUCINE      ? 'C6 H13 N O2'    131.173 
LEU 'L-peptide linking' y LEUCINE         ? 'C6 H13 N O2'    131.173 
LYS 'L-peptide linking' y LYSINE          ? 'C6 H15 N2 O2 1' 147.195 
MET 'L-peptide linking' y METHIONINE      ? 'C5 H11 N O2 S'  149.211 
PHE 'L-peptide linking' y PHENYLALANINE   ? 'C9 H11 N O2'    165.189 
PRO 'L-peptide linking' y PROLINE         ? 'C5 H9 N O2'     115.130 
SER 'L-peptide linking' y SERINE          ? 'C3 H7 N O3'     105.093 
SO4 non-polymer         . 'SULFATE ION'   ? 'O4 S -2'        96.063  
THR 'L-peptide linking' y THREONINE       ? 'C4 H9 N O3'     119.119 
TRP 'L-peptide linking' y TRYPTOPHAN      ? 'C11 H12 N2 O2'  204.225 
TYR 'L-peptide linking' y TYROSINE        ? 'C9 H11 N O3'    181.189 
VAL 'L-peptide linking' y VALINE          ? 'C5 H11 N O2'    117.146 
# 
loop_
_pdbx_poly_seq_scheme.asym_id 
_pdbx_poly_seq_scheme.entity_id 
_pdbx_poly_seq_scheme.seq_id 
_pdbx_poly_seq_scheme.mon_id 
_pdbx_poly_seq_scheme.ndb_seq_num 
_pdbx_poly_seq_scheme.pdb_seq_num 
_pdbx_poly_seq_scheme.auth_seq_num 
_pdbx_poly_seq_scheme.pdb_mon_id 
_pdbx_poly_seq_scheme.auth_mon_id 
_pdbx_poly_seq_scheme.pdb_strand_id 
_pdbx_poly_seq_scheme.pdb_ins_code 
_pdbx_poly_seq_scheme.hetero 
A 1 1   ALA 1   1   ?  ?   ?   A . n 
A 1 2   SER 2   2   ?  ?   ?   A . n 
A 1 3   MET 3   3   ?  ?   ?   A . n 
A 1 4   ASN 4   4   ?  ?   ?   A . n 
A 1 5   PRO 5   5   ?  ?   ?   A . n 
A 1 6   PHE 6   6   ?  ?   ?   A . n 
A 1 7   MET 7   7   ?  ?   ?   A . n 
A 1 8   ASN 8   8   ?  ?   ?   A . n 
A 1 9   THR 9   9   ?  ?   ?   A . n 
A 1 10  ASN 10  10  ?  ?   ?   A . n 
A 1 11  PRO 11  11  ?  ?   ?   A . n 
A 1 12  PHE 12  12  ?  ?   ?   A . n 
A 1 13  LEU 13  13  ?  ?   ?   A . n 
A 1 14  GLU 14  14  ?  ?   ?   A . n 
A 1 15  GLU 15  15  ?  ?   ?   A . n 
A 1 16  LEU 16  16  ?  ?   ?   A . n 
A 1 17  ASP 17  17  ?  ?   ?   A . n 
A 1 18  GLN 18  18  ?  ?   ?   A . n 
A 1 19  PRO 19  19  ?  ?   ?   A . n 
A 1 20  ILE 20  20  ?  ?   ?   A . n 
A 1 21  PRO 21  21  ?  ?   ?   A . n 
A 1 22  SER 22  22  ?  ?   ?   A . n 
A 1 23  ASN 23  23  ?  ?   ?   A . n 
A 1 24  ALA 24  24  ?  ?   ?   A . n 
A 1 25  ALA 25  25  ?  ?   ?   A . n 
A 1 26  LYS 26  26  ?  ?   ?   A . n 
A 1 27  PRO 27  27  ?  ?   ?   A . n 
A 1 28  ILE 28  28  ?  ?   ?   A . n 
A 1 29  SER 29  29  ?  ?   ?   A . n 
A 1 30  GLU 30  30  ?  ?   ?   A . n 
A 1 31  GLU 31  31  ?  ?   ?   A . n 
A 1 32  THR 32  32  ?  ?   ?   A . n 
A 1 33  ARG 33  33  ?  ?   ?   A . n 
A 1 34  ASP 34  34  ?  ?   ?   A . n 
A 1 35  LEU 35  35  ?  ?   ?   A . n 
A 1 36  PHE 36  36  ?  ?   ?   A . n 
A 1 37  LEU 37  37  ?  ?   ?   A . n 
A 1 38  SER 38  38  ?  ?   ?   A . n 
A 1 39  ASP 39  39  ?  ?   ?   A . n 
A 1 40  GLY 40  40  ?  ?   ?   A . n 
A 1 41  GLN 41  41  ?  ?   ?   A . n 
A 1 42  THR 42  42  ?  ?   ?   A . n 
A 1 43  ILE 43  43  43 ILE ILE A . n 
A 1 44  PRO 44  44  44 PRO PRO A . n 
A 1 45  SER 45  45  45 SER SER A . n 
A 1 46  SER 46  46  46 SER SER A . n 
A 1 47  GLN 47  47  47 GLN GLN A . n 
A 1 48  GLU 48  48  48 GLU GLU A . n 
A 1 49  LYS 49  49  49 LYS LYS A . n 
A 1 50  ILE 50  50  50 ILE ILE A . n 
A 1 51  ALA 51  51  51 ALA ALA A . n 
A 1 52  THR 52  52  52 THR THR A . n 
A 1 53  ILE 53  53  53 ILE ILE A . n 
A 1 54  HIS 54  54  54 HIS HIS A . n 
A 1 55  GLU 55  55  55 GLU GLU A . n 
A 1 56  TYR 56  56  56 TYR TYR A . n 
A 1 57  LEU 57  57  57 LEU LEU A . n 
A 1 58  LEU 58  58  58 LEU LEU A . n 
A 1 59  GLU 59  59  59 GLU GLU A . n 
A 1 60  HIS 60  60  60 HIS HIS A . n 
A 1 61  LYS 61  61  61 LYS LYS A . n 
A 1 62  GLU 62  62  62 GLU GLU A . n 
A 1 63  LEU 63  63  63 LEU LEU A . n 
A 1 64  GLU 64  64  64 GLU GLU A . n 
A 1 65  GLU 65  65  65 GLU GLU A . n 
A 1 66  ALA 66  66  66 ALA ALA A . n 
A 1 67  MET 67  67  67 MET MET A . n 
A 1 68  PHE 68  68  68 PHE PHE A . n 
A 1 69  SER 69  69  69 SER SER A . n 
A 1 70  LEU 70  70  70 LEU LEU A . n 
A 1 71  ILE 71  71  71 ILE ILE A . n 
A 1 72  SER 72  72  72 SER SER A . n 
A 1 73  GLN 73  73  73 GLN GLN A . n 
A 1 74  GLY 74  74  74 GLY GLY A . n 
A 1 75  ARG 75  75  75 ARG ARG A . n 
A 1 76  GLY 76  76  76 GLY GLY A . n 
A 1 77  ARG 77  77  77 ARG ARG A . n 
A 1 78  SER 78  78  78 SER SER A . n 
A 1 79  LEU 79  79  79 LEU LEU A . n 
A 1 80  ILE 80  80  80 ILE ILE A . n 
A 1 81  ASN 81  81  81 ASN ASN A . n 
A 1 82  MET 82  82  82 MET MET A . n 
A 1 83  VAL 83  83  83 VAL VAL A . n 
A 1 84  VAL 84  84  84 VAL VAL A . n 
A 1 85  LYS 85  85  85 LYS LYS A . n 
A 1 86  SER 86  86  86 SER SER A . n 
A 1 87  ALA 87  87  87 ALA ALA A . n 
A 1 88  LEU 88  88  88 LEU LEU A . n 
A 1 89  ASN 89  89  89 ASN ASN A . n 
A 1 90  ILE 90  90  90 ILE ILE A . n 
A 1 91  GLU 91  91  ?  ?   ?   A . n 
A 1 92  THR 92  92  ?  ?   ?   A . n 
A 1 93  GLN 93  93  ?  ?   ?   A . n 
A 1 94  SER 94  94  ?  ?   ?   A . n 
A 1 95  ARG 95  95  ?  ?   ?   A . n 
A 1 96  GLU 96  96  ?  ?   ?   A . n 
A 1 97  VAL 97  97  ?  ?   ?   A . n 
A 1 98  THR 98  98  ?  ?   ?   A . n 
A 1 99  GLY 99  99  ?  ?   ?   A . n 
A 1 100 GLU 100 100 ?  ?   ?   A . n 
A 1 101 ARG 101 101 ?  ?   ?   A . n 
A 1 102 ARG 102 102 ?  ?   ?   A . n 
A 1 103 GLN 103 103 ?  ?   ?   A . n 
A 1 104 ARG 104 104 ?  ?   ?   A . n 
A 1 105 LEU 105 105 ?  ?   ?   A . n 
A 1 106 GLU 106 106 ?  ?   ?   A . n 
A 1 107 ARG 107 107 ?  ?   ?   A . n 
A 1 108 LYS 108 108 ?  ?   ?   A . n 
A 1 109 LEU 109 109 ?  ?   ?   A . n 
A 1 110 ARG 110 110 ?  ?   ?   A . n 
A 1 111 ASN 111 111 ?  ?   ?   A . n 
A 1 112 LEU 112 112 ?  ?   ?   A . n 
A 1 113 GLU 113 113 ?  ?   ?   A . n 
A 1 114 ASN 114 114 ?  ?   ?   A . n 
A 1 115 GLN 115 115 ?  ?   ?   A . n 
A 1 116 GLY 116 116 ?  ?   ?   A . n 
A 1 117 ILE 117 117 ?  ?   ?   A . n 
A 1 118 TYR 118 118 ?  ?   ?   A . n 
A 1 119 VAL 119 119 ?  ?   ?   A . n 
A 1 120 ASP 120 120 ?  ?   ?   A . n 
A 1 121 GLU 121 121 ?  ?   ?   A . n 
A 1 122 SER 122 122 ?  ?   ?   A . n 
A 1 123 LYS 123 123 ?  ?   ?   A . n 
A 1 124 ILE 124 124 ?  ?   ?   A . n 
A 1 125 MET 125 125 ?  ?   ?   A . n 
A 1 126 SER 126 126 ?  ?   ?   A . n 
A 1 127 ARG 127 127 ?  ?   ?   A . n 
A 1 128 GLY 128 128 ?  ?   ?   A . n 
A 1 129 ARG 129 129 ?  ?   ?   A . n 
A 1 130 ILE 130 130 ?  ?   ?   A . n 
A 1 131 SER 131 131 ?  ?   ?   A . n 
A 1 132 LYS 132 132 ?  ?   ?   A . n 
A 1 133 GLU 133 133 ?  ?   ?   A . n 
A 1 134 ASP 134 134 ?  ?   ?   A . n 
A 1 135 THR 135 135 ?  ?   ?   A . n 
A 1 136 GLU 136 136 ?  ?   ?   A . n 
A 1 137 LEU 137 137 ?  ?   ?   A . n 
A 1 138 ALA 138 138 ?  ?   ?   A . n 
A 1 139 MET 139 139 ?  ?   ?   A . n 
A 1 140 ARG 140 140 ?  ?   ?   A . n 
A 1 141 ILE 141 141 ?  ?   ?   A . n 
A 1 142 ALA 142 142 ?  ?   ?   A . n 
A 1 143 ARG 143 143 ?  ?   ?   A . n 
A 1 144 LYS 144 144 ?  ?   ?   A . n 
A 1 145 ASN 145 145 ?  ?   ?   A . n 
A 1 146 GLN 146 146 ?  ?   ?   A . n 
A 1 147 LYS 147 147 ?  ?   ?   A . n 
A 1 148 ASP 148 148 ?  ?   ?   A . n 
A 1 149 ALA 149 149 ?  ?   ?   A . n 
A 1 150 LYS 150 150 ?  ?   ?   A . n 
A 1 151 LEU 151 151 ?  ?   ?   A . n 
A 1 152 ARG 152 152 ?  ?   ?   A . n 
A 1 153 ARG 153 153 ?  ?   ?   A . n 
A 1 154 ILE 154 154 ?  ?   ?   A . n 
A 1 155 TYR 155 155 ?  ?   ?   A . n 
A 1 156 SER 156 156 ?  ?   ?   A . n 
A 1 157 ASN 157 157 ?  ?   ?   A . n 
A 1 158 ASN 158 158 ?  ?   ?   A . n 
A 1 159 ALA 159 159 ?  ?   ?   A . n 
A 1 160 SER 160 160 ?  ?   ?   A . n 
A 1 161 ILE 161 161 ?  ?   ?   A . n 
A 1 162 GLN 162 162 ?  ?   ?   A . n 
A 1 163 GLU 163 163 ?  ?   ?   A . n 
A 1 164 SER 164 164 ?  ?   ?   A . n 
A 1 165 TYR 165 165 ?  ?   ?   A . n 
A 1 166 THR 166 166 ?  ?   ?   A . n 
A 1 167 VAL 167 167 ?  ?   ?   A . n 
A 1 168 ASP 168 168 ?  ?   ?   A . n 
A 1 169 ASP 169 169 ?  ?   ?   A . n 
A 1 170 PHE 170 170 ?  ?   ?   A . n 
A 1 171 VAL 171 171 ?  ?   ?   A . n 
A 1 172 SER 172 172 ?  ?   ?   A . n 
A 1 173 TYR 173 173 ?  ?   ?   A . n 
A 1 174 TRP 174 174 ?  ?   ?   A . n 
A 1 175 MET 175 175 ?  ?   ?   A . n 
A 1 176 GLU 176 176 ?  ?   ?   A . n 
A 1 177 GLN 177 177 ?  ?   ?   A . n 
A 1 178 GLU 178 178 ?  ?   ?   A . n 
A 1 179 SER 179 179 ?  ?   ?   A . n 
A 1 180 LEU 180 180 ?  ?   ?   A . n 
A 1 181 PRO 181 181 ?  ?   ?   A . n 
A 1 182 THR 182 182 ?  ?   ?   A . n 
A 1 183 GLY 183 183 ?  ?   ?   A . n 
A 1 184 ILE 184 184 ?  ?   ?   A . n 
A 1 185 GLN 185 185 ?  ?   ?   A . n 
A 1 186 ILE 186 186 ?  ?   ?   A . n 
A 1 187 ALA 187 187 ?  ?   ?   A . n 
A 1 188 MET 188 188 ?  ?   ?   A . n 
A 1 189 TRP 189 189 ?  ?   ?   A . n 
A 1 190 LEU 190 190 ?  ?   ?   A . n 
A 1 191 LYS 191 191 ?  ?   ?   A . n 
A 1 192 GLY 192 192 ?  ?   ?   A . n 
A 1 193 ASP 193 193 ?  ?   ?   A . n 
A 1 194 ASP 194 194 ?  ?   ?   A . n 
A 1 195 TRP 195 195 ?  ?   ?   A . n 
A 1 196 SER 196 196 ?  ?   ?   A . n 
A 1 197 GLN 197 197 ?  ?   ?   A . n 
A 1 198 PRO 198 198 ?  ?   ?   A . n 
A 1 199 ILE 199 199 ?  ?   ?   A . n 
A 1 200 PRO 200 200 ?  ?   ?   A . n 
A 1 201 PRO 201 201 ?  ?   ?   A . n 
A 1 202 ARG 202 202 ?  ?   ?   A . n 
A 1 203 VAL 203 203 ?  ?   ?   A . n 
A 1 204 GLN 204 204 ?  ?   ?   A . n 
A 1 205 ARG 205 205 ?  ?   ?   A . n 
A 1 206 ARG 206 206 ?  ?   ?   A . n 
A 1 207 HIS 207 207 ?  ?   ?   A . n 
A 1 208 TYR 208 208 ?  ?   ?   A . n 
A 1 209 ASP 209 209 ?  ?   ?   A . n 
A 1 210 SER 210 210 ?  ?   ?   A . n 
A 1 211 TYR 211 211 ?  ?   ?   A . n 
A 1 212 ILE 212 212 ?  ?   ?   A . n 
A 1 213 MET 213 213 ?  ?   ?   A . n 
A 1 214 MET 214 214 ?  ?   ?   A . n 
A 1 215 LEU 215 215 ?  ?   ?   A . n 
A 1 216 GLY 216 216 ?  ?   ?   A . n 
A 1 217 PRO 217 217 ?  ?   ?   A . n 
A 1 218 SER 218 218 ?  ?   ?   A . n 
A 1 219 PRO 219 219 ?  ?   ?   A . n 
A 1 220 THR 220 220 ?  ?   ?   A . n 
A 1 221 GLN 221 221 ?  ?   ?   A . n 
A 1 222 GLU 222 222 ?  ?   ?   A . n 
A 1 223 GLN 223 223 ?  ?   ?   A . n 
A 1 224 ALA 224 224 ?  ?   ?   A . n 
A 1 225 ASP 225 225 ?  ?   ?   A . n 
A 1 226 ALA 226 226 ?  ?   ?   A . n 
A 1 227 VAL 227 227 ?  ?   ?   A . n 
A 1 228 LYS 228 228 ?  ?   ?   A . n 
A 1 229 ASP 229 229 ?  ?   ?   A . n 
A 1 230 LEU 230 230 ?  ?   ?   A . n 
A 1 231 VAL 231 231 ?  ?   ?   A . n 
A 1 232 ASP 232 232 ?  ?   ?   A . n 
A 1 233 ASP 233 233 ?  ?   ?   A . n 
A 1 234 ILE 234 234 ?  ?   ?   A . n 
A 1 235 TYR 235 235 ?  ?   ?   A . n 
A 1 236 ASP 236 236 ?  ?   ?   A . n 
A 1 237 ARG 237 237 ?  ?   ?   A . n 
A 1 238 ASN 238 238 ?  ?   ?   A . n 
A 1 239 GLN 239 239 ?  ?   ?   A . n 
A 1 240 GLY 240 240 ?  ?   ?   A . n 
A 1 241 LYS 241 241 ?  ?   ?   A . n 
A 1 242 GLY 242 242 ?  ?   ?   A . n 
A 1 243 PRO 243 243 ?  ?   ?   A . n 
A 1 244 SER 244 244 ?  ?   ?   A . n 
A 1 245 GLN 245 245 ?  ?   ?   A . n 
A 1 246 GLU 246 246 ?  ?   ?   A . n 
A 1 247 GLN 247 247 ?  ?   ?   A . n 
A 1 248 ALA 248 248 ?  ?   ?   A . n 
A 1 249 ARG 249 249 ?  ?   ?   A . n 
A 1 250 GLU 250 250 ?  ?   ?   A . n 
A 1 251 LEU 251 251 ?  ?   ?   A . n 
A 1 252 SER 252 252 ?  ?   ?   A . n 
A 1 253 HIS 253 253 ?  ?   ?   A . n 
A 1 254 ALA 254 254 ?  ?   ?   A . n 
A 1 255 VAL 255 255 ?  ?   ?   A . n 
A 1 256 ARG 256 256 ?  ?   ?   A . n 
A 1 257 ARG 257 257 ?  ?   ?   A . n 
A 1 258 LEU 258 258 ?  ?   ?   A . n 
A 1 259 ILE 259 259 ?  ?   ?   A . n 
A 1 260 SER 260 260 ?  ?   ?   A . n 
A 1 261 HIS 261 261 ?  ?   ?   A . n 
A 1 262 SER 262 262 ?  ?   ?   A . n 
A 1 263 LEU 263 263 ?  ?   ?   A . n 
A 1 264 VAL 264 264 ?  ?   ?   A . n 
A 1 265 ASN 265 265 ?  ?   ?   A . n 
A 1 266 GLN 266 266 ?  ?   ?   A . n 
A 1 267 PRO 267 267 ?  ?   ?   A . n 
A 1 268 ALA 268 268 ?  ?   ?   A . n 
A 1 269 THR 269 269 ?  ?   ?   A . n 
A 1 270 ALA 270 270 ?  ?   ?   A . n 
A 1 271 PRO 271 271 ?  ?   ?   A . n 
A 1 272 ARG 272 272 ?  ?   ?   A . n 
A 1 273 VAL 273 273 ?  ?   ?   A . n 
A 1 274 PRO 274 274 ?  ?   ?   A . n 
A 1 275 PRO 275 275 ?  ?   ?   A . n 
A 1 276 ARG 276 276 ?  ?   ?   A . n 
A 1 277 ARG 277 277 ?  ?   ?   A . n 
A 1 278 ILE 278 278 ?  ?   ?   A . n 
A 1 279 VAL 279 279 ?  ?   ?   A . n 
A 1 280 SER 280 280 ?  ?   ?   A . n 
A 1 281 ALA 281 281 ?  ?   ?   A . n 
A 1 282 GLN 282 282 ?  ?   ?   A . n 
A 1 283 THR 283 283 ?  ?   ?   A . n 
A 1 284 ALA 284 284 ?  ?   ?   A . n 
A 1 285 GLN 285 285 ?  ?   ?   A . n 
A 1 286 THR 286 286 ?  ?   ?   A . n 
A 1 287 ASP 287 287 ?  ?   ?   A . n 
A 1 288 PRO 288 288 ?  ?   ?   A . n 
A 1 289 PRO 289 289 ?  ?   ?   A . n 
A 1 290 GLY 290 290 ?  ?   ?   A . n 
A 1 291 ARG 291 291 ?  ?   ?   A . n 
A 1 292 ARG 292 292 ?  ?   ?   A . n 
A 1 293 ALA 293 293 ?  ?   ?   A . n 
A 1 294 ALA 294 294 ?  ?   ?   A . n 
A 1 295 LEU 295 295 ?  ?   ?   A . n 
A 1 296 ASP 296 296 ?  ?   ?   A . n 
A 1 297 ARG 297 297 ?  ?   ?   A . n 
A 1 298 LEU 298 298 ?  ?   ?   A . n 
A 1 299 ARG 299 299 ?  ?   ?   A . n 
A 1 300 ARG 300 300 ?  ?   ?   A . n 
A 1 301 VAL 301 301 ?  ?   ?   A . n 
A 1 302 ARG 302 302 ?  ?   ?   A . n 
A 1 303 GLY 303 303 ?  ?   ?   A . n 
A 1 304 GLU 304 304 ?  ?   ?   A . n 
A 1 305 ASP 305 305 ?  ?   ?   A . n 
A 1 306 ASN 306 306 ?  ?   ?   A . n 
A 1 307 ASP 307 307 ?  ?   ?   A . n 
A 1 308 ILE 308 308 ?  ?   ?   A . n 
A 1 309 VAL 309 309 ?  ?   ?   A . n 
# 
loop_
_pdbx_nonpoly_scheme.asym_id 
_pdbx_nonpoly_scheme.entity_id 
_pdbx_nonpoly_scheme.mon_id 
_pdbx_nonpoly_scheme.ndb_seq_num 
_pdbx_nonpoly_scheme.pdb_seq_num 
_pdbx_nonpoly_scheme.auth_seq_num 
_pdbx_nonpoly_scheme.pdb_mon_id 
_pdbx_nonpoly_scheme.auth_mon_id 
_pdbx_nonpoly_scheme.pdb_strand_id 
_pdbx_nonpoly_scheme.pdb_ins_code 
B 2 SO4 1  401 1  SO4 SO4 A . 
C 3 HOH 1  501 18 HOH HOH A . 
C 3 HOH 2  502 2  HOH HOH A . 
C 3 HOH 3  503 13 HOH HOH A . 
C 3 HOH 4  504 12 HOH HOH A . 
C 3 HOH 5  505 9  HOH HOH A . 
C 3 HOH 6  506 16 HOH HOH A . 
C 3 HOH 7  507 6  HOH HOH A . 
C 3 HOH 8  508 4  HOH HOH A . 
C 3 HOH 9  509 19 HOH HOH A . 
C 3 HOH 10 510 21 HOH HOH A . 
C 3 HOH 11 511 3  HOH HOH A . 
C 3 HOH 12 512 1  HOH HOH A . 
C 3 HOH 13 513 8  HOH HOH A . 
C 3 HOH 14 514 7  HOH HOH A . 
C 3 HOH 15 515 20 HOH HOH A . 
C 3 HOH 16 516 5  HOH HOH A . 
C 3 HOH 17 517 17 HOH HOH A . 
C 3 HOH 18 518 22 HOH HOH A . 
C 3 HOH 19 519 10 HOH HOH A . 
C 3 HOH 20 520 14 HOH HOH A . 
C 3 HOH 21 521 11 HOH HOH A . 
C 3 HOH 22 522 15 HOH HOH A . 
# 
loop_
_software.citation_id 
_software.classification 
_software.compiler_name 
_software.compiler_version 
_software.contact_author 
_software.contact_author_email 
_software.date 
_software.description 
_software.dependencies 
_software.hardware 
_software.language 
_software.location 
_software.mods 
_software.name 
_software.os 
_software.os_version 
_software.type 
_software.version 
_software.pdbx_ordinal 
? 'data scaling'    ? ? ? ? ? ? ? ? ? ? ? SCALA       ? ? ? .         1 
? refinement        ? ? ? ? ? ? ? ? ? ? ? PHENIX      ? ? ? 1.16_3549 2 
? 'data extraction' ? ? ? ? ? ? ? ? ? ? ? PDB_EXTRACT ? ? ? 3.25      3 
? 'data reduction'  ? ? ? ? ? ? ? ? ? ? ? XDS         ? ? ? .         4 
? phasing           ? ? ? ? ? ? ? ? ? ? ? Arcimboldo  ? ? ? .         5 
# 
_cell.angle_alpha                  90.000 
_cell.angle_alpha_esd              ? 
_cell.angle_beta                   90.000 
_cell.angle_beta_esd               ? 
_cell.angle_gamma                  120.000 
_cell.angle_gamma_esd              ? 
_cell.entry_id                     6SHW 
_cell.details                      ? 
_cell.formula_units_Z              ? 
_cell.length_a                     77.331 
_cell.length_a_esd                 ? 
_cell.length_b                     77.331 
_cell.length_b_esd                 ? 
_cell.length_c                     48.054 
_cell.length_c_esd                 ? 
_cell.volume                       ? 
_cell.volume_esd                   ? 
_cell.Z_PDB                        12 
_cell.reciprocal_angle_alpha       ? 
_cell.reciprocal_angle_beta        ? 
_cell.reciprocal_angle_gamma       ? 
_cell.reciprocal_angle_alpha_esd   ? 
_cell.reciprocal_angle_beta_esd    ? 
_cell.reciprocal_angle_gamma_esd   ? 
_cell.reciprocal_length_a          ? 
_cell.reciprocal_length_b          ? 
_cell.reciprocal_length_c          ? 
_cell.reciprocal_length_a_esd      ? 
_cell.reciprocal_length_b_esd      ? 
_cell.reciprocal_length_c_esd      ? 
_cell.pdbx_unique_axis             ? 
# 
_symmetry.entry_id                         6SHW 
_symmetry.cell_setting                     ? 
_symmetry.Int_Tables_number                182 
_symmetry.space_group_name_Hall            ? 
_symmetry.space_group_name_H-M             'P 63 2 2' 
_symmetry.pdbx_full_space_group_name_H-M   ? 
# 
_exptl.absorpt_coefficient_mu     ? 
_exptl.absorpt_correction_T_max   ? 
_exptl.absorpt_correction_T_min   ? 
_exptl.absorpt_correction_type    ? 
_exptl.absorpt_process_details    ? 
_exptl.entry_id                   6SHW 
_exptl.crystals_number            1 
_exptl.details                    ? 
_exptl.method                     'X-RAY DIFFRACTION' 
_exptl.method_details             ? 
# 
_exptl_crystal.colour                      ? 
_exptl_crystal.density_diffrn              ? 
_exptl_crystal.density_Matthews            3.82 
_exptl_crystal.density_method              ? 
_exptl_crystal.density_percent_sol         67.78 
_exptl_crystal.description                 ? 
_exptl_crystal.F_000                       ? 
_exptl_crystal.id                          1 
_exptl_crystal.preparation                 ? 
_exptl_crystal.size_max                    ? 
_exptl_crystal.size_mid                    ? 
_exptl_crystal.size_min                    ? 
_exptl_crystal.size_rad                    ? 
_exptl_crystal.colour_lustre               ? 
_exptl_crystal.colour_modifier             ? 
_exptl_crystal.colour_primary              ? 
_exptl_crystal.density_meas                ? 
_exptl_crystal.density_meas_esd            ? 
_exptl_crystal.density_meas_gt             ? 
_exptl_crystal.density_meas_lt             ? 
_exptl_crystal.density_meas_temp           ? 
_exptl_crystal.density_meas_temp_esd       ? 
_exptl_crystal.density_meas_temp_gt        ? 
_exptl_crystal.density_meas_temp_lt        ? 
_exptl_crystal.pdbx_crystal_image_url      ? 
_exptl_crystal.pdbx_crystal_image_format   ? 
_exptl_crystal.pdbx_mosaicity              ? 
_exptl_crystal.pdbx_mosaicity_esd          ? 
# 
_exptl_crystal_grow.apparatus       ? 
_exptl_crystal_grow.atmosphere      ? 
_exptl_crystal_grow.crystal_id      1 
_exptl_crystal_grow.details         ? 
_exptl_crystal_grow.method          'VAPOR DIFFUSION, SITTING DROP' 
_exptl_crystal_grow.method_ref      ? 
_exptl_crystal_grow.pH              ? 
_exptl_crystal_grow.pressure        ? 
_exptl_crystal_grow.pressure_esd    ? 
_exptl_crystal_grow.seeding         ? 
_exptl_crystal_grow.seeding_ref     ? 
_exptl_crystal_grow.temp            293 
_exptl_crystal_grow.temp_details    ? 
_exptl_crystal_grow.temp_esd        ? 
_exptl_crystal_grow.time            ? 
_exptl_crystal_grow.pdbx_details    '12% PEG 4K, 200 mM ammonium sulphate and 100 mM sodium acetate pH 4.6' 
_exptl_crystal_grow.pdbx_pH_range   ? 
# 
_diffrn.ambient_environment              ? 
_diffrn.ambient_temp                     100 
_diffrn.ambient_temp_details             ? 
_diffrn.ambient_temp_esd                 ? 
_diffrn.crystal_id                       1 
_diffrn.crystal_support                  ? 
_diffrn.crystal_treatment                ? 
_diffrn.details                          ? 
_diffrn.id                               1 
_diffrn.ambient_pressure                 ? 
_diffrn.ambient_pressure_esd             ? 
_diffrn.ambient_pressure_gt              ? 
_diffrn.ambient_pressure_lt              ? 
_diffrn.ambient_temp_gt                  ? 
_diffrn.ambient_temp_lt                  ? 
_diffrn.pdbx_serial_crystal_experiment   N 
# 
_diffrn_detector.details                      ? 
_diffrn_detector.detector                     CCD 
_diffrn_detector.diffrn_id                    1 
_diffrn_detector.type                         'MARMOSAIC 225 mm CCD' 
_diffrn_detector.area_resol_mean              ? 
_diffrn_detector.dtime                        ? 
_diffrn_detector.pdbx_frames_total            ? 
_diffrn_detector.pdbx_collection_time_total   ? 
_diffrn_detector.pdbx_collection_date         2011-09-29 
_diffrn_detector.pdbx_frequency               ? 
# 
_diffrn_radiation.collimation                      ? 
_diffrn_radiation.diffrn_id                        1 
_diffrn_radiation.filter_edge                      ? 
_diffrn_radiation.inhomogeneity                    ? 
_diffrn_radiation.monochromator                    ? 
_diffrn_radiation.polarisn_norm                    ? 
_diffrn_radiation.polarisn_ratio                   ? 
_diffrn_radiation.probe                            ? 
_diffrn_radiation.type                             ? 
_diffrn_radiation.xray_symbol                      ? 
_diffrn_radiation.wavelength_id                    1 
_diffrn_radiation.pdbx_monochromatic_or_laue_m_l   M 
_diffrn_radiation.pdbx_wavelength_list             ? 
_diffrn_radiation.pdbx_wavelength                  ? 
_diffrn_radiation.pdbx_diffrn_protocol             'SINGLE WAVELENGTH' 
_diffrn_radiation.pdbx_analyzer                    ? 
_diffrn_radiation.pdbx_scattering_type             x-ray 
# 
_diffrn_radiation_wavelength.id           1 
_diffrn_radiation_wavelength.wavelength   0.87260 
_diffrn_radiation_wavelength.wt           1.0 
# 
_diffrn_source.current                     ? 
_diffrn_source.details                     ? 
_diffrn_source.diffrn_id                   1 
_diffrn_source.power                       ? 
_diffrn_source.size                        ? 
_diffrn_source.source                      SYNCHROTRON 
_diffrn_source.target                      ? 
_diffrn_source.type                        'ESRF BEAMLINE ID23-2' 
_diffrn_source.voltage                     ? 
_diffrn_source.take-off_angle              ? 
_diffrn_source.pdbx_wavelength_list        0.87260 
_diffrn_source.pdbx_wavelength             ? 
_diffrn_source.pdbx_synchrotron_beamline   ID23-2 
_diffrn_source.pdbx_synchrotron_site       ESRF 
# 
_reflns.B_iso_Wilson_estimate            ? 
_reflns.entry_id                         6SHW 
_reflns.data_reduction_details           ? 
_reflns.data_reduction_method            ? 
_reflns.d_resolution_high                2.0 
_reflns.d_resolution_low                 39.05 
_reflns.details                          ? 
_reflns.limit_h_max                      ? 
_reflns.limit_h_min                      ? 
_reflns.limit_k_max                      ? 
_reflns.limit_k_min                      ? 
_reflns.limit_l_max                      ? 
_reflns.limit_l_min                      ? 
_reflns.number_all                       ? 
_reflns.number_obs                       6029 
_reflns.observed_criterion               ? 
_reflns.observed_criterion_F_max         ? 
_reflns.observed_criterion_F_min         ? 
_reflns.observed_criterion_I_max         ? 
_reflns.observed_criterion_I_min         ? 
_reflns.observed_criterion_sigma_F       ? 
_reflns.observed_criterion_sigma_I       ? 
_reflns.percent_possible_obs             98.53 
_reflns.R_free_details                   ? 
_reflns.Rmerge_F_all                     ? 
_reflns.Rmerge_F_obs                     ? 
_reflns.Friedel_coverage                 ? 
_reflns.number_gt                        ? 
_reflns.threshold_expression             ? 
_reflns.pdbx_redundancy                  19.4 
_reflns.pdbx_Rmerge_I_obs                0.0695 
_reflns.pdbx_Rmerge_I_all                ? 
_reflns.pdbx_Rsym_value                  0.01594 
_reflns.pdbx_netI_over_av_sigmaI         ? 
_reflns.pdbx_netI_over_sigmaI            34.49 
_reflns.pdbx_res_netI_over_av_sigmaI_2   ? 
_reflns.pdbx_res_netI_over_sigmaI_2      ? 
_reflns.pdbx_chi_squared                 ? 
_reflns.pdbx_scaling_rejects             ? 
_reflns.pdbx_d_res_high_opt              ? 
_reflns.pdbx_d_res_low_opt               ? 
_reflns.pdbx_d_res_opt_method            ? 
_reflns.phase_calculation_details        ? 
_reflns.pdbx_Rrim_I_all                  ? 
_reflns.pdbx_Rpim_I_all                  ? 
_reflns.pdbx_d_opt                       ? 
_reflns.pdbx_number_measured_all         ? 
_reflns.pdbx_diffrn_id                   1 
_reflns.pdbx_ordinal                     1 
_reflns.pdbx_CC_half                     1 
_reflns.pdbx_R_split                     ? 
# 
_reflns_shell.d_res_high                  2.0 
_reflns_shell.d_res_low                   2.07 
_reflns_shell.meanI_over_sigI_all         ? 
_reflns_shell.meanI_over_sigI_obs         ? 
_reflns_shell.number_measured_all         ? 
_reflns_shell.number_measured_obs         ? 
_reflns_shell.number_possible             ? 
_reflns_shell.number_unique_all           ? 
_reflns_shell.number_unique_obs           526 
_reflns_shell.percent_possible_all        88.51 
_reflns_shell.percent_possible_obs        ? 
_reflns_shell.Rmerge_F_all                ? 
_reflns_shell.Rmerge_F_obs                ? 
_reflns_shell.Rmerge_I_all                ? 
_reflns_shell.Rmerge_I_obs                ? 
_reflns_shell.meanI_over_sigI_gt          ? 
_reflns_shell.meanI_over_uI_all           ? 
_reflns_shell.meanI_over_uI_gt            ? 
_reflns_shell.number_measured_gt          ? 
_reflns_shell.number_unique_gt            ? 
_reflns_shell.percent_possible_gt         ? 
_reflns_shell.Rmerge_F_gt                 ? 
_reflns_shell.Rmerge_I_gt                 ? 
_reflns_shell.pdbx_redundancy             ? 
_reflns_shell.pdbx_Rsym_value             ? 
_reflns_shell.pdbx_chi_squared            ? 
_reflns_shell.pdbx_netI_over_sigmaI_all   ? 
_reflns_shell.pdbx_netI_over_sigmaI_obs   ? 
_reflns_shell.pdbx_Rrim_I_all             ? 
_reflns_shell.pdbx_Rpim_I_all             ? 
_reflns_shell.pdbx_rejects                ? 
_reflns_shell.pdbx_ordinal                1 
_reflns_shell.pdbx_diffrn_id              1 
_reflns_shell.pdbx_CC_half                0.874 
_reflns_shell.pdbx_R_split                ? 
# 
_refine.aniso_B[1][1]                            ? 
_refine.aniso_B[1][2]                            ? 
_refine.aniso_B[1][3]                            ? 
_refine.aniso_B[2][2]                            ? 
_refine.aniso_B[2][3]                            ? 
_refine.aniso_B[3][3]                            ? 
_refine.B_iso_max                                92.390 
_refine.B_iso_mean                               42.8658 
_refine.B_iso_min                                23.750 
_refine.correlation_coeff_Fo_to_Fc               ? 
_refine.correlation_coeff_Fo_to_Fc_free          ? 
_refine.details                                  ? 
_refine.diff_density_max                         ? 
_refine.diff_density_max_esd                     ? 
_refine.diff_density_min                         ? 
_refine.diff_density_min_esd                     ? 
_refine.diff_density_rms                         ? 
_refine.diff_density_rms_esd                     ? 
_refine.entry_id                                 6SHW 
_refine.pdbx_refine_id                           'X-RAY DIFFRACTION' 
_refine.ls_abs_structure_details                 ? 
_refine.ls_abs_structure_Flack                   ? 
_refine.ls_abs_structure_Flack_esd               ? 
_refine.ls_abs_structure_Rogers                  ? 
_refine.ls_abs_structure_Rogers_esd              ? 
_refine.ls_d_res_high                            2.0000 
_refine.ls_d_res_low                             39.0430 
_refine.ls_extinction_coef                       ? 
_refine.ls_extinction_coef_esd                   ? 
_refine.ls_extinction_expression                 ? 
_refine.ls_extinction_method                     ? 
_refine.ls_goodness_of_fit_all                   ? 
_refine.ls_goodness_of_fit_all_esd               ? 
_refine.ls_goodness_of_fit_obs                   ? 
_refine.ls_goodness_of_fit_obs_esd               ? 
_refine.ls_hydrogen_treatment                    ? 
_refine.ls_matrix_type                           ? 
_refine.ls_number_constraints                    ? 
_refine.ls_number_parameters                     ? 
_refine.ls_number_reflns_all                     ? 
_refine.ls_number_reflns_obs                     6020 
_refine.ls_number_reflns_R_free                  282 
_refine.ls_number_reflns_R_work                  ? 
_refine.ls_number_restraints                     ? 
_refine.ls_percent_reflns_obs                    98.5400 
_refine.ls_percent_reflns_R_free                 4.6800 
_refine.ls_R_factor_all                          ? 
_refine.ls_R_factor_obs                          0.1697 
_refine.ls_R_factor_R_free                       0.2206 
_refine.ls_R_factor_R_free_error                 ? 
_refine.ls_R_factor_R_free_error_details         ? 
_refine.ls_R_factor_R_work                       0.1672 
_refine.ls_R_Fsqd_factor_obs                     ? 
_refine.ls_R_I_factor_obs                        ? 
_refine.ls_redundancy_reflns_all                 ? 
_refine.ls_redundancy_reflns_obs                 ? 
_refine.ls_restrained_S_all                      ? 
_refine.ls_restrained_S_obs                      ? 
_refine.ls_shift_over_esd_max                    ? 
_refine.ls_shift_over_esd_mean                   ? 
_refine.ls_structure_factor_coef                 ? 
_refine.ls_weighting_details                     ? 
_refine.ls_weighting_scheme                      ? 
_refine.ls_wR_factor_all                         ? 
_refine.ls_wR_factor_obs                         ? 
_refine.ls_wR_factor_R_free                      ? 
_refine.ls_wR_factor_R_work                      ? 
_refine.occupancy_max                            ? 
_refine.occupancy_min                            ? 
_refine.solvent_model_details                    ? 
_refine.solvent_model_param_bsol                 ? 
_refine.solvent_model_param_ksol                 ? 
_refine.ls_R_factor_gt                           ? 
_refine.ls_goodness_of_fit_gt                    ? 
_refine.ls_goodness_of_fit_ref                   ? 
_refine.ls_shift_over_su_max                     ? 
_refine.ls_shift_over_su_max_lt                  ? 
_refine.ls_shift_over_su_mean                    ? 
_refine.ls_shift_over_su_mean_lt                 ? 
_refine.pdbx_ls_sigma_I                          ? 
_refine.pdbx_ls_sigma_F                          1.370 
_refine.pdbx_ls_sigma_Fsqd                       ? 
_refine.pdbx_data_cutoff_high_absF               ? 
_refine.pdbx_data_cutoff_high_rms_absF           ? 
_refine.pdbx_data_cutoff_low_absF                ? 
_refine.pdbx_isotropic_thermal_model             ? 
_refine.pdbx_ls_cross_valid_method               THROUGHOUT 
_refine.pdbx_method_to_determine_struct          'AB INITIO PHASING' 
_refine.pdbx_starting_model                      ? 
_refine.pdbx_stereochemistry_target_values       ? 
_refine.pdbx_R_Free_selection_details            ? 
_refine.pdbx_stereochem_target_val_spec_case     ? 
_refine.pdbx_overall_ESU_R                       ? 
_refine.pdbx_overall_ESU_R_Free                  ? 
_refine.pdbx_solvent_vdw_probe_radii             1.1100 
_refine.pdbx_solvent_ion_probe_radii             ? 
_refine.pdbx_solvent_shrinkage_radii             0.9000 
_refine.pdbx_real_space_R                        ? 
_refine.pdbx_density_correlation                 ? 
_refine.pdbx_pd_number_of_powder_patterns        ? 
_refine.pdbx_pd_number_of_points                 ? 
_refine.pdbx_pd_meas_number_of_points            ? 
_refine.pdbx_pd_proc_ls_prof_R_factor            ? 
_refine.pdbx_pd_proc_ls_prof_wR_factor           ? 
_refine.pdbx_pd_Marquardt_correlation_coeff      ? 
_refine.pdbx_pd_Fsqrd_R_factor                   ? 
_refine.pdbx_pd_ls_matrix_band_width             ? 
_refine.pdbx_overall_phase_error                 12.7300 
_refine.pdbx_overall_SU_R_free_Cruickshank_DPI   ? 
_refine.pdbx_overall_SU_R_free_Blow_DPI          ? 
_refine.pdbx_overall_SU_R_Blow_DPI               ? 
_refine.pdbx_TLS_residual_ADP_flag               ? 
_refine.pdbx_diffrn_id                           1 
_refine.overall_SU_B                             ? 
_refine.overall_SU_ML                            0.1800 
_refine.overall_SU_R_Cruickshank_DPI             ? 
_refine.overall_SU_R_free                        ? 
_refine.overall_FOM_free_R_set                   ? 
_refine.overall_FOM_work_R_set                   ? 
_refine.pdbx_average_fsc_overall                 ? 
_refine.pdbx_average_fsc_work                    ? 
_refine.pdbx_average_fsc_free                    ? 
# 
_refine_hist.pdbx_refine_id                   'X-RAY DIFFRACTION' 
_refine_hist.cycle_id                         final 
_refine_hist.details                          ? 
_refine_hist.d_res_high                       2.0000 
_refine_hist.d_res_low                        39.0430 
_refine_hist.number_atoms_solvent             22 
_refine_hist.number_atoms_total               406 
_refine_hist.number_reflns_all                ? 
_refine_hist.number_reflns_obs                ? 
_refine_hist.number_reflns_R_free             ? 
_refine_hist.number_reflns_R_work             ? 
_refine_hist.R_factor_all                     ? 
_refine_hist.R_factor_obs                     ? 
_refine_hist.R_factor_R_free                  ? 
_refine_hist.R_factor_R_work                  ? 
_refine_hist.pdbx_number_residues_total       48 
_refine_hist.pdbx_B_iso_mean_ligand           66.63 
_refine_hist.pdbx_B_iso_mean_solvent          57.20 
_refine_hist.pdbx_number_atoms_protein        379 
_refine_hist.pdbx_number_atoms_nucleic_acid   0 
_refine_hist.pdbx_number_atoms_ligand         5 
_refine_hist.pdbx_number_atoms_lipid          ? 
_refine_hist.pdbx_number_atoms_carb           ? 
_refine_hist.pdbx_pseudo_atom_details         ? 
# 
loop_
_refine_ls_shell.pdbx_refine_id 
_refine_ls_shell.d_res_high 
_refine_ls_shell.d_res_low 
_refine_ls_shell.number_reflns_all 
_refine_ls_shell.number_reflns_obs 
_refine_ls_shell.number_reflns_R_free 
_refine_ls_shell.number_reflns_R_work 
_refine_ls_shell.percent_reflns_obs 
_refine_ls_shell.percent_reflns_R_free 
_refine_ls_shell.R_factor_all 
_refine_ls_shell.R_factor_obs 
_refine_ls_shell.R_factor_R_free 
_refine_ls_shell.R_factor_R_free_error 
_refine_ls_shell.R_factor_R_work 
_refine_ls_shell.redundancy_reflns_all 
_refine_ls_shell.redundancy_reflns_obs 
_refine_ls_shell.wR_factor_all 
_refine_ls_shell.wR_factor_obs 
_refine_ls_shell.wR_factor_R_free 
_refine_ls_shell.wR_factor_R_work 
_refine_ls_shell.pdbx_total_number_of_bins_used 
_refine_ls_shell.pdbx_phase_error 
_refine_ls_shell.pdbx_fsc_work 
_refine_ls_shell.pdbx_fsc_free 
'X-RAY DIFFRACTION' 2.0000 2.5198 . . 130 2751 97.0000  . . . 0.2356 0.0000 0.1461 . . . . . . . . . . 
'X-RAY DIFFRACTION' 2.5198 39.04  . . 152 2987 100.0000 . . . 0.2172 0.0000 0.1728 . . . . . . . . . . 
# 
_struct.entry_id                     6SHW 
_struct.title                        'N-terminal domain of Drosophila X Virus VP3' 
_struct.pdbx_model_details           ? 
_struct.pdbx_formula_weight          ? 
_struct.pdbx_formula_weight_method   ? 
_struct.pdbx_model_type_details      ? 
_struct.pdbx_CASP_flag               N 
# 
_struct_keywords.entry_id        6SHW 
_struct_keywords.text            'Silencing suppressor, dsRNA binding protein, VIRAL PROTEIN' 
_struct_keywords.pdbx_keywords   'VIRAL PROTEIN' 
# 
loop_
_struct_asym.id 
_struct_asym.pdbx_blank_PDB_chainid_flag 
_struct_asym.pdbx_modified 
_struct_asym.entity_id 
_struct_asym.details 
A N N 1 ? 
B N N 2 ? 
C N N 3 ? 
# 
_struct_ref.id                         1 
_struct_ref.db_name                    UNP 
_struct_ref.db_code                    POLS_DXV96 
_struct_ref.pdbx_db_accession          Q96724 
_struct_ref.pdbx_db_isoform            ? 
_struct_ref.entity_id                  1 
_struct_ref.pdbx_seq_one_letter_code   
;ASMNPFMNTNPFLEELDQPIPSNAAKPISEETRDLFLSDGQTIPSSQEKIATIHEYLLEHKELEEAMFSLISQGRGRSLI
NMVVKSALNIETQSREVTGERRQRLERKLRNLENQGIYVDESKIMSRGRISKEDTELAMRIARKNQKDAKLRRIYSNNAS
IQESYTVDDFVSYWMEQESLPTGIQIAMWLKGDDWSQPIPPRVQRRHYDSYIMMLGPSPTQEQADAVKDLVDDIYDRNQG
KGPSQEQARELSHAVRRLISHSLVNQPATAPRVPPRRIVSAQTAQTDPPGRRAALDRLRRVRGEDNDIV
;
_struct_ref.pdbx_align_begin           724 
# 
_struct_ref_seq.align_id                      1 
_struct_ref_seq.ref_id                        1 
_struct_ref_seq.pdbx_PDB_id_code              6SHW 
_struct_ref_seq.pdbx_strand_id                A 
_struct_ref_seq.seq_align_beg                 1 
_struct_ref_seq.pdbx_seq_align_beg_ins_code   ? 
_struct_ref_seq.seq_align_end                 309 
_struct_ref_seq.pdbx_seq_align_end_ins_code   ? 
_struct_ref_seq.pdbx_db_accession             Q96724 
_struct_ref_seq.db_align_beg                  724 
_struct_ref_seq.pdbx_db_align_beg_ins_code    ? 
_struct_ref_seq.db_align_end                  1032 
_struct_ref_seq.pdbx_db_align_end_ins_code    ? 
_struct_ref_seq.pdbx_auth_seq_align_beg       1 
_struct_ref_seq.pdbx_auth_seq_align_end       309 
# 
_pdbx_struct_assembly.id                   1 
_pdbx_struct_assembly.details              software_defined_assembly 
_pdbx_struct_assembly.method_details       PISA 
_pdbx_struct_assembly.oligomeric_details   dimeric 
_pdbx_struct_assembly.oligomeric_count     2 
# 
loop_
_pdbx_struct_assembly_prop.biol_id 
_pdbx_struct_assembly_prop.type 
_pdbx_struct_assembly_prop.value 
_pdbx_struct_assembly_prop.details 
1 'ABSA (A^2)' 3820 ? 
1 MORE         -67  ? 
1 'SSA (A^2)'  5420 ? 
# 
_pdbx_struct_assembly_gen.assembly_id       1 
_pdbx_struct_assembly_gen.oper_expression   1,2 
_pdbx_struct_assembly_gen.asym_id_list      A,B,C 
# 
_pdbx_struct_assembly_auth_evidence.id                     1 
_pdbx_struct_assembly_auth_evidence.assembly_id            1 
_pdbx_struct_assembly_auth_evidence.experimental_support   'gel filtration' 
_pdbx_struct_assembly_auth_evidence.details                ? 
# 
loop_
_pdbx_struct_oper_list.id 
_pdbx_struct_oper_list.type 
_pdbx_struct_oper_list.name 
_pdbx_struct_oper_list.symmetry_operation 
_pdbx_struct_oper_list.matrix[1][1] 
_pdbx_struct_oper_list.matrix[1][2] 
_pdbx_struct_oper_list.matrix[1][3] 
_pdbx_struct_oper_list.vector[1] 
_pdbx_struct_oper_list.matrix[2][1] 
_pdbx_struct_oper_list.matrix[2][2] 
_pdbx_struct_oper_list.matrix[2][3] 
_pdbx_struct_oper_list.vector[2] 
_pdbx_struct_oper_list.matrix[3][1] 
_pdbx_struct_oper_list.matrix[3][2] 
_pdbx_struct_oper_list.matrix[3][3] 
_pdbx_struct_oper_list.vector[3] 
1 'identity operation'         1_555  x,y,z            1.0000000000  0.0000000000  0.0000000000 0.0000000000 0.0000000000  1.0000000000  0.0000000000  0.0000000000 0.0000000000 0.0000000000  1.0000000000 0.0000000000 
2 'crystal symmetry operation' 10_665 -y+1,-x+1,-z+1/2 -0.7129861973 -0.3906011374 0.5823069929 0.9404541416 -0.3906011374 -0.4684253959 -0.7924698101 1.6161252351 0.5823069929 -0.7924698101 0.1814115932 0.6205266976 
# 
loop_
_struct_conf.conf_type_id 
_struct_conf.id 
_struct_conf.pdbx_PDB_helix_id 
_struct_conf.beg_label_comp_id 
_struct_conf.beg_label_asym_id 
_struct_conf.beg_label_seq_id 
_struct_conf.pdbx_beg_PDB_ins_code 
_struct_conf.end_label_comp_id 
_struct_conf.end_label_asym_id 
_struct_conf.end_label_seq_id 
_struct_conf.pdbx_end_PDB_ins_code 
_struct_conf.beg_auth_comp_id 
_struct_conf.beg_auth_asym_id 
_struct_conf.beg_auth_seq_id 
_struct_conf.end_auth_comp_id 
_struct_conf.end_auth_asym_id 
_struct_conf.end_auth_seq_id 
_struct_conf.pdbx_PDB_helix_class 
_struct_conf.details 
_struct_conf.pdbx_PDB_helix_length 
HELX_P HELX_P1 AA1 SER A 45 ? HIS A 60 ? SER A 45 HIS A 60 1 ? 16 
HELX_P HELX_P2 AA2 HIS A 60 ? GLN A 73 ? HIS A 60 GLN A 73 1 ? 14 
HELX_P HELX_P3 AA3 ARG A 75 ? ASN A 89 ? ARG A 75 ASN A 89 1 ? 15 
# 
_struct_conf_type.id          HELX_P 
_struct_conf_type.criteria    ? 
_struct_conf_type.reference   ? 
# 
_struct_site.id                   AC1 
_struct_site.pdbx_evidence_code   Software 
_struct_site.pdbx_auth_asym_id    A 
_struct_site.pdbx_auth_comp_id    SO4 
_struct_site.pdbx_auth_seq_id     401 
_struct_site.pdbx_auth_ins_code   ? 
_struct_site.pdbx_num_residues    6 
_struct_site.details              'binding site for residue SO4 A 401' 
# 
loop_
_struct_site_gen.id 
_struct_site_gen.site_id 
_struct_site_gen.pdbx_num_res 
_struct_site_gen.label_comp_id 
_struct_site_gen.label_asym_id 
_struct_site_gen.label_seq_id 
_struct_site_gen.pdbx_auth_ins_code 
_struct_site_gen.auth_comp_id 
_struct_site_gen.auth_asym_id 
_struct_site_gen.auth_seq_id 
_struct_site_gen.label_atom_id 
_struct_site_gen.label_alt_id 
_struct_site_gen.symmetry 
_struct_site_gen.details 
1 AC1 6 SER A 45 ? SER A 45 . ? 10_665 ? 
2 AC1 6 SER A 46 ? SER A 46 . ? 10_665 ? 
3 AC1 6 LYS A 49 ? LYS A 49 . ? 10_665 ? 
4 AC1 6 LYS A 61 ? LYS A 61 . ? 1_555  ? 
5 AC1 6 GLU A 64 ? GLU A 64 . ? 1_555  ? 
6 AC1 6 GLU A 65 ? GLU A 65 . ? 1_555  ? 
# 
loop_
_pdbx_struct_special_symmetry.id 
_pdbx_struct_special_symmetry.PDB_model_num 
_pdbx_struct_special_symmetry.auth_asym_id 
_pdbx_struct_special_symmetry.auth_comp_id 
_pdbx_struct_special_symmetry.auth_seq_id 
_pdbx_struct_special_symmetry.PDB_ins_code 
_pdbx_struct_special_symmetry.label_asym_id 
_pdbx_struct_special_symmetry.label_comp_id 
_pdbx_struct_special_symmetry.label_seq_id 
1 1 A HOH 503 ? C HOH . 
2 1 A HOH 520 ? C HOH . 
# 
_pdbx_entry_details.entry_id                 6SHW 
_pdbx_entry_details.has_ligand_of_interest   N 
_pdbx_entry_details.compound_details         ? 
_pdbx_entry_details.source_details           ? 
_pdbx_entry_details.nonpolymer_details       ? 
_pdbx_entry_details.sequence_details         ? 
# 
loop_
_pdbx_unobs_or_zero_occ_residues.id 
_pdbx_unobs_or_zero_occ_residues.PDB_model_num 
_pdbx_unobs_or_zero_occ_residues.polymer_flag 
_pdbx_unobs_or_zero_occ_residues.occupancy_flag 
_pdbx_unobs_or_zero_occ_residues.auth_asym_id 
_pdbx_unobs_or_zero_occ_residues.auth_comp_id 
_pdbx_unobs_or_zero_occ_residues.auth_seq_id 
_pdbx_unobs_or_zero_occ_residues.PDB_ins_code 
_pdbx_unobs_or_zero_occ_residues.label_asym_id 
_pdbx_unobs_or_zero_occ_residues.label_comp_id 
_pdbx_unobs_or_zero_occ_residues.label_seq_id 
1   1 Y 1 A ALA 1   ? A ALA 1   
2   1 Y 1 A SER 2   ? A SER 2   
3   1 Y 1 A MET 3   ? A MET 3   
4   1 Y 1 A ASN 4   ? A ASN 4   
5   1 Y 1 A PRO 5   ? A PRO 5   
6   1 Y 1 A PHE 6   ? A PHE 6   
7   1 Y 1 A MET 7   ? A MET 7   
8   1 Y 1 A ASN 8   ? A ASN 8   
9   1 Y 1 A THR 9   ? A THR 9   
10  1 Y 1 A ASN 10  ? A ASN 10  
11  1 Y 1 A PRO 11  ? A PRO 11  
12  1 Y 1 A PHE 12  ? A PHE 12  
13  1 Y 1 A LEU 13  ? A LEU 13  
14  1 Y 1 A GLU 14  ? A GLU 14  
15  1 Y 1 A GLU 15  ? A GLU 15  
16  1 Y 1 A LEU 16  ? A LEU 16  
17  1 Y 1 A ASP 17  ? A ASP 17  
18  1 Y 1 A GLN 18  ? A GLN 18  
19  1 Y 1 A PRO 19  ? A PRO 19  
20  1 Y 1 A ILE 20  ? A ILE 20  
21  1 Y 1 A PRO 21  ? A PRO 21  
22  1 Y 1 A SER 22  ? A SER 22  
23  1 Y 1 A ASN 23  ? A ASN 23  
24  1 Y 1 A ALA 24  ? A ALA 24  
25  1 Y 1 A ALA 25  ? A ALA 25  
26  1 Y 1 A LYS 26  ? A LYS 26  
27  1 Y 1 A PRO 27  ? A PRO 27  
28  1 Y 1 A ILE 28  ? A ILE 28  
29  1 Y 1 A SER 29  ? A SER 29  
30  1 Y 1 A GLU 30  ? A GLU 30  
31  1 Y 1 A GLU 31  ? A GLU 31  
32  1 Y 1 A THR 32  ? A THR 32  
33  1 Y 1 A ARG 33  ? A ARG 33  
34  1 Y 1 A ASP 34  ? A ASP 34  
35  1 Y 1 A LEU 35  ? A LEU 35  
36  1 Y 1 A PHE 36  ? A PHE 36  
37  1 Y 1 A LEU 37  ? A LEU 37  
38  1 Y 1 A SER 38  ? A SER 38  
39  1 Y 1 A ASP 39  ? A ASP 39  
40  1 Y 1 A GLY 40  ? A GLY 40  
41  1 Y 1 A GLN 41  ? A GLN 41  
42  1 Y 1 A THR 42  ? A THR 42  
43  1 Y 1 A GLU 91  ? A GLU 91  
44  1 Y 1 A THR 92  ? A THR 92  
45  1 Y 1 A GLN 93  ? A GLN 93  
46  1 Y 1 A SER 94  ? A SER 94  
47  1 Y 1 A ARG 95  ? A ARG 95  
48  1 Y 1 A GLU 96  ? A GLU 96  
49  1 Y 1 A VAL 97  ? A VAL 97  
50  1 Y 1 A THR 98  ? A THR 98  
51  1 Y 1 A GLY 99  ? A GLY 99  
52  1 Y 1 A GLU 100 ? A GLU 100 
53  1 Y 1 A ARG 101 ? A ARG 101 
54  1 Y 1 A ARG 102 ? A ARG 102 
55  1 Y 1 A GLN 103 ? A GLN 103 
56  1 Y 1 A ARG 104 ? A ARG 104 
57  1 Y 1 A LEU 105 ? A LEU 105 
58  1 Y 1 A GLU 106 ? A GLU 106 
59  1 Y 1 A ARG 107 ? A ARG 107 
60  1 Y 1 A LYS 108 ? A LYS 108 
61  1 Y 1 A LEU 109 ? A LEU 109 
62  1 Y 1 A ARG 110 ? A ARG 110 
63  1 Y 1 A ASN 111 ? A ASN 111 
64  1 Y 1 A LEU 112 ? A LEU 112 
65  1 Y 1 A GLU 113 ? A GLU 113 
66  1 Y 1 A ASN 114 ? A ASN 114 
67  1 Y 1 A GLN 115 ? A GLN 115 
68  1 Y 1 A GLY 116 ? A GLY 116 
69  1 Y 1 A ILE 117 ? A ILE 117 
70  1 Y 1 A TYR 118 ? A TYR 118 
71  1 Y 1 A VAL 119 ? A VAL 119 
72  1 Y 1 A ASP 120 ? A ASP 120 
73  1 Y 1 A GLU 121 ? A GLU 121 
74  1 Y 1 A SER 122 ? A SER 122 
75  1 Y 1 A LYS 123 ? A LYS 123 
76  1 Y 1 A ILE 124 ? A ILE 124 
77  1 Y 1 A MET 125 ? A MET 125 
78  1 Y 1 A SER 126 ? A SER 126 
79  1 Y 1 A ARG 127 ? A ARG 127 
80  1 Y 1 A GLY 128 ? A GLY 128 
81  1 Y 1 A ARG 129 ? A ARG 129 
82  1 Y 1 A ILE 130 ? A ILE 130 
83  1 Y 1 A SER 131 ? A SER 131 
84  1 Y 1 A LYS 132 ? A LYS 132 
85  1 Y 1 A GLU 133 ? A GLU 133 
86  1 Y 1 A ASP 134 ? A ASP 134 
87  1 Y 1 A THR 135 ? A THR 135 
88  1 Y 1 A GLU 136 ? A GLU 136 
89  1 Y 1 A LEU 137 ? A LEU 137 
90  1 Y 1 A ALA 138 ? A ALA 138 
91  1 Y 1 A MET 139 ? A MET 139 
92  1 Y 1 A ARG 140 ? A ARG 140 
93  1 Y 1 A ILE 141 ? A ILE 141 
94  1 Y 1 A ALA 142 ? A ALA 142 
95  1 Y 1 A ARG 143 ? A ARG 143 
96  1 Y 1 A LYS 144 ? A LYS 144 
97  1 Y 1 A ASN 145 ? A ASN 145 
98  1 Y 1 A GLN 146 ? A GLN 146 
99  1 Y 1 A LYS 147 ? A LYS 147 
100 1 Y 1 A ASP 148 ? A ASP 148 
101 1 Y 1 A ALA 149 ? A ALA 149 
102 1 Y 1 A LYS 150 ? A LYS 150 
103 1 Y 1 A LEU 151 ? A LEU 151 
104 1 Y 1 A ARG 152 ? A ARG 152 
105 1 Y 1 A ARG 153 ? A ARG 153 
106 1 Y 1 A ILE 154 ? A ILE 154 
107 1 Y 1 A TYR 155 ? A TYR 155 
108 1 Y 1 A SER 156 ? A SER 156 
109 1 Y 1 A ASN 157 ? A ASN 157 
110 1 Y 1 A ASN 158 ? A ASN 158 
111 1 Y 1 A ALA 159 ? A ALA 159 
112 1 Y 1 A SER 160 ? A SER 160 
113 1 Y 1 A ILE 161 ? A ILE 161 
114 1 Y 1 A GLN 162 ? A GLN 162 
115 1 Y 1 A GLU 163 ? A GLU 163 
116 1 Y 1 A SER 164 ? A SER 164 
117 1 Y 1 A TYR 165 ? A TYR 165 
118 1 Y 1 A THR 166 ? A THR 166 
119 1 Y 1 A VAL 167 ? A VAL 167 
120 1 Y 1 A ASP 168 ? A ASP 168 
121 1 Y 1 A ASP 169 ? A ASP 169 
122 1 Y 1 A PHE 170 ? A PHE 170 
123 1 Y 1 A VAL 171 ? A VAL 171 
124 1 Y 1 A SER 172 ? A SER 172 
125 1 Y 1 A TYR 173 ? A TYR 173 
126 1 Y 1 A TRP 174 ? A TRP 174 
127 1 Y 1 A MET 175 ? A MET 175 
128 1 Y 1 A GLU 176 ? A GLU 176 
129 1 Y 1 A GLN 177 ? A GLN 177 
130 1 Y 1 A GLU 178 ? A GLU 178 
131 1 Y 1 A SER 179 ? A SER 179 
132 1 Y 1 A LEU 180 ? A LEU 180 
133 1 Y 1 A PRO 181 ? A PRO 181 
134 1 Y 1 A THR 182 ? A THR 182 
135 1 Y 1 A GLY 183 ? A GLY 183 
136 1 Y 1 A ILE 184 ? A ILE 184 
137 1 Y 1 A GLN 185 ? A GLN 185 
138 1 Y 1 A ILE 186 ? A ILE 186 
139 1 Y 1 A ALA 187 ? A ALA 187 
140 1 Y 1 A MET 188 ? A MET 188 
141 1 Y 1 A TRP 189 ? A TRP 189 
142 1 Y 1 A LEU 190 ? A LEU 190 
143 1 Y 1 A LYS 191 ? A LYS 191 
144 1 Y 1 A GLY 192 ? A GLY 192 
145 1 Y 1 A ASP 193 ? A ASP 193 
146 1 Y 1 A ASP 194 ? A ASP 194 
147 1 Y 1 A TRP 195 ? A TRP 195 
148 1 Y 1 A SER 196 ? A SER 196 
149 1 Y 1 A GLN 197 ? A GLN 197 
150 1 Y 1 A PRO 198 ? A PRO 198 
151 1 Y 1 A ILE 199 ? A ILE 199 
152 1 Y 1 A PRO 200 ? A PRO 200 
153 1 Y 1 A PRO 201 ? A PRO 201 
154 1 Y 1 A ARG 202 ? A ARG 202 
155 1 Y 1 A VAL 203 ? A VAL 203 
156 1 Y 1 A GLN 204 ? A GLN 204 
157 1 Y 1 A ARG 205 ? A ARG 205 
158 1 Y 1 A ARG 206 ? A ARG 206 
159 1 Y 1 A HIS 207 ? A HIS 207 
160 1 Y 1 A TYR 208 ? A TYR 208 
161 1 Y 1 A ASP 209 ? A ASP 209 
162 1 Y 1 A SER 210 ? A SER 210 
163 1 Y 1 A TYR 211 ? A TYR 211 
164 1 Y 1 A ILE 212 ? A ILE 212 
165 1 Y 1 A MET 213 ? A MET 213 
166 1 Y 1 A MET 214 ? A MET 214 
167 1 Y 1 A LEU 215 ? A LEU 215 
168 1 Y 1 A GLY 216 ? A GLY 216 
169 1 Y 1 A PRO 217 ? A PRO 217 
170 1 Y 1 A SER 218 ? A SER 218 
171 1 Y 1 A PRO 219 ? A PRO 219 
172 1 Y 1 A THR 220 ? A THR 220 
173 1 Y 1 A GLN 221 ? A GLN 221 
174 1 Y 1 A GLU 222 ? A GLU 222 
175 1 Y 1 A GLN 223 ? A GLN 223 
176 1 Y 1 A ALA 224 ? A ALA 224 
177 1 Y 1 A ASP 225 ? A ASP 225 
178 1 Y 1 A ALA 226 ? A ALA 226 
179 1 Y 1 A VAL 227 ? A VAL 227 
180 1 Y 1 A LYS 228 ? A LYS 228 
181 1 Y 1 A ASP 229 ? A ASP 229 
182 1 Y 1 A LEU 230 ? A LEU 230 
183 1 Y 1 A VAL 231 ? A VAL 231 
184 1 Y 1 A ASP 232 ? A ASP 232 
185 1 Y 1 A ASP 233 ? A ASP 233 
186 1 Y 1 A ILE 234 ? A ILE 234 
187 1 Y 1 A TYR 235 ? A TYR 235 
188 1 Y 1 A ASP 236 ? A ASP 236 
189 1 Y 1 A ARG 237 ? A ARG 237 
190 1 Y 1 A ASN 238 ? A ASN 238 
191 1 Y 1 A GLN 239 ? A GLN 239 
192 1 Y 1 A GLY 240 ? A GLY 240 
193 1 Y 1 A LYS 241 ? A LYS 241 
194 1 Y 1 A GLY 242 ? A GLY 242 
195 1 Y 1 A PRO 243 ? A PRO 243 
196 1 Y 1 A SER 244 ? A SER 244 
197 1 Y 1 A GLN 245 ? A GLN 245 
198 1 Y 1 A GLU 246 ? A GLU 246 
199 1 Y 1 A GLN 247 ? A GLN 247 
200 1 Y 1 A ALA 248 ? A ALA 248 
201 1 Y 1 A ARG 249 ? A ARG 249 
202 1 Y 1 A GLU 250 ? A GLU 250 
203 1 Y 1 A LEU 251 ? A LEU 251 
204 1 Y 1 A SER 252 ? A SER 252 
205 1 Y 1 A HIS 253 ? A HIS 253 
206 1 Y 1 A ALA 254 ? A ALA 254 
207 1 Y 1 A VAL 255 ? A VAL 255 
208 1 Y 1 A ARG 256 ? A ARG 256 
209 1 Y 1 A ARG 257 ? A ARG 257 
210 1 Y 1 A LEU 258 ? A LEU 258 
211 1 Y 1 A ILE 259 ? A ILE 259 
212 1 Y 1 A SER 260 ? A SER 260 
213 1 Y 1 A HIS 261 ? A HIS 261 
214 1 Y 1 A SER 262 ? A SER 262 
215 1 Y 1 A LEU 263 ? A LEU 263 
216 1 Y 1 A VAL 264 ? A VAL 264 
217 1 Y 1 A ASN 265 ? A ASN 265 
218 1 Y 1 A GLN 266 ? A GLN 266 
219 1 Y 1 A PRO 267 ? A PRO 267 
220 1 Y 1 A ALA 268 ? A ALA 268 
221 1 Y 1 A THR 269 ? A THR 269 
222 1 Y 1 A ALA 270 ? A ALA 270 
223 1 Y 1 A PRO 271 ? A PRO 271 
224 1 Y 1 A ARG 272 ? A ARG 272 
225 1 Y 1 A VAL 273 ? A VAL 273 
226 1 Y 1 A PRO 274 ? A PRO 274 
227 1 Y 1 A PRO 275 ? A PRO 275 
228 1 Y 1 A ARG 276 ? A ARG 276 
229 1 Y 1 A ARG 277 ? A ARG 277 
230 1 Y 1 A ILE 278 ? A ILE 278 
231 1 Y 1 A VAL 279 ? A VAL 279 
232 1 Y 1 A SER 280 ? A SER 280 
233 1 Y 1 A ALA 281 ? A ALA 281 
234 1 Y 1 A GLN 282 ? A GLN 282 
235 1 Y 1 A THR 283 ? A THR 283 
236 1 Y 1 A ALA 284 ? A ALA 284 
237 1 Y 1 A GLN 285 ? A GLN 285 
238 1 Y 1 A THR 286 ? A THR 286 
239 1 Y 1 A ASP 287 ? A ASP 287 
240 1 Y 1 A PRO 288 ? A PRO 288 
241 1 Y 1 A PRO 289 ? A PRO 289 
242 1 Y 1 A GLY 290 ? A GLY 290 
243 1 Y 1 A ARG 291 ? A ARG 291 
244 1 Y 1 A ARG 292 ? A ARG 292 
245 1 Y 1 A ALA 293 ? A ALA 293 
246 1 Y 1 A ALA 294 ? A ALA 294 
247 1 Y 1 A LEU 295 ? A LEU 295 
248 1 Y 1 A ASP 296 ? A ASP 296 
249 1 Y 1 A ARG 297 ? A ARG 297 
250 1 Y 1 A LEU 298 ? A LEU 298 
251 1 Y 1 A ARG 299 ? A ARG 299 
252 1 Y 1 A ARG 300 ? A ARG 300 
253 1 Y 1 A VAL 301 ? A VAL 301 
254 1 Y 1 A ARG 302 ? A ARG 302 
255 1 Y 1 A GLY 303 ? A GLY 303 
256 1 Y 1 A GLU 304 ? A GLU 304 
257 1 Y 1 A ASP 305 ? A ASP 305 
258 1 Y 1 A ASN 306 ? A ASN 306 
259 1 Y 1 A ASP 307 ? A ASP 307 
260 1 Y 1 A ILE 308 ? A ILE 308 
261 1 Y 1 A VAL 309 ? A VAL 309 
# 
loop_
_chem_comp_atom.comp_id 
_chem_comp_atom.atom_id 
_chem_comp_atom.type_symbol 
_chem_comp_atom.pdbx_aromatic_flag 
_chem_comp_atom.pdbx_stereo_config 
_chem_comp_atom.pdbx_ordinal 
ALA N    N N N 1   
ALA CA   C N S 2   
ALA C    C N N 3   
ALA O    O N N 4   
ALA CB   C N N 5   
ALA OXT  O N N 6   
ALA H    H N N 7   
ALA H2   H N N 8   
ALA HA   H N N 9   
ALA HB1  H N N 10  
ALA HB2  H N N 11  
ALA HB3  H N N 12  
ALA HXT  H N N 13  
ARG N    N N N 14  
ARG CA   C N S 15  
ARG C    C N N 16  
ARG O    O N N 17  
ARG CB   C N N 18  
ARG CG   C N N 19  
ARG CD   C N N 20  
ARG NE   N N N 21  
ARG CZ   C N N 22  
ARG NH1  N N N 23  
ARG NH2  N N N 24  
ARG OXT  O N N 25  
ARG H    H N N 26  
ARG H2   H N N 27  
ARG HA   H N N 28  
ARG HB2  H N N 29  
ARG HB3  H N N 30  
ARG HG2  H N N 31  
ARG HG3  H N N 32  
ARG HD2  H N N 33  
ARG HD3  H N N 34  
ARG HE   H N N 35  
ARG HH11 H N N 36  
ARG HH12 H N N 37  
ARG HH21 H N N 38  
ARG HH22 H N N 39  
ARG HXT  H N N 40  
ASN N    N N N 41  
ASN CA   C N S 42  
ASN C    C N N 43  
ASN O    O N N 44  
ASN CB   C N N 45  
ASN CG   C N N 46  
ASN OD1  O N N 47  
ASN ND2  N N N 48  
ASN OXT  O N N 49  
ASN H    H N N 50  
ASN H2   H N N 51  
ASN HA   H N N 52  
ASN HB2  H N N 53  
ASN HB3  H N N 54  
ASN HD21 H N N 55  
ASN HD22 H N N 56  
ASN HXT  H N N 57  
ASP N    N N N 58  
ASP CA   C N S 59  
ASP C    C N N 60  
ASP O    O N N 61  
ASP CB   C N N 62  
ASP CG   C N N 63  
ASP OD1  O N N 64  
ASP OD2  O N N 65  
ASP OXT  O N N 66  
ASP H    H N N 67  
ASP H2   H N N 68  
ASP HA   H N N 69  
ASP HB2  H N N 70  
ASP HB3  H N N 71  
ASP HD2  H N N 72  
ASP HXT  H N N 73  
GLN N    N N N 74  
GLN CA   C N S 75  
GLN C    C N N 76  
GLN O    O N N 77  
GLN CB   C N N 78  
GLN CG   C N N 79  
GLN CD   C N N 80  
GLN OE1  O N N 81  
GLN NE2  N N N 82  
GLN OXT  O N N 83  
GLN H    H N N 84  
GLN H2   H N N 85  
GLN HA   H N N 86  
GLN HB2  H N N 87  
GLN HB3  H N N 88  
GLN HG2  H N N 89  
GLN HG3  H N N 90  
GLN HE21 H N N 91  
GLN HE22 H N N 92  
GLN HXT  H N N 93  
GLU N    N N N 94  
GLU CA   C N S 95  
GLU C    C N N 96  
GLU O    O N N 97  
GLU CB   C N N 98  
GLU CG   C N N 99  
GLU CD   C N N 100 
GLU OE1  O N N 101 
GLU OE2  O N N 102 
GLU OXT  O N N 103 
GLU H    H N N 104 
GLU H2   H N N 105 
GLU HA   H N N 106 
GLU HB2  H N N 107 
GLU HB3  H N N 108 
GLU HG2  H N N 109 
GLU HG3  H N N 110 
GLU HE2  H N N 111 
GLU HXT  H N N 112 
GLY N    N N N 113 
GLY CA   C N N 114 
GLY C    C N N 115 
GLY O    O N N 116 
GLY OXT  O N N 117 
GLY H    H N N 118 
GLY H2   H N N 119 
GLY HA2  H N N 120 
GLY HA3  H N N 121 
GLY HXT  H N N 122 
HIS N    N N N 123 
HIS CA   C N S 124 
HIS C    C N N 125 
HIS O    O N N 126 
HIS CB   C N N 127 
HIS CG   C Y N 128 
HIS ND1  N Y N 129 
HIS CD2  C Y N 130 
HIS CE1  C Y N 131 
HIS NE2  N Y N 132 
HIS OXT  O N N 133 
HIS H    H N N 134 
HIS H2   H N N 135 
HIS HA   H N N 136 
HIS HB2  H N N 137 
HIS HB3  H N N 138 
HIS HD1  H N N 139 
HIS HD2  H N N 140 
HIS HE1  H N N 141 
HIS HE2  H N N 142 
HIS HXT  H N N 143 
HOH O    O N N 144 
HOH H1   H N N 145 
HOH H2   H N N 146 
ILE N    N N N 147 
ILE CA   C N S 148 
ILE C    C N N 149 
ILE O    O N N 150 
ILE CB   C N S 151 
ILE CG1  C N N 152 
ILE CG2  C N N 153 
ILE CD1  C N N 154 
ILE OXT  O N N 155 
ILE H    H N N 156 
ILE H2   H N N 157 
ILE HA   H N N 158 
ILE HB   H N N 159 
ILE HG12 H N N 160 
ILE HG13 H N N 161 
ILE HG21 H N N 162 
ILE HG22 H N N 163 
ILE HG23 H N N 164 
ILE HD11 H N N 165 
ILE HD12 H N N 166 
ILE HD13 H N N 167 
ILE HXT  H N N 168 
LEU N    N N N 169 
LEU CA   C N S 170 
LEU C    C N N 171 
LEU O    O N N 172 
LEU CB   C N N 173 
LEU CG   C N N 174 
LEU CD1  C N N 175 
LEU CD2  C N N 176 
LEU OXT  O N N 177 
LEU H    H N N 178 
LEU H2   H N N 179 
LEU HA   H N N 180 
LEU HB2  H N N 181 
LEU HB3  H N N 182 
LEU HG   H N N 183 
LEU HD11 H N N 184 
LEU HD12 H N N 185 
LEU HD13 H N N 186 
LEU HD21 H N N 187 
LEU HD22 H N N 188 
LEU HD23 H N N 189 
LEU HXT  H N N 190 
LYS N    N N N 191 
LYS CA   C N S 192 
LYS C    C N N 193 
LYS O    O N N 194 
LYS CB   C N N 195 
LYS CG   C N N 196 
LYS CD   C N N 197 
LYS CE   C N N 198 
LYS NZ   N N N 199 
LYS OXT  O N N 200 
LYS H    H N N 201 
LYS H2   H N N 202 
LYS HA   H N N 203 
LYS HB2  H N N 204 
LYS HB3  H N N 205 
LYS HG2  H N N 206 
LYS HG3  H N N 207 
LYS HD2  H N N 208 
LYS HD3  H N N 209 
LYS HE2  H N N 210 
LYS HE3  H N N 211 
LYS HZ1  H N N 212 
LYS HZ2  H N N 213 
LYS HZ3  H N N 214 
LYS HXT  H N N 215 
MET N    N N N 216 
MET CA   C N S 217 
MET C    C N N 218 
MET O    O N N 219 
MET CB   C N N 220 
MET CG   C N N 221 
MET SD   S N N 222 
MET CE   C N N 223 
MET OXT  O N N 224 
MET H    H N N 225 
MET H2   H N N 226 
MET HA   H N N 227 
MET HB2  H N N 228 
MET HB3  H N N 229 
MET HG2  H N N 230 
MET HG3  H N N 231 
MET HE1  H N N 232 
MET HE2  H N N 233 
MET HE3  H N N 234 
MET HXT  H N N 235 
PHE N    N N N 236 
PHE CA   C N S 237 
PHE C    C N N 238 
PHE O    O N N 239 
PHE CB   C N N 240 
PHE CG   C Y N 241 
PHE CD1  C Y N 242 
PHE CD2  C Y N 243 
PHE CE1  C Y N 244 
PHE CE2  C Y N 245 
PHE CZ   C Y N 246 
PHE OXT  O N N 247 
PHE H    H N N 248 
PHE H2   H N N 249 
PHE HA   H N N 250 
PHE HB2  H N N 251 
PHE HB3  H N N 252 
PHE HD1  H N N 253 
PHE HD2  H N N 254 
PHE HE1  H N N 255 
PHE HE2  H N N 256 
PHE HZ   H N N 257 
PHE HXT  H N N 258 
PRO N    N N N 259 
PRO CA   C N S 260 
PRO C    C N N 261 
PRO O    O N N 262 
PRO CB   C N N 263 
PRO CG   C N N 264 
PRO CD   C N N 265 
PRO OXT  O N N 266 
PRO H    H N N 267 
PRO HA   H N N 268 
PRO HB2  H N N 269 
PRO HB3  H N N 270 
PRO HG2  H N N 271 
PRO HG3  H N N 272 
PRO HD2  H N N 273 
PRO HD3  H N N 274 
PRO HXT  H N N 275 
SER N    N N N 276 
SER CA   C N S 277 
SER C    C N N 278 
SER O    O N N 279 
SER CB   C N N 280 
SER OG   O N N 281 
SER OXT  O N N 282 
SER H    H N N 283 
SER H2   H N N 284 
SER HA   H N N 285 
SER HB2  H N N 286 
SER HB3  H N N 287 
SER HG   H N N 288 
SER HXT  H N N 289 
SO4 S    S N N 290 
SO4 O1   O N N 291 
SO4 O2   O N N 292 
SO4 O3   O N N 293 
SO4 O4   O N N 294 
THR N    N N N 295 
THR CA   C N S 296 
THR C    C N N 297 
THR O    O N N 298 
THR CB   C N R 299 
THR OG1  O N N 300 
THR CG2  C N N 301 
THR OXT  O N N 302 
THR H    H N N 303 
THR H2   H N N 304 
THR HA   H N N 305 
THR HB   H N N 306 
THR HG1  H N N 307 
THR HG21 H N N 308 
THR HG22 H N N 309 
THR HG23 H N N 310 
THR HXT  H N N 311 
TRP N    N N N 312 
TRP CA   C N S 313 
TRP C    C N N 314 
TRP O    O N N 315 
TRP CB   C N N 316 
TRP CG   C Y N 317 
TRP CD1  C Y N 318 
TRP CD2  C Y N 319 
TRP NE1  N Y N 320 
TRP CE2  C Y N 321 
TRP CE3  C Y N 322 
TRP CZ2  C Y N 323 
TRP CZ3  C Y N 324 
TRP CH2  C Y N 325 
TRP OXT  O N N 326 
TRP H    H N N 327 
TRP H2   H N N 328 
TRP HA   H N N 329 
TRP HB2  H N N 330 
TRP HB3  H N N 331 
TRP HD1  H N N 332 
TRP HE1  H N N 333 
TRP HE3  H N N 334 
TRP HZ2  H N N 335 
TRP HZ3  H N N 336 
TRP HH2  H N N 337 
TRP HXT  H N N 338 
TYR N    N N N 339 
TYR CA   C N S 340 
TYR C    C N N 341 
TYR O    O N N 342 
TYR CB   C N N 343 
TYR CG   C Y N 344 
TYR CD1  C Y N 345 
TYR CD2  C Y N 346 
TYR CE1  C Y N 347 
TYR CE2  C Y N 348 
TYR CZ   C Y N 349 
TYR OH   O N N 350 
TYR OXT  O N N 351 
TYR H    H N N 352 
TYR H2   H N N 353 
TYR HA   H N N 354 
TYR HB2  H N N 355 
TYR HB3  H N N 356 
TYR HD1  H N N 357 
TYR HD2  H N N 358 
TYR HE1  H N N 359 
TYR HE2  H N N 360 
TYR HH   H N N 361 
TYR HXT  H N N 362 
VAL N    N N N 363 
VAL CA   C N S 364 
VAL C    C N N 365 
VAL O    O N N 366 
VAL CB   C N N 367 
VAL CG1  C N N 368 
VAL CG2  C N N 369 
VAL OXT  O N N 370 
VAL H    H N N 371 
VAL H2   H N N 372 
VAL HA   H N N 373 
VAL HB   H N N 374 
VAL HG11 H N N 375 
VAL HG12 H N N 376 
VAL HG13 H N N 377 
VAL HG21 H N N 378 
VAL HG22 H N N 379 
VAL HG23 H N N 380 
VAL HXT  H N N 381 
# 
loop_
_chem_comp_bond.comp_id 
_chem_comp_bond.atom_id_1 
_chem_comp_bond.atom_id_2 
_chem_comp_bond.value_order 
_chem_comp_bond.pdbx_aromatic_flag 
_chem_comp_bond.pdbx_stereo_config 
_chem_comp_bond.pdbx_ordinal 
ALA N   CA   sing N N 1   
ALA N   H    sing N N 2   
ALA N   H2   sing N N 3   
ALA CA  C    sing N N 4   
ALA CA  CB   sing N N 5   
ALA CA  HA   sing N N 6   
ALA C   O    doub N N 7   
ALA C   OXT  sing N N 8   
ALA CB  HB1  sing N N 9   
ALA CB  HB2  sing N N 10  
ALA CB  HB3  sing N N 11  
ALA OXT HXT  sing N N 12  
ARG N   CA   sing N N 13  
ARG N   H    sing N N 14  
ARG N   H2   sing N N 15  
ARG CA  C    sing N N 16  
ARG CA  CB   sing N N 17  
ARG CA  HA   sing N N 18  
ARG C   O    doub N N 19  
ARG C   OXT  sing N N 20  
ARG CB  CG   sing N N 21  
ARG CB  HB2  sing N N 22  
ARG CB  HB3  sing N N 23  
ARG CG  CD   sing N N 24  
ARG CG  HG2  sing N N 25  
ARG CG  HG3  sing N N 26  
ARG CD  NE   sing N N 27  
ARG CD  HD2  sing N N 28  
ARG CD  HD3  sing N N 29  
ARG NE  CZ   sing N N 30  
ARG NE  HE   sing N N 31  
ARG CZ  NH1  sing N N 32  
ARG CZ  NH2  doub N N 33  
ARG NH1 HH11 sing N N 34  
ARG NH1 HH12 sing N N 35  
ARG NH2 HH21 sing N N 36  
ARG NH2 HH22 sing N N 37  
ARG OXT HXT  sing N N 38  
ASN N   CA   sing N N 39  
ASN N   H    sing N N 40  
ASN N   H2   sing N N 41  
ASN CA  C    sing N N 42  
ASN CA  CB   sing N N 43  
ASN CA  HA   sing N N 44  
ASN C   O    doub N N 45  
ASN C   OXT  sing N N 46  
ASN CB  CG   sing N N 47  
ASN CB  HB2  sing N N 48  
ASN CB  HB3  sing N N 49  
ASN CG  OD1  doub N N 50  
ASN CG  ND2  sing N N 51  
ASN ND2 HD21 sing N N 52  
ASN ND2 HD22 sing N N 53  
ASN OXT HXT  sing N N 54  
ASP N   CA   sing N N 55  
ASP N   H    sing N N 56  
ASP N   H2   sing N N 57  
ASP CA  C    sing N N 58  
ASP CA  CB   sing N N 59  
ASP CA  HA   sing N N 60  
ASP C   O    doub N N 61  
ASP C   OXT  sing N N 62  
ASP CB  CG   sing N N 63  
ASP CB  HB2  sing N N 64  
ASP CB  HB3  sing N N 65  
ASP CG  OD1  doub N N 66  
ASP CG  OD2  sing N N 67  
ASP OD2 HD2  sing N N 68  
ASP OXT HXT  sing N N 69  
GLN N   CA   sing N N 70  
GLN N   H    sing N N 71  
GLN N   H2   sing N N 72  
GLN CA  C    sing N N 73  
GLN CA  CB   sing N N 74  
GLN CA  HA   sing N N 75  
GLN C   O    doub N N 76  
GLN C   OXT  sing N N 77  
GLN CB  CG   sing N N 78  
GLN CB  HB2  sing N N 79  
GLN CB  HB3  sing N N 80  
GLN CG  CD   sing N N 81  
GLN CG  HG2  sing N N 82  
GLN CG  HG3  sing N N 83  
GLN CD  OE1  doub N N 84  
GLN CD  NE2  sing N N 85  
GLN NE2 HE21 sing N N 86  
GLN NE2 HE22 sing N N 87  
GLN OXT HXT  sing N N 88  
GLU N   CA   sing N N 89  
GLU N   H    sing N N 90  
GLU N   H2   sing N N 91  
GLU CA  C    sing N N 92  
GLU CA  CB   sing N N 93  
GLU CA  HA   sing N N 94  
GLU C   O    doub N N 95  
GLU C   OXT  sing N N 96  
GLU CB  CG   sing N N 97  
GLU CB  HB2  sing N N 98  
GLU CB  HB3  sing N N 99  
GLU CG  CD   sing N N 100 
GLU CG  HG2  sing N N 101 
GLU CG  HG3  sing N N 102 
GLU CD  OE1  doub N N 103 
GLU CD  OE2  sing N N 104 
GLU OE2 HE2  sing N N 105 
GLU OXT HXT  sing N N 106 
GLY N   CA   sing N N 107 
GLY N   H    sing N N 108 
GLY N   H2   sing N N 109 
GLY CA  C    sing N N 110 
GLY CA  HA2  sing N N 111 
GLY CA  HA3  sing N N 112 
GLY C   O    doub N N 113 
GLY C   OXT  sing N N 114 
GLY OXT HXT  sing N N 115 
HIS N   CA   sing N N 116 
HIS N   H    sing N N 117 
HIS N   H2   sing N N 118 
HIS CA  C    sing N N 119 
HIS CA  CB   sing N N 120 
HIS CA  HA   sing N N 121 
HIS C   O    doub N N 122 
HIS C   OXT  sing N N 123 
HIS CB  CG   sing N N 124 
HIS CB  HB2  sing N N 125 
HIS CB  HB3  sing N N 126 
HIS CG  ND1  sing Y N 127 
HIS CG  CD2  doub Y N 128 
HIS ND1 CE1  doub Y N 129 
HIS ND1 HD1  sing N N 130 
HIS CD2 NE2  sing Y N 131 
HIS CD2 HD2  sing N N 132 
HIS CE1 NE2  sing Y N 133 
HIS CE1 HE1  sing N N 134 
HIS NE2 HE2  sing N N 135 
HIS OXT HXT  sing N N 136 
HOH O   H1   sing N N 137 
HOH O   H2   sing N N 138 
ILE N   CA   sing N N 139 
ILE N   H    sing N N 140 
ILE N   H2   sing N N 141 
ILE CA  C    sing N N 142 
ILE CA  CB   sing N N 143 
ILE CA  HA   sing N N 144 
ILE C   O    doub N N 145 
ILE C   OXT  sing N N 146 
ILE CB  CG1  sing N N 147 
ILE CB  CG2  sing N N 148 
ILE CB  HB   sing N N 149 
ILE CG1 CD1  sing N N 150 
ILE CG1 HG12 sing N N 151 
ILE CG1 HG13 sing N N 152 
ILE CG2 HG21 sing N N 153 
ILE CG2 HG22 sing N N 154 
ILE CG2 HG23 sing N N 155 
ILE CD1 HD11 sing N N 156 
ILE CD1 HD12 sing N N 157 
ILE CD1 HD13 sing N N 158 
ILE OXT HXT  sing N N 159 
LEU N   CA   sing N N 160 
LEU N   H    sing N N 161 
LEU N   H2   sing N N 162 
LEU CA  C    sing N N 163 
LEU CA  CB   sing N N 164 
LEU CA  HA   sing N N 165 
LEU C   O    doub N N 166 
LEU C   OXT  sing N N 167 
LEU CB  CG   sing N N 168 
LEU CB  HB2  sing N N 169 
LEU CB  HB3  sing N N 170 
LEU CG  CD1  sing N N 171 
LEU CG  CD2  sing N N 172 
LEU CG  HG   sing N N 173 
LEU CD1 HD11 sing N N 174 
LEU CD1 HD12 sing N N 175 
LEU CD1 HD13 sing N N 176 
LEU CD2 HD21 sing N N 177 
LEU CD2 HD22 sing N N 178 
LEU CD2 HD23 sing N N 179 
LEU OXT HXT  sing N N 180 
LYS N   CA   sing N N 181 
LYS N   H    sing N N 182 
LYS N   H2   sing N N 183 
LYS CA  C    sing N N 184 
LYS CA  CB   sing N N 185 
LYS CA  HA   sing N N 186 
LYS C   O    doub N N 187 
LYS C   OXT  sing N N 188 
LYS CB  CG   sing N N 189 
LYS CB  HB2  sing N N 190 
LYS CB  HB3  sing N N 191 
LYS CG  CD   sing N N 192 
LYS CG  HG2  sing N N 193 
LYS CG  HG3  sing N N 194 
LYS CD  CE   sing N N 195 
LYS CD  HD2  sing N N 196 
LYS CD  HD3  sing N N 197 
LYS CE  NZ   sing N N 198 
LYS CE  HE2  sing N N 199 
LYS CE  HE3  sing N N 200 
LYS NZ  HZ1  sing N N 201 
LYS NZ  HZ2  sing N N 202 
LYS NZ  HZ3  sing N N 203 
LYS OXT HXT  sing N N 204 
MET N   CA   sing N N 205 
MET N   H    sing N N 206 
MET N   H2   sing N N 207 
MET CA  C    sing N N 208 
MET CA  CB   sing N N 209 
MET CA  HA   sing N N 210 
MET C   O    doub N N 211 
MET C   OXT  sing N N 212 
MET CB  CG   sing N N 213 
MET CB  HB2  sing N N 214 
MET CB  HB3  sing N N 215 
MET CG  SD   sing N N 216 
MET CG  HG2  sing N N 217 
MET CG  HG3  sing N N 218 
MET SD  CE   sing N N 219 
MET CE  HE1  sing N N 220 
MET CE  HE2  sing N N 221 
MET CE  HE3  sing N N 222 
MET OXT HXT  sing N N 223 
PHE N   CA   sing N N 224 
PHE N   H    sing N N 225 
PHE N   H2   sing N N 226 
PHE CA  C    sing N N 227 
PHE CA  CB   sing N N 228 
PHE CA  HA   sing N N 229 
PHE C   O    doub N N 230 
PHE C   OXT  sing N N 231 
PHE CB  CG   sing N N 232 
PHE CB  HB2  sing N N 233 
PHE CB  HB3  sing N N 234 
PHE CG  CD1  doub Y N 235 
PHE CG  CD2  sing Y N 236 
PHE CD1 CE1  sing Y N 237 
PHE CD1 HD1  sing N N 238 
PHE CD2 CE2  doub Y N 239 
PHE CD2 HD2  sing N N 240 
PHE CE1 CZ   doub Y N 241 
PHE CE1 HE1  sing N N 242 
PHE CE2 CZ   sing Y N 243 
PHE CE2 HE2  sing N N 244 
PHE CZ  HZ   sing N N 245 
PHE OXT HXT  sing N N 246 
PRO N   CA   sing N N 247 
PRO N   CD   sing N N 248 
PRO N   H    sing N N 249 
PRO CA  C    sing N N 250 
PRO CA  CB   sing N N 251 
PRO CA  HA   sing N N 252 
PRO C   O    doub N N 253 
PRO C   OXT  sing N N 254 
PRO CB  CG   sing N N 255 
PRO CB  HB2  sing N N 256 
PRO CB  HB3  sing N N 257 
PRO CG  CD   sing N N 258 
PRO CG  HG2  sing N N 259 
PRO CG  HG3  sing N N 260 
PRO CD  HD2  sing N N 261 
PRO CD  HD3  sing N N 262 
PRO OXT HXT  sing N N 263 
SER N   CA   sing N N 264 
SER N   H    sing N N 265 
SER N   H2   sing N N 266 
SER CA  C    sing N N 267 
SER CA  CB   sing N N 268 
SER CA  HA   sing N N 269 
SER C   O    doub N N 270 
SER C   OXT  sing N N 271 
SER CB  OG   sing N N 272 
SER CB  HB2  sing N N 273 
SER CB  HB3  sing N N 274 
SER OG  HG   sing N N 275 
SER OXT HXT  sing N N 276 
SO4 S   O1   doub N N 277 
SO4 S   O2   doub N N 278 
SO4 S   O3   sing N N 279 
SO4 S   O4   sing N N 280 
THR N   CA   sing N N 281 
THR N   H    sing N N 282 
THR N   H2   sing N N 283 
THR CA  C    sing N N 284 
THR CA  CB   sing N N 285 
THR CA  HA   sing N N 286 
THR C   O    doub N N 287 
THR C   OXT  sing N N 288 
THR CB  OG1  sing N N 289 
THR CB  CG2  sing N N 290 
THR CB  HB   sing N N 291 
THR OG1 HG1  sing N N 292 
THR CG2 HG21 sing N N 293 
THR CG2 HG22 sing N N 294 
THR CG2 HG23 sing N N 295 
THR OXT HXT  sing N N 296 
TRP N   CA   sing N N 297 
TRP N   H    sing N N 298 
TRP N   H2   sing N N 299 
TRP CA  C    sing N N 300 
TRP CA  CB   sing N N 301 
TRP CA  HA   sing N N 302 
TRP C   O    doub N N 303 
TRP C   OXT  sing N N 304 
TRP CB  CG   sing N N 305 
TRP CB  HB2  sing N N 306 
TRP CB  HB3  sing N N 307 
TRP CG  CD1  doub Y N 308 
TRP CG  CD2  sing Y N 309 
TRP CD1 NE1  sing Y N 310 
TRP CD1 HD1  sing N N 311 
TRP CD2 CE2  doub Y N 312 
TRP CD2 CE3  sing Y N 313 
TRP NE1 CE2  sing Y N 314 
TRP NE1 HE1  sing N N 315 
TRP CE2 CZ2  sing Y N 316 
TRP CE3 CZ3  doub Y N 317 
TRP CE3 HE3  sing N N 318 
TRP CZ2 CH2  doub Y N 319 
TRP CZ2 HZ2  sing N N 320 
TRP CZ3 CH2  sing Y N 321 
TRP CZ3 HZ3  sing N N 322 
TRP CH2 HH2  sing N N 323 
TRP OXT HXT  sing N N 324 
TYR N   CA   sing N N 325 
TYR N   H    sing N N 326 
TYR N   H2   sing N N 327 
TYR CA  C    sing N N 328 
TYR CA  CB   sing N N 329 
TYR CA  HA   sing N N 330 
TYR C   O    doub N N 331 
TYR C   OXT  sing N N 332 
TYR CB  CG   sing N N 333 
TYR CB  HB2  sing N N 334 
TYR CB  HB3  sing N N 335 
TYR CG  CD1  doub Y N 336 
TYR CG  CD2  sing Y N 337 
TYR CD1 CE1  sing Y N 338 
TYR CD1 HD1  sing N N 339 
TYR CD2 CE2  doub Y N 340 
TYR CD2 HD2  sing N N 341 
TYR CE1 CZ   doub Y N 342 
TYR CE1 HE1  sing N N 343 
TYR CE2 CZ   sing Y N 344 
TYR CE2 HE2  sing N N 345 
TYR CZ  OH   sing N N 346 
TYR OH  HH   sing N N 347 
TYR OXT HXT  sing N N 348 
VAL N   CA   sing N N 349 
VAL N   H    sing N N 350 
VAL N   H2   sing N N 351 
VAL CA  C    sing N N 352 
VAL CA  CB   sing N N 353 
VAL CA  HA   sing N N 354 
VAL C   O    doub N N 355 
VAL C   OXT  sing N N 356 
VAL CB  CG1  sing N N 357 
VAL CB  CG2  sing N N 358 
VAL CB  HB   sing N N 359 
VAL CG1 HG11 sing N N 360 
VAL CG1 HG12 sing N N 361 
VAL CG1 HG13 sing N N 362 
VAL CG2 HG21 sing N N 363 
VAL CG2 HG22 sing N N 364 
VAL CG2 HG23 sing N N 365 
VAL OXT HXT  sing N N 366 
# 
loop_
_pdbx_audit_support.funding_organization 
_pdbx_audit_support.country 
_pdbx_audit_support.grant_number 
_pdbx_audit_support.ordinal 
'Spanish Ministry of Science, Innovation, and Universities' Spain BIO2017-83906-P 1 
'Spanish Ministry of Science, Innovation, and Universities' Spain MDM-2014-0435   2 
# 
_atom_sites.entry_id                    6SHW 
_atom_sites.Cartn_transf_matrix[1][1]   ? 
_atom_sites.Cartn_transf_matrix[1][2]   ? 
_atom_sites.Cartn_transf_matrix[1][3]   ? 
_atom_sites.Cartn_transf_matrix[2][1]   ? 
_atom_sites.Cartn_transf_matrix[2][2]   ? 
_atom_sites.Cartn_transf_matrix[2][3]   ? 
_atom_sites.Cartn_transf_matrix[3][1]   ? 
_atom_sites.Cartn_transf_matrix[3][2]   ? 
_atom_sites.Cartn_transf_matrix[3][3]   ? 
_atom_sites.Cartn_transf_vector[1]      ? 
_atom_sites.Cartn_transf_vector[2]      ? 
_atom_sites.Cartn_transf_vector[3]      ? 
_atom_sites.fract_transf_matrix[1][1]   -0.00858983 
_atom_sites.fract_transf_matrix[1][2]   -0.00323563 
_atom_sites.fract_transf_matrix[1][3]   0.01177699 
_atom_sites.fract_transf_matrix[2][1]   -0.01424647 
_atom_sites.fract_transf_matrix[2][2]   0.00446229 
_atom_sites.fract_transf_matrix[2][3]   0.00030108 
_atom_sites.fract_transf_matrix[3][1]   -0.00576887 
_atom_sites.fract_transf_matrix[3][2]   -0.01780397 
_atom_sites.fract_transf_matrix[3][3]   -0.00909917 
_atom_sites.fract_transf_vector[1]      0.455870 
_atom_sites.fract_transf_vector[2]      0.550128 
_atom_sites.fract_transf_vector[3]      0.269923 
_atom_sites.solution_primary            ? 
_atom_sites.solution_secondary          ? 
_atom_sites.solution_hydrogens          ? 
_atom_sites.special_details             ? 
# 
loop_
_atom_type.symbol 
C 
N 
O 
S 
# 
loop_
_atom_site.group_PDB 
_atom_site.id 
_atom_site.type_symbol 
_atom_site.label_atom_id 
_atom_site.label_alt_id 
_atom_site.label_comp_id 
_atom_site.label_asym_id 
_atom_site.label_entity_id 
_atom_site.label_seq_id 
_atom_site.pdbx_PDB_ins_code 
_atom_site.Cartn_x 
_atom_site.Cartn_y 
_atom_site.Cartn_z 
_atom_site.occupancy 
_atom_site.B_iso_or_equiv 
_atom_site.pdbx_formal_charge 
_atom_site.auth_seq_id 
_atom_site.auth_comp_id 
_atom_site.auth_asym_id 
_atom_site.auth_atom_id 
_atom_site.pdbx_PDB_model_num 
ATOM   1   N N   . ILE A 1 43 ? -16.222 -9.245  -5.782  1.00 71.16 ? 43  ILE A N   1 
ATOM   2   C CA  . ILE A 1 43 ? -16.702 -8.436  -6.899  1.00 72.95 ? 43  ILE A CA  1 
ATOM   3   C C   . ILE A 1 43 ? -15.850 -7.207  -7.303  1.00 71.28 ? 43  ILE A C   1 
ATOM   4   O O   . ILE A 1 43 ? -15.808 -6.891  -8.493  1.00 72.86 ? 43  ILE A O   1 
ATOM   5   C CB  . ILE A 1 43 ? -18.162 -7.977  -6.643  1.00 80.73 ? 43  ILE A CB  1 
ATOM   6   C CG1 . ILE A 1 43 ? -18.385 -7.609  -5.174  1.00 84.20 ? 43  ILE A CG1 1 
ATOM   7   C CG2 . ILE A 1 43 ? -19.144 -9.052  -7.084  1.00 79.72 ? 43  ILE A CG2 1 
ATOM   8   C CD1 . ILE A 1 43 ? -19.808 -7.186  -4.866  1.00 84.66 ? 43  ILE A CD1 1 
ATOM   9   N N   . PRO A 1 44 ? -15.189 -6.511  -6.363  1.00 61.26 ? 44  PRO A N   1 
ATOM   10  C CA  . PRO A 1 44 ? -14.509 -5.263  -6.747  1.00 53.31 ? 44  PRO A CA  1 
ATOM   11  C C   . PRO A 1 44 ? -13.399 -5.504  -7.763  1.00 51.52 ? 44  PRO A C   1 
ATOM   12  O O   . PRO A 1 44 ? -12.631 -6.463  -7.661  1.00 58.80 ? 44  PRO A O   1 
ATOM   13  C CB  . PRO A 1 44 ? -13.947 -4.734  -5.421  1.00 52.35 ? 44  PRO A CB  1 
ATOM   14  C CG  . PRO A 1 44 ? -14.714 -5.426  -4.369  1.00 59.08 ? 44  PRO A CG  1 
ATOM   15  C CD  . PRO A 1 44 ? -14.993 -6.778  -4.927  1.00 58.08 ? 44  PRO A CD  1 
ATOM   16  N N   . SER A 1 45 ? -13.323 -4.616  -8.747  1.00 44.69 ? 45  SER A N   1 
ATOM   17  C CA  . SER A 1 45 ? -12.330 -4.696  -9.805  1.00 47.52 ? 45  SER A CA  1 
ATOM   18  C C   . SER A 1 45 ? -11.005 -4.091  -9.349  1.00 47.23 ? 45  SER A C   1 
ATOM   19  O O   . SER A 1 45 ? -10.909 -3.443  -8.304  1.00 44.95 ? 45  SER A O   1 
ATOM   20  C CB  . SER A 1 45 ? -12.828 -3.977  -11.056 1.00 45.68 ? 45  SER A CB  1 
ATOM   21  O OG  . SER A 1 45 ? -12.937 -2.583  -10.819 1.00 46.18 ? 45  SER A OG  1 
ATOM   22  N N   . SER A 1 46 ? -9.971  -4.299  -10.168 1.00 45.66 ? 46  SER A N   1 
ATOM   23  C CA  . SER A 1 46 ? -8.668  -3.714  -9.873  1.00 48.49 ? 46  SER A CA  1 
ATOM   24  C C   . SER A 1 46 ? -8.732  -2.194  -9.872  1.00 40.48 ? 46  SER A C   1 
ATOM   25  O O   . SER A 1 46 ? -8.085  -1.538  -9.047  1.00 36.38 ? 46  SER A O   1 
ATOM   26  C CB  . SER A 1 46 ? -7.631  -4.204  -10.885 1.00 52.59 ? 46  SER A CB  1 
ATOM   27  O OG  . SER A 1 46 ? -6.383  -3.557  -10.691 1.00 57.96 ? 46  SER A OG  1 
ATOM   28  N N   . GLN A 1 47 ? -9.508  -1.615  -10.790 1.00 38.99 ? 47  GLN A N   1 
ATOM   29  C CA  . GLN A 1 47 ? -9.634  -0.162  -10.846 1.00 42.76 ? 47  GLN A CA  1 
ATOM   30  C C   . GLN A 1 47 ? -10.289 0.381   -9.582  1.00 39.25 ? 47  GLN A C   1 
ATOM   31  O O   . GLN A 1 47 ? -9.896  1.439   -9.077  1.00 39.09 ? 47  GLN A O   1 
ATOM   32  C CB  . GLN A 1 47 ? -10.425 0.251   -12.089 1.00 45.17 ? 47  GLN A CB  1 
ATOM   33  C CG  . GLN A 1 47 ? -9.732  -0.045  -13.418 1.00 52.92 ? 47  GLN A CG  1 
ATOM   34  C CD  . GLN A 1 47 ? -9.717  -1.525  -13.768 1.00 64.85 ? 47  GLN A CD  1 
ATOM   35  O OE1 . GLN A 1 47 ? -10.690 -2.244  -13.529 1.00 55.00 ? 47  GLN A OE1 1 
ATOM   36  N NE2 . GLN A 1 47 ? -8.607  -1.991  -14.333 1.00 67.66 ? 47  GLN A NE2 1 
ATOM   37  N N   . GLU A 1 48 ? -11.283 -0.338  -9.051  1.00 38.76 ? 48  GLU A N   1 
ATOM   38  C CA  . GLU A 1 48 ? -11.924 0.089   -7.811  1.00 38.24 ? 48  GLU A CA  1 
ATOM   39  C C   . GLU A 1 48 ? -10.981 -0.055  -6.623  1.00 35.10 ? 48  GLU A C   1 
ATOM   40  O O   . GLU A 1 48 ? -10.964 0.802   -5.730  1.00 37.15 ? 48  GLU A O   1 
ATOM   41  C CB  . GLU A 1 48 ? -13.205 -0.713  -7.579  1.00 41.82 ? 48  GLU A CB  1 
ATOM   42  C CG  . GLU A 1 48 ? -14.318 -0.401  -8.565  1.00 51.27 ? 48  GLU A CG  1 
ATOM   43  C CD  . GLU A 1 48 ? -15.535 -1.286  -8.375  1.00 56.46 ? 48  GLU A CD  1 
ATOM   44  O OE1 . GLU A 1 48 ? -15.400 -2.523  -8.491  1.00 59.18 ? 48  GLU A OE1 1 
ATOM   45  O OE2 . GLU A 1 48 ? -16.629 -0.745  -8.110  1.00 63.67 ? 48  GLU A OE2 1 
ATOM   46  N N   . LYS A 1 49 ? -10.195 -1.134  -6.586  1.00 31.85 ? 49  LYS A N   1 
ATOM   47  C CA  . LYS A 1 49 ? -9.227  -1.299  -5.503  1.00 33.86 ? 49  LYS A CA  1 
ATOM   48  C C   . LYS A 1 49 ? -8.177  -0.195  -5.534  1.00 31.39 ? 49  LYS A C   1 
ATOM   49  O O   . LYS A 1 49 ? -7.862  0.401   -4.496  1.00 30.95 ? 49  LYS A O   1 
ATOM   50  C CB  . LYS A 1 49 ? -8.564  -2.676  -5.589  1.00 29.82 ? 49  LYS A CB  1 
ATOM   51  C CG  . LYS A 1 49 ? -9.518  -3.847  -5.385  1.00 33.51 ? 49  LYS A CG  1 
ATOM   52  C CD  . LYS A 1 49 ? -8.760  -5.168  -5.290  1.00 41.44 ? 49  LYS A CD  1 
ATOM   53  C CE  . LYS A 1 49 ? -9.637  -6.340  -5.703  1.00 49.50 ? 49  LYS A CE  1 
ATOM   54  N NZ  . LYS A 1 49 ? -9.398  -7.550  -4.864  1.00 52.54 ? 49  LYS A NZ  1 
ATOM   55  N N   . ILE A 1 50 ? -7.634  0.099   -6.718  1.00 32.82 ? 50  ILE A N   1 
ATOM   56  C CA  . ILE A 1 50 ? -6.636  1.160   -6.846  1.00 34.59 ? 50  ILE A CA  1 
ATOM   57  C C   . ILE A 1 50 ? -7.225  2.504   -6.437  1.00 35.39 ? 50  ILE A C   1 
ATOM   58  O O   . ILE A 1 50 ? -6.576  3.296   -5.740  1.00 30.65 ? 50  ILE A O   1 
ATOM   59  C CB  . ILE A 1 50 ? -6.088  1.203   -8.285  1.00 39.48 ? 50  ILE A CB  1 
ATOM   60  C CG1 . ILE A 1 50 ? -5.203  -0.013  -8.563  1.00 42.55 ? 50  ILE A CG1 1 
ATOM   61  C CG2 . ILE A 1 50 ? -5.313  2.493   -8.522  1.00 42.38 ? 50  ILE A CG2 1 
ATOM   62  C CD1 . ILE A 1 50 ? -3.812  0.099   -7.983  1.00 50.81 ? 50  ILE A CD1 1 
ATOM   63  N N   . ALA A 1 51 ? -8.459  2.788   -6.860  1.00 31.67 ? 51  ALA A N   1 
ATOM   64  C CA  . ALA A 1 51 ? -9.077  4.069   -6.532  1.00 31.47 ? 51  ALA A CA  1 
ATOM   65  C C   . ALA A 1 51 ? -9.332  4.193   -5.035  1.00 32.43 ? 51  ALA A C   1 
ATOM   66  O O   . ALA A 1 51 ? -9.185  5.278   -4.459  1.00 33.17 ? 51  ALA A O   1 
ATOM   67  C CB  . ALA A 1 51 ? -10.376 4.242   -7.317  1.00 31.52 ? 51  ALA A CB  1 
ATOM   68  N N   . THR A 1 52 ? -9.705  3.086   -4.388  1.00 31.18 ? 52  THR A N   1 
ATOM   69  C CA  . THR A 1 52 ? -9.900  3.085   -2.943  1.00 29.70 ? 52  THR A CA  1 
ATOM   70  C C   . THR A 1 52 ? -8.591  3.355   -2.208  1.00 30.71 ? 52  THR A C   1 
ATOM   71  O O   . THR A 1 52 ? -8.557  4.149   -1.261  1.00 31.83 ? 52  THR A O   1 
ATOM   72  C CB  . THR A 1 52 ? -10.499 1.744   -2.506  1.00 31.70 ? 52  THR A CB  1 
ATOM   73  O OG1 . THR A 1 52 ? -11.810 1.603   -3.068  1.00 37.75 ? 52  THR A OG1 1 
ATOM   74  C CG2 . THR A 1 52 ? -10.598 1.661   -0.990  1.00 35.40 ? 52  THR A CG2 1 
ATOM   75  N N   . ILE A 1 53 ? -7.508  2.756   -2.666  1.00 29.20 ? 53  ILE A N   1 
ATOM   76  C CA  . ILE A 1 53 ? -6.180  2.987   -2.045  1.00 29.92 ? 53  ILE A CA  1 
ATOM   77  C C   . ILE A 1 53 ? -5.766  4.441   -2.275  1.00 31.66 ? 53  ILE A C   1 
ATOM   78  O O   . ILE A 1 53 ? -5.227  4.987   -1.418  1.00 32.47 ? 53  ILE A O   1 
ATOM   79  C CB  . ILE A 1 53 ? -5.157  1.981   -2.585  1.00 24.59 ? 53  ILE A CB  1 
ATOM   80  C CG1 . ILE A 1 53 ? -5.512  0.545   -2.206  1.00 24.98 ? 53  ILE A CG1 1 
ATOM   81  C CG2 . ILE A 1 53 ? -3.752  2.352   -2.188  1.00 24.46 ? 53  ILE A CG2 1 
ATOM   82  C CD1 . ILE A 1 53 ? -4.800  -0.500  -2.955  1.00 24.48 ? 53  ILE A CD1 1 
ATOM   83  N N   . HIS A 1 54 ? -6.016  4.972   -3.452  1.00 27.11 ? 54  HIS A N   1 
ATOM   84  C CA  . HIS A 1 54 ? -5.632  6.359   -3.799  1.00 32.03 ? 54  HIS A CA  1 
ATOM   85  C C   . HIS A 1 54 ? -6.294  7.321   -2.815  1.00 40.22 ? 54  HIS A C   1 
ATOM   86  O O   . HIS A 1 54 ? -5.638  8.095   -2.244  1.00 33.87 ? 54  HIS A O   1 
ATOM   87  C CB  . HIS A 1 54 ? -5.900  6.604   -5.275  1.00 30.10 ? 54  HIS A CB  1 
ATOM   88  C CG  . HIS A 1 54 ? -5.464  7.918   -5.806  1.00 34.88 ? 54  HIS A CG  1 
ATOM   89  N ND1 . HIS A 1 54 ? -5.630  9.078   -5.144  1.00 51.33 ? 54  HIS A ND1 1 
ATOM   90  C CD2 . HIS A 1 54 ? -4.895  8.255   -6.959  1.00 40.66 ? 54  HIS A CD2 1 
ATOM   91  C CE1 . HIS A 1 54 ? -5.165  10.062  -5.846  1.00 42.70 ? 54  HIS A CE1 1 
ATOM   92  N NE2 . HIS A 1 54 ? -4.736  9.593   -6.947  1.00 49.15 ? 54  HIS A NE2 1 
ATOM   93  N N   . GLU A 1 55 ? -7.591  7.154   -2.586  1.00 35.78 ? 55  GLU A N   1 
ATOM   94  C CA  . GLU A 1 55 ? -8.310  7.998   -1.639  1.00 37.50 ? 55  GLU A CA  1 
ATOM   95  C C   . GLU A 1 55 ? -7.754  7.852   -0.219  1.00 38.43 ? 55  GLU A C   1 
ATOM   96  O O   . GLU A 1 55 ? -7.667  8.832   0.521   1.00 34.80 ? 55  GLU A O   1 
ATOM   97  C CB  . GLU A 1 55 ? -9.804  7.667   -1.655  1.00 30.00 ? 55  GLU A CB  1 
ATOM   98  C CG  . GLU A 1 55 ? -10.629 8.474   -0.665  1.00 30.00 ? 55  GLU A CG  1 
ATOM   99  C CD  . GLU A 1 55 ? -10.227 9.935   -0.625  1.00 30.00 ? 55  GLU A CD  1 
ATOM   100 O OE1 . GLU A 1 55 ? -10.512 10.604  0.390   1.00 30.00 ? 55  GLU A OE1 1 
ATOM   101 O OE2 . GLU A 1 55 ? -9.626  10.414  -1.610  1.00 30.00 ? 55  GLU A OE2 1 
ATOM   102 N N   . TYR A 1 56 ? -7.378  6.631   0.158   1.00 30.98 ? 56  TYR A N   1 
ATOM   103 C CA  . TYR A 1 56 ? -6.832  6.372   1.498   1.00 29.66 ? 56  TYR A CA  1 
ATOM   104 C C   . TYR A 1 56 ? -5.479  7.051   1.650   1.00 33.99 ? 56  TYR A C   1 
ATOM   105 O O   . TYR A 1 56 ? -5.240  7.600   2.663   1.00 37.66 ? 56  TYR A O   1 
ATOM   106 C CB  . TYR A 1 56 ? -6.759  4.879   1.786   1.00 30.48 ? 56  TYR A CB  1 
ATOM   107 C CG  . TYR A 1 56 ? -6.678  4.562   3.246   1.00 39.30 ? 56  TYR A CG  1 
ATOM   108 C CD1 . TYR A 1 56 ? -7.790  4.617   4.051   1.00 40.52 ? 56  TYR A CD1 1 
ATOM   109 C CD2 . TYR A 1 56 ? -5.480  4.234   3.821   1.00 34.83 ? 56  TYR A CD2 1 
ATOM   110 C CE1 . TYR A 1 56 ? -7.717  4.342   5.396   1.00 39.93 ? 56  TYR A CE1 1 
ATOM   111 C CE2 . TYR A 1 56 ? -5.385  3.947   5.157   1.00 35.42 ? 56  TYR A CE2 1 
ATOM   112 C CZ  . TYR A 1 56 ? -6.504  4.010   5.945   1.00 39.81 ? 56  TYR A CZ  1 
ATOM   113 O OH  . TYR A 1 56 ? -6.398  3.710   7.244   1.00 40.66 ? 56  TYR A OH  1 
ATOM   114 N N   . LEU A 1 57 ? -4.640  6.983   0.639   1.00 30.18 ? 57  LEU A N   1 
ATOM   115 C CA  . LEU A 1 57 ? -3.322  7.600   0.722   1.00 30.09 ? 57  LEU A CA  1 
ATOM   116 C C   . LEU A 1 57 ? -3.424  9.114   0.875   1.00 33.84 ? 57  LEU A C   1 
ATOM   117 O O   . LEU A 1 57 ? -2.638  9.726   1.608   1.00 37.70 ? 57  LEU A O   1 
ATOM   118 C CB  . LEU A 1 57 ? -2.496  7.238   -0.513  1.00 29.72 ? 57  LEU A CB  1 
ATOM   119 C CG  . LEU A 1 57 ? -2.103  5.761   -0.642  1.00 32.05 ? 57  LEU A CG  1 
ATOM   120 C CD1 . LEU A 1 57 ? -1.481  5.479   -2.001  1.00 31.44 ? 57  LEU A CD1 1 
ATOM   121 C CD2 . LEU A 1 57 ? -1.157  5.362   0.479   1.00 37.47 ? 57  LEU A CD2 1 
ATOM   122 N N   . LEU A 1 58 ? -4.394  9.708   0.173   1.00 31.03 ? 58  LEU A N   1 
ATOM   123 C CA  . LEU A 1 58 ? -4.616  11.179  0.222   1.00 37.86 ? 58  LEU A CA  1 
ATOM   124 C C   . LEU A 1 58 ? -5.071  11.576  1.631   1.00 38.43 ? 58  LEU A C   1 
ATOM   125 O O   . LEU A 1 58 ? -4.636  12.638  2.117   1.00 38.03 ? 58  LEU A O   1 
ATOM   126 C CB  . LEU A 1 58 ? -5.667  11.558  -0.826  1.00 37.35 ? 58  LEU A CB  1 
ATOM   127 C CG  . LEU A 1 58 ? -5.178  11.567  -2.273  1.00 31.21 ? 58  LEU A CG  1 
ATOM   128 C CD1 . LEU A 1 58 ? -6.311  11.916  -3.226  1.00 40.59 ? 58  LEU A CD1 1 
ATOM   129 C CD2 . LEU A 1 58 ? -4.016  12.532  -2.448  1.00 33.27 ? 58  LEU A CD2 1 
ATOM   130 N N   . GLU A 1 59 ? -5.855  10.746  2.288   1.00 35.15 ? 59  GLU A N   1 
ATOM   131 C CA  . GLU A 1 59 ? -6.360  11.034  3.634   1.00 43.51 ? 59  GLU A CA  1 
ATOM   132 C C   . GLU A 1 59 ? -5.320  10.712  4.693   1.00 43.69 ? 59  GLU A C   1 
ATOM   133 O O   . GLU A 1 59 ? -5.504  11.129  5.788   1.00 44.38 ? 59  GLU A O   1 
ATOM   134 C CB  . GLU A 1 59 ? -7.538  10.142  3.959   1.00 45.59 ? 59  GLU A CB  1 
ATOM   135 C CG  . GLU A 1 59 ? -8.773  10.489  3.202   1.00 54.75 ? 59  GLU A CG  1 
ATOM   136 C CD  . GLU A 1 59 ? -9.906  9.486   3.254   1.00 65.99 ? 59  GLU A CD  1 
ATOM   137 O OE1 . GLU A 1 59 ? -9.750  8.412   3.823   1.00 70.38 ? 59  GLU A OE1 1 
ATOM   138 O OE2 . GLU A 1 59 ? -10.919 9.780   2.679   1.00 63.04 ? 59  GLU A OE2 1 
ATOM   139 N N   . HIS A 1 60 ? -4.327  9.904   4.369   1.00 42.47 ? 60  HIS A N   1 
ATOM   140 C CA  . HIS A 1 60 ? -3.271  9.507   5.329   1.00 38.69 ? 60  HIS A CA  1 
ATOM   141 C C   . HIS A 1 60 ? -1.905  9.691   4.701   1.00 41.80 ? 60  HIS A C   1 
ATOM   142 O O   . HIS A 1 60 ? -1.336  8.740   4.299   1.00 37.59 ? 60  HIS A O   1 
ATOM   143 C CB  . HIS A 1 60 ? -3.482  8.085   5.813   1.00 35.90 ? 60  HIS A CB  1 
ATOM   144 C CG  . HIS A 1 60 ? -4.787  7.885   6.460   1.00 41.65 ? 60  HIS A CG  1 
ATOM   145 N ND1 . HIS A 1 60 ? -5.844  7.396   5.795   1.00 47.29 ? 60  HIS A ND1 1 
ATOM   146 C CD2 . HIS A 1 60 ? -5.215  8.158   7.690   1.00 41.11 ? 60  HIS A CD2 1 
ATOM   147 C CE1 . HIS A 1 60 ? -6.864  7.361   6.590   1.00 46.02 ? 60  HIS A CE1 1 
ATOM   148 N NE2 . HIS A 1 60 ? -6.504  7.817   7.735   1.00 44.74 ? 60  HIS A NE2 1 
ATOM   149 N N   . LYS A 1 61 ? -1.389  10.907  4.740   1.00 36.34 ? 61  LYS A N   1 
ATOM   150 C CA  . LYS A 1 61 ? -0.109  11.265  4.108   1.00 36.29 ? 61  LYS A CA  1 
ATOM   151 C C   . LYS A 1 61 ? 1.062   10.482  4.673   1.00 34.19 ? 61  LYS A C   1 
ATOM   152 O O   . LYS A 1 61 ? 1.949   10.250  3.940   1.00 34.94 ? 61  LYS A O   1 
ATOM   153 C CB  . LYS A 1 61 ? 0.114   12.769  4.161   1.00 35.90 ? 61  LYS A CB  1 
ATOM   154 C CG  . LYS A 1 61 ? -0.826  13.574  3.286   1.00 45.20 ? 61  LYS A CG  1 
ATOM   155 C CD  . LYS A 1 61 ? -0.900  13.068  1.877   1.00 46.90 ? 61  LYS A CD  1 
ATOM   156 C CE  . LYS A 1 61 ? -1.370  14.078  0.852   1.00 52.63 ? 61  LYS A CE  1 
ATOM   157 N NZ  . LYS A 1 61 ? -0.313  15.045  0.511   1.00 52.46 ? 61  LYS A NZ  1 
ATOM   158 N N   . GLU A 1 62 ? 1.034   10.142  5.947   1.00 29.33 ? 62  GLU A N   1 
ATOM   159 C CA  . GLU A 1 62 ? 2.102   9.343   6.570   1.00 39.51 ? 62  GLU A CA  1 
ATOM   160 C C   . GLU A 1 62 ? 2.262   8.044   5.781   1.00 34.96 ? 62  GLU A C   1 
ATOM   161 O O   . GLU A 1 62 ? 3.354   7.714   5.464   1.00 30.45 ? 62  GLU A O   1 
ATOM   162 C CB  . GLU A 1 62 ? 1.727   8.946   7.991   1.00 39.27 ? 62  GLU A CB  1 
ATOM   163 C CG  . GLU A 1 62 ? 1.776   10.075  8.958   1.00 50.92 ? 62  GLU A CG  1 
ATOM   164 C CD  . GLU A 1 62 ? 1.985   9.783   10.438  1.00 60.03 ? 62  GLU A CD  1 
ATOM   165 O OE1 . GLU A 1 62 ? 1.862   8.642   10.850  1.00 65.96 ? 62  GLU A OE1 1 
ATOM   166 O OE2 . GLU A 1 62 ? 2.241   10.711  11.162  1.00 52.89 ? 62  GLU A OE2 1 
ATOM   167 N N   . LEU A 1 63 ? 1.157   7.376   5.518   1.00 32.15 ? 63  LEU A N   1 
ATOM   168 C CA  . LEU A 1 63 ? 1.233   6.129   4.758   1.00 33.89 ? 63  LEU A CA  1 
ATOM   169 C C   . LEU A 1 63 ? 1.822   6.363   3.374   1.00 33.94 ? 63  LEU A C   1 
ATOM   170 O O   . LEU A 1 63 ? 2.694   5.607   2.926   1.00 31.59 ? 63  LEU A O   1 
ATOM   171 C CB  . LEU A 1 63 ? -0.154  5.493   4.644   1.00 31.24 ? 63  LEU A CB  1 
ATOM   172 C CG  . LEU A 1 63 ? -0.228  4.179   3.855   1.00 27.84 ? 63  LEU A CG  1 
ATOM   173 C CD1 . LEU A 1 63 ? 0.768   3.164   4.403   1.00 29.28 ? 63  LEU A CD1 1 
ATOM   174 C CD2 . LEU A 1 63 ? -1.639  3.613   3.871   1.00 29.09 ? 63  LEU A CD2 1 
ATOM   175 N N   . GLU A 1 64 ? 1.358   7.403   2.681   1.00 29.50 ? 64  GLU A N   1 
ATOM   176 C CA  . GLU A 1 64 ? 1.908   7.731   1.372   1.00 32.06 ? 64  GLU A CA  1 
ATOM   177 C C   . GLU A 1 64 ? 3.409   7.989   1.452   1.00 30.56 ? 64  GLU A C   1 
ATOM   178 O O   . GLU A 1 64 ? 4.182   7.466   0.640   1.00 28.51 ? 64  GLU A O   1 
ATOM   179 C CB  . GLU A 1 64 ? 1.181   8.947   0.796   1.00 32.44 ? 64  GLU A CB  1 
ATOM   180 C CG  . GLU A 1 64 ? 1.810   9.514   -0.463  1.00 30.56 ? 64  GLU A CG  1 
ATOM   181 C CD  . GLU A 1 64 ? 1.833   11.027  -0.461  1.00 39.07 ? 64  GLU A CD  1 
ATOM   182 O OE1 . GLU A 1 64 ? 0.941   11.637  -1.084  1.00 44.24 ? 64  GLU A OE1 1 
ATOM   183 O OE2 . GLU A 1 64 ? 2.746   11.607  0.168   1.00 48.40 ? 64  GLU A OE2 1 
ATOM   184 N N   . GLU A 1 65 ? 3.840   8.780   2.441   1.00 27.38 ? 65  GLU A N   1 
ATOM   185 C CA  . GLU A 1 65 ? 5.255   9.118   2.568   1.00 30.09 ? 65  GLU A CA  1 
ATOM   186 C C   . GLU A 1 65 ? 6.095   7.898   2.928   1.00 31.16 ? 65  GLU A C   1 
ATOM   187 O O   . GLU A 1 65 ? 7.202   7.725   2.405   1.00 30.15 ? 65  GLU A O   1 
ATOM   188 C CB  . GLU A 1 65 ? 5.437   10.230  3.610   1.00 32.43 ? 65  GLU A CB  1 
ATOM   189 C CG  . GLU A 1 65 ? 4.908   11.585  3.150   1.00 36.70 ? 65  GLU A CG  1 
ATOM   190 C CD  . GLU A 1 65 ? 4.530   12.511  4.303   1.00 43.23 ? 65  GLU A CD  1 
ATOM   191 O OE1 . GLU A 1 65 ? 4.420   12.036  5.451   1.00 53.71 ? 65  GLU A OE1 1 
ATOM   192 O OE2 . GLU A 1 65 ? 4.339   13.721  4.053   1.00 52.38 ? 65  GLU A OE2 1 
ATOM   193 N N   . ALA A 1 66 ? 5.582   7.036   3.809   1.00 29.51 ? 66  ALA A N   1 
ATOM   194 C CA  . ALA A 1 66 ? 6.334   5.848   4.197   1.00 27.42 ? 66  ALA A CA  1 
ATOM   195 C C   . ALA A 1 66 ? 6.468   4.867   3.036   1.00 31.45 ? 66  ALA A C   1 
ATOM   196 O O   . ALA A 1 66 ? 7.537   4.283   2.833   1.00 32.84 ? 66  ALA A O   1 
ATOM   197 C CB  . ALA A 1 66 ? 5.665   5.173   5.396   1.00 25.63 ? 66  ALA A CB  1 
ATOM   198 N N   . MET A 1 67 ? 5.391   4.671   2.271   1.00 28.53 ? 67  MET A N   1 
ATOM   199 C CA  . MET A 1 67 ? 5.440   3.769   1.120   1.00 25.60 ? 67  MET A CA  1 
ATOM   200 C C   . MET A 1 67 ? 6.412   4.283   0.065   1.00 28.98 ? 67  MET A C   1 
ATOM   201 O O   . MET A 1 67 ? 7.226   3.520   -0.467  1.00 34.83 ? 67  MET A O   1 
ATOM   202 C CB  . MET A 1 67 ? 4.044   3.612   0.522   1.00 23.75 ? 67  MET A CB  1 
ATOM   203 C CG  . MET A 1 67 ? 3.133   2.669   1.275   1.00 29.33 ? 67  MET A CG  1 
ATOM   204 S SD  . MET A 1 67 ? 1.558   2.521   0.417   1.00 38.19 ? 67  MET A SD  1 
ATOM   205 C CE  . MET A 1 67 ? 1.997   1.359   -0.878  1.00 34.34 ? 67  MET A CE  1 
ATOM   206 N N   . PHE A 1 68 ? 6.331   5.577   -0.255  1.00 28.63 ? 68  PHE A N   1 
ATOM   207 C CA  . PHE A 1 68 ? 7.254   6.148   -1.234  1.00 32.65 ? 68  PHE A CA  1 
ATOM   208 C C   . PHE A 1 68 ? 8.697   6.011   -0.772  1.00 33.23 ? 68  PHE A C   1 
ATOM   209 O O   . PHE A 1 68 ? 9.575   5.638   -1.561  1.00 39.73 ? 68  PHE A O   1 
ATOM   210 C CB  . PHE A 1 68 ? 6.914   7.615   -1.491  1.00 28.62 ? 68  PHE A CB  1 
ATOM   211 C CG  . PHE A 1 68 ? 7.854   8.283   -2.458  1.00 31.20 ? 68  PHE A CG  1 
ATOM   212 C CD1 . PHE A 1 68 ? 7.723   8.071   -3.820  1.00 33.06 ? 68  PHE A CD1 1 
ATOM   213 C CD2 . PHE A 1 68 ? 8.871   9.110   -2.006  1.00 34.49 ? 68  PHE A CD2 1 
ATOM   214 C CE1 . PHE A 1 68 ? 8.584   8.671   -4.719  1.00 34.56 ? 68  PHE A CE1 1 
ATOM   215 C CE2 . PHE A 1 68 ? 9.738   9.718   -2.901  1.00 36.90 ? 68  PHE A CE2 1 
ATOM   216 C CZ  . PHE A 1 68 ? 9.591   9.499   -4.260  1.00 38.49 ? 68  PHE A CZ  1 
ATOM   217 N N   . SER A 1 69 ? 8.963   6.301   0.502   1.00 34.46 ? 69  SER A N   1 
ATOM   218 C CA  . SER A 1 69 ? 10.314  6.156   1.034   1.00 36.73 ? 69  SER A CA  1 
ATOM   219 C C   . SER A 1 69 ? 10.821  4.726   0.873   1.00 34.90 ? 69  SER A C   1 
ATOM   220 O O   . SER A 1 69 ? 11.955  4.506   0.436   1.00 37.47 ? 69  SER A O   1 
ATOM   221 C CB  . SER A 1 69 ? 10.344  6.576   2.505   1.00 41.33 ? 69  SER A CB  1 
ATOM   222 O OG  . SER A 1 69 ? 11.593  6.274   3.100   1.00 44.63 ? 69  SER A OG  1 
ATOM   223 N N   . LEU A 1 70 ? 9.990   3.739   1.208   1.00 29.00 ? 70  LEU A N   1 
ATOM   224 C CA  . LEU A 1 70 ? 10.411  2.348   1.075   1.00 33.66 ? 70  LEU A CA  1 
ATOM   225 C C   . LEU A 1 70 ? 10.609  1.966   -0.391  1.00 35.72 ? 70  LEU A C   1 
ATOM   226 O O   . LEU A 1 70 ? 11.626  1.363   -0.747  1.00 38.92 ? 70  LEU A O   1 
ATOM   227 C CB  . LEU A 1 70 ? 9.390   1.429   1.744   1.00 33.57 ? 70  LEU A CB  1 
ATOM   228 C CG  . LEU A 1 70 ? 9.422   1.436   3.275   1.00 35.22 ? 70  LEU A CG  1 
ATOM   229 C CD1 . LEU A 1 70 ? 8.113   0.919   3.853   1.00 34.19 ? 70  LEU A CD1 1 
ATOM   230 C CD2 . LEU A 1 70 ? 10.600  0.620   3.789   1.00 37.06 ? 70  LEU A CD2 1 
ATOM   231 N N   . ILE A 1 71 ? 9.653   2.319   -1.252  1.00 35.92 ? 71  ILE A N   1 
ATOM   232 C CA  . ILE A 1 71 ? 9.751   1.963   -2.668  1.00 39.86 ? 71  ILE A CA  1 
ATOM   233 C C   . ILE A 1 71 ? 10.960  2.632   -3.310  1.00 44.91 ? 71  ILE A C   1 
ATOM   234 O O   . ILE A 1 71 ? 11.791  1.972   -3.947  1.00 44.75 ? 71  ILE A O   1 
ATOM   235 C CB  . ILE A 1 71 ? 8.448   2.333   -3.401  1.00 34.91 ? 71  ILE A CB  1 
ATOM   236 C CG1 . ILE A 1 71 ? 7.318   1.394   -2.983  1.00 33.69 ? 71  ILE A CG1 1 
ATOM   237 C CG2 . ILE A 1 71 ? 8.654   2.308   -4.910  1.00 37.71 ? 71  ILE A CG2 1 
ATOM   238 C CD1 . ILE A 1 71 ? 5.939   1.905   -3.345  1.00 30.44 ? 71  ILE A CD1 1 
ATOM   239 N N   . SER A 1 72 ? 11.081  3.951   -3.153  1.00 39.86 ? 72  SER A N   1 
ATOM   240 C CA  . SER A 1 72 ? 12.143  4.689   -3.829  1.00 48.75 ? 72  SER A CA  1 
ATOM   241 C C   . SER A 1 72 ? 13.532  4.322   -3.326  1.00 52.79 ? 72  SER A C   1 
ATOM   242 O O   . SER A 1 72 ? 14.514  4.549   -4.041  1.00 53.96 ? 72  SER A O   1 
ATOM   243 C CB  . SER A 1 72 ? 11.911  6.194   -3.679  1.00 49.16 ? 72  SER A CB  1 
ATOM   244 O OG  . SER A 1 72 ? 12.114  6.610   -2.343  1.00 53.38 ? 72  SER A OG  1 
ATOM   245 N N   . GLN A 1 73 ? 13.645  3.759   -2.124  1.00 49.14 ? 73  GLN A N   1 
ATOM   246 C CA  . GLN A 1 73 ? 14.932  3.343   -1.581  1.00 48.82 ? 73  GLN A CA  1 
ATOM   247 C C   . GLN A 1 73 ? 15.184  1.848   -1.757  1.00 51.85 ? 73  GLN A C   1 
ATOM   248 O O   . GLN A 1 73 ? 16.039  1.284   -1.065  1.00 53.67 ? 73  GLN A O   1 
ATOM   249 C CB  . GLN A 1 73 ? 15.036  3.734   -0.107  1.00 51.46 ? 73  GLN A CB  1 
ATOM   250 C CG  . GLN A 1 73 ? 14.966  5.237   0.123   1.00 62.22 ? 73  GLN A CG  1 
ATOM   251 C CD  . GLN A 1 73 ? 15.788  5.686   1.312   1.00 73.43 ? 73  GLN A CD  1 
ATOM   252 O OE1 . GLN A 1 73 ? 17.008  5.520   1.337   1.00 83.25 ? 73  GLN A OE1 1 
ATOM   253 N NE2 . GLN A 1 73 ? 15.125  6.261   2.309   1.00 74.41 ? 73  GLN A NE2 1 
ATOM   254 N N   . GLY A 1 74 ? 14.458  1.201   -2.667  1.00 50.08 ? 74  GLY A N   1 
ATOM   255 C CA  . GLY A 1 74 ? 14.729  -0.180  -3.010  1.00 50.83 ? 74  GLY A CA  1 
ATOM   256 C C   . GLY A 1 74 ? 14.270  -1.215  -2.008  1.00 48.40 ? 74  GLY A C   1 
ATOM   257 O O   . GLY A 1 74 ? 14.726  -2.358  -2.067  1.00 46.47 ? 74  GLY A O   1 
ATOM   258 N N   . ARG A 1 75 ? 13.374  -0.857  -1.087  1.00 44.50 ? 75  ARG A N   1 
ATOM   259 C CA  . ARG A 1 75 ? 12.871  -1.797  -0.094  1.00 41.36 ? 75  ARG A CA  1 
ATOM   260 C C   . ARG A 1 75 ? 11.435  -2.225  -0.368  1.00 41.44 ? 75  ARG A C   1 
ATOM   261 O O   . ARG A 1 75 ? 10.741  -2.679  0.549   1.00 39.60 ? 75  ARG A O   1 
ATOM   262 C CB  . ARG A 1 75 ? 12.984  -1.197  1.309   1.00 44.90 ? 75  ARG A CB  1 
ATOM   263 C CG  . ARG A 1 75 ? 14.396  -0.795  1.696   1.00 54.55 ? 75  ARG A CG  1 
ATOM   264 C CD  . ARG A 1 75 ? 14.788  -1.396  3.050   1.00 76.19 ? 75  ARG A CD  1 
ATOM   265 N NE  . ARG A 1 75 ? 13.918  -0.950  4.135   1.00 87.97 ? 75  ARG A NE  1 
ATOM   266 C CZ  . ARG A 1 75 ? 13.322  -1.773  4.996   1.00 92.39 ? 75  ARG A CZ  1 
ATOM   267 N NH1 . ARG A 1 75 ? 13.490  -3.090  4.886   1.00 90.69 ? 75  ARG A NH1 1 
ATOM   268 N NH2 . ARG A 1 75 ? 12.546  -1.288  5.959   1.00 92.09 ? 75  ARG A NH2 1 
ATOM   269 N N   . GLY A 1 76 ? 10.980  -2.104  -1.618  1.00 33.00 ? 76  GLY A N   1 
ATOM   270 C CA  . GLY A 1 76 ? 9.599   -2.427  -1.934  1.00 34.46 ? 76  GLY A CA  1 
ATOM   271 C C   . GLY A 1 76 ? 9.248   -3.889  -1.731  1.00 34.95 ? 76  GLY A C   1 
ATOM   272 O O   . GLY A 1 76 ? 8.101   -4.215  -1.411  1.00 36.30 ? 76  GLY A O   1 
ATOM   273 N N   . ARG A 1 77 ? 10.221  -4.789  -1.919  1.00 35.59 ? 77  ARG A N   1 
ATOM   274 C CA  . ARG A 1 77 ? 9.946   -6.209  -1.716  1.00 40.02 ? 77  ARG A CA  1 
ATOM   275 C C   . ARG A 1 77 ? 9.640   -6.499  -0.252  1.00 41.97 ? 77  ARG A C   1 
ATOM   276 O O   . ARG A 1 77 ? 8.738   -7.290  0.054   1.00 40.35 ? 77  ARG A O   1 
ATOM   277 C CB  . ARG A 1 77 ? 11.124  -7.052  -2.208  1.00 42.21 ? 77  ARG A CB  1 
ATOM   278 C CG  . ARG A 1 77 ? 11.071  -8.530  -1.816  1.00 46.69 ? 77  ARG A CG  1 
ATOM   279 C CD  . ARG A 1 77 ? 9.813   -9.233  -2.322  1.00 54.18 ? 77  ARG A CD  1 
ATOM   280 N NE  . ARG A 1 77 ? 9.531   -8.941  -3.726  1.00 55.74 ? 77  ARG A NE  1 
ATOM   281 C CZ  . ARG A 1 77 ? 8.433   -9.337  -4.362  1.00 61.75 ? 77  ARG A CZ  1 
ATOM   282 N NH1 . ARG A 1 77 ? 7.513   -10.044 -3.720  1.00 60.83 ? 77  ARG A NH1 1 
ATOM   283 N NH2 . ARG A 1 77 ? 8.254   -9.026  -5.639  1.00 56.93 ? 77  ARG A NH2 1 
ATOM   284 N N   . SER A 1 78 ? 10.369  -5.862  0.670   1.00 40.16 ? 78  SER A N   1 
ATOM   285 C CA  . SER A 1 78 ? 10.034  -5.998  2.083   1.00 36.53 ? 78  SER A CA  1 
ATOM   286 C C   . SER A 1 78 ? 8.663   -5.401  2.386   1.00 38.47 ? 78  SER A C   1 
ATOM   287 O O   . SER A 1 78 ? 7.931   -5.922  3.231   1.00 34.85 ? 78  SER A O   1 
ATOM   288 C CB  . SER A 1 78 ? 11.107  -5.345  2.955   1.00 43.53 ? 78  SER A CB  1 
ATOM   289 O OG  . SER A 1 78 ? 11.042  -3.930  2.887   1.00 52.35 ? 78  SER A OG  1 
ATOM   290 N N   . LEU A 1 79 ? 8.297   -4.316  1.696   1.00 34.28 ? 79  LEU A N   1 
ATOM   291 C CA  . LEU A 1 79 ? 6.967   -3.744  1.873   1.00 30.78 ? 79  LEU A CA  1 
ATOM   292 C C   . LEU A 1 79 ? 5.881   -4.716  1.419   1.00 33.29 ? 79  LEU A C   1 
ATOM   293 O O   . LEU A 1 79 ? 4.896   -4.930  2.132   1.00 31.30 ? 79  LEU A O   1 
ATOM   294 C CB  . LEU A 1 79 ? 6.862   -2.424  1.110   1.00 31.40 ? 79  LEU A CB  1 
ATOM   295 C CG  . LEU A 1 79 ? 5.473   -1.796  0.973   1.00 33.54 ? 79  LEU A CG  1 
ATOM   296 C CD1 . LEU A 1 79 ? 4.943   -1.348  2.330   1.00 30.21 ? 79  LEU A CD1 1 
ATOM   297 C CD2 . LEU A 1 79 ? 5.508   -0.616  -0.001  1.00 31.53 ? 79  LEU A CD2 1 
ATOM   298 N N   . ILE A 1 80 ? 6.047   -5.312  0.236   1.00 27.19 ? 80  ILE A N   1 
ATOM   299 C CA  . ILE A 1 80 ? 5.076   -6.284  -0.264  1.00 29.74 ? 80  ILE A CA  1 
ATOM   300 C C   . ILE A 1 80 ? 4.910   -7.430  0.731   1.00 34.68 ? 80  ILE A C   1 
ATOM   301 O O   . ILE A 1 80 ? 3.788   -7.778  1.121   1.00 33.70 ? 80  ILE A O   1 
ATOM   302 C CB  . ILE A 1 80 ? 5.501   -6.809  -1.647  1.00 31.22 ? 80  ILE A CB  1 
ATOM   303 C CG1 . ILE A 1 80 ? 5.495   -5.684  -2.683  1.00 35.60 ? 80  ILE A CG1 1 
ATOM   304 C CG2 . ILE A 1 80 ? 4.595   -7.964  -2.085  1.00 28.81 ? 80  ILE A CG2 1 
ATOM   305 C CD1 . ILE A 1 80 ? 6.227   -6.041  -3.963  1.00 37.77 ? 80  ILE A CD1 1 
ATOM   306 N N   . ASN A 1 81 ? 6.027   -8.028  1.148   1.00 36.64 ? 81  ASN A N   1 
ATOM   307 C CA  . ASN A 1 81 ? 5.965   -9.215  2.000   1.00 39.72 ? 81  ASN A CA  1 
ATOM   308 C C   . ASN A 1 81 ? 5.266   -8.912  3.313   1.00 33.80 ? 81  ASN A C   1 
ATOM   309 O O   . ASN A 1 81 ? 4.447   -9.707  3.792   1.00 33.97 ? 81  ASN A O   1 
ATOM   310 C CB  . ASN A 1 81 ? 7.374   -9.749  2.263   1.00 35.03 ? 81  ASN A CB  1 
ATOM   311 C CG  . ASN A 1 81 ? 7.999   -10.370 1.033   1.00 46.21 ? 81  ASN A CG  1 
ATOM   312 O OD1 . ASN A 1 81 ? 7.307   -10.695 0.070   1.00 48.95 ? 81  ASN A OD1 1 
ATOM   313 N ND2 . ASN A 1 81 ? 9.317   -10.543 1.058   1.00 46.67 ? 81  ASN A ND2 1 
ATOM   314 N N   . MET A 1 82 ? 5.569   -7.758  3.907   1.00 30.76 ? 82  MET A N   1 
ATOM   315 C CA  . MET A 1 82 ? 5.028   -7.406  5.212   1.00 34.79 ? 82  MET A CA  1 
ATOM   316 C C   . MET A 1 82 ? 3.528   -7.133  5.149   1.00 35.56 ? 82  MET A C   1 
ATOM   317 O O   . MET A 1 82 ? 2.778   -7.551  6.037   1.00 35.74 ? 82  MET A O   1 
ATOM   318 C CB  . MET A 1 82 ? 5.797   -6.196  5.752   1.00 41.66 ? 82  MET A CB  1 
ATOM   319 C CG  . MET A 1 82 ? 5.083   -5.347  6.768   1.00 48.21 ? 82  MET A CG  1 
ATOM   320 S SD  . MET A 1 82 ? 6.053   -3.871  7.182   1.00 52.67 ? 82  MET A SD  1 
ATOM   321 C CE  . MET A 1 82 ? 5.684   -2.792  5.811   1.00 49.45 ? 82  MET A CE  1 
ATOM   322 N N   . VAL A 1 83 ? 3.069   -6.443  4.102   1.00 29.74 ? 83  VAL A N   1 
ATOM   323 C CA  . VAL A 1 83 ? 1.651   -6.123  3.995   1.00 26.77 ? 83  VAL A CA  1 
ATOM   324 C C   . VAL A 1 83 ? 0.845   -7.364  3.617   1.00 29.31 ? 83  VAL A C   1 
ATOM   325 O O   . VAL A 1 83 ? -0.261  -7.581  4.128   1.00 29.62 ? 83  VAL A O   1 
ATOM   326 C CB  . VAL A 1 83 ? 1.446   -4.978  2.985   1.00 26.99 ? 83  VAL A CB  1 
ATOM   327 C CG1 . VAL A 1 83 ? -0.027  -4.732  2.746   1.00 26.94 ? 83  VAL A CG1 1 
ATOM   328 C CG2 . VAL A 1 83 ? 2.128   -3.706  3.491   1.00 23.77 ? 83  VAL A CG2 1 
ATOM   329 N N   . VAL A 1 84 ? 1.383   -8.196  2.722   1.00 27.20 ? 84  VAL A N   1 
ATOM   330 C CA  . VAL A 1 84 ? 0.690   -9.427  2.340   1.00 27.96 ? 84  VAL A CA  1 
ATOM   331 C C   . VAL A 1 84 ? 0.514   -10.336 3.550   1.00 33.91 ? 84  VAL A C   1 
ATOM   332 O O   . VAL A 1 84 ? -0.579  -10.865 3.794   1.00 32.14 ? 84  VAL A O   1 
ATOM   333 C CB  . VAL A 1 84 ? 1.443   -10.137 1.198   1.00 30.43 ? 84  VAL A CB  1 
ATOM   334 C CG1 . VAL A 1 84 ? 0.958   -11.595 1.046   1.00 27.45 ? 84  VAL A CG1 1 
ATOM   335 C CG2 . VAL A 1 84 ? 1.265   -9.375  -0.105  1.00 31.59 ? 84  VAL A CG2 1 
ATOM   336 N N   . LYS A 1 85 ? 1.576   -10.521 4.335   1.00 34.45 ? 85  LYS A N   1 
ATOM   337 C CA  . LYS A 1 85 ? 1.480   -11.372 5.518   1.00 33.50 ? 85  LYS A CA  1 
ATOM   338 C C   . LYS A 1 85 ? 0.440   -10.845 6.496   1.00 35.33 ? 85  LYS A C   1 
ATOM   339 O O   . LYS A 1 85 ? -0.363  -11.618 7.033   1.00 35.72 ? 85  LYS A O   1 
ATOM   340 C CB  . LYS A 1 85 ? 2.845   -11.484 6.199   1.00 37.54 ? 85  LYS A CB  1 
ATOM   341 C CG  . LYS A 1 85 ? 2.797   -12.154 7.564   1.00 46.08 ? 85  LYS A CG  1 
ATOM   342 C CD  . LYS A 1 85 ? 4.186   -12.351 8.152   1.00 50.51 ? 85  LYS A CD  1 
ATOM   343 C CE  . LYS A 1 85 ? 4.116   -13.106 9.474   1.00 52.43 ? 85  LYS A CE  1 
ATOM   344 N NZ  . LYS A 1 85 ? 5.421   -13.100 10.189  1.00 55.35 ? 85  LYS A NZ  1 
ATOM   345 N N   . SER A 1 86 ? 0.434   -9.531  6.743   1.00 34.99 ? 86  SER A N   1 
ATOM   346 C CA  . SER A 1 86 ? -0.558  -8.956  7.644   1.00 34.30 ? 86  SER A CA  1 
ATOM   347 C C   . SER A 1 86 ? -1.977  -9.201  7.141   1.00 34.43 ? 86  SER A C   1 
ATOM   348 O O   . SER A 1 86 ? -2.862  -9.580  7.914   1.00 34.54 ? 86  SER A O   1 
ATOM   349 C CB  . SER A 1 86 ? -0.307  -7.459  7.818   1.00 36.32 ? 86  SER A CB  1 
ATOM   350 O OG  . SER A 1 86 ? -1.317  -6.870  8.616   1.00 46.63 ? 86  SER A OG  1 
ATOM   351 N N   . ALA A 1 87 ? -2.211  -8.991  5.844   1.00 30.48 ? 87  ALA A N   1 
ATOM   352 C CA  . ALA A 1 87 ? -3.554  -9.166  5.304   1.00 34.29 ? 87  ALA A CA  1 
ATOM   353 C C   . ALA A 1 87 ? -3.993  -10.625 5.330   1.00 36.03 ? 87  ALA A C   1 
ATOM   354 O O   . ALA A 1 87 ? -5.180  -10.909 5.528   1.00 39.77 ? 87  ALA A O   1 
ATOM   355 C CB  . ALA A 1 87 ? -3.624  -8.621  3.878   1.00 33.81 ? 87  ALA A CB  1 
ATOM   356 N N   . LEU A 1 88 ? -3.062  -11.560 5.139   1.00 31.86 ? 88  LEU A N   1 
ATOM   357 C CA  . LEU A 1 88 ? -3.415  -12.977 5.170   1.00 32.82 ? 88  LEU A CA  1 
ATOM   358 C C   . LEU A 1 88 ? -3.733  -13.466 6.577   1.00 38.27 ? 88  LEU A C   1 
ATOM   359 O O   . LEU A 1 88 ? -4.390  -14.504 6.724   1.00 45.02 ? 88  LEU A O   1 
ATOM   360 C CB  . LEU A 1 88 ? -2.284  -13.820 4.577   1.00 33.87 ? 88  LEU A CB  1 
ATOM   361 C CG  . LEU A 1 88 ? -2.025  -13.701 3.074   1.00 34.47 ? 88  LEU A CG  1 
ATOM   362 C CD1 . LEU A 1 88 ? -0.718  -14.386 2.711   1.00 33.17 ? 88  LEU A CD1 1 
ATOM   363 C CD2 . LEU A 1 88 ? -3.182  -14.276 2.271   1.00 32.69 ? 88  LEU A CD2 1 
ATOM   364 N N   . ASN A 1 89 ? -3.285  -12.751 7.607   1.00 41.48 ? 89  ASN A N   1 
ATOM   365 C CA  . ASN A 1 89 ? -3.508  -13.143 8.994   1.00 48.94 ? 89  ASN A CA  1 
ATOM   366 C C   . ASN A 1 89 ? -4.720  -12.449 9.609   1.00 55.55 ? 89  ASN A C   1 
ATOM   367 O O   . ASN A 1 89 ? -4.813  -12.356 10.836  1.00 63.72 ? 89  ASN A O   1 
ATOM   368 C CB  . ASN A 1 89 ? -2.261  -12.862 9.833   1.00 52.05 ? 89  ASN A CB  1 
ATOM   369 C CG  . ASN A 1 89 ? -1.063  -13.674 9.383   1.00 59.55 ? 89  ASN A CG  1 
ATOM   370 O OD1 . ASN A 1 89 ? -1.207  -14.715 8.746   1.00 61.39 ? 89  ASN A OD1 1 
ATOM   371 N ND2 . ASN A 1 89 ? 0.133   -13.202 9.719   1.00 66.00 ? 89  ASN A ND2 1 
ATOM   372 N N   . ILE A 1 90 ? -5.643  -11.964 8.785   1.00 62.74 ? 90  ILE A N   1 
ATOM   373 C CA  . ILE A 1 90 ? -6.838  -11.294 9.280   1.00 67.33 ? 90  ILE A CA  1 
ATOM   374 C C   . ILE A 1 90 ? -7.736  -12.281 10.017  1.00 70.61 ? 90  ILE A C   1 
ATOM   375 O O   . ILE A 1 90 ? -8.047  -13.355 9.504   1.00 77.58 ? 90  ILE A O   1 
ATOM   376 C CB  . ILE A 1 90 ? -7.606  -10.611 8.132   1.00 73.58 ? 90  ILE A CB  1 
ATOM   377 C CG1 . ILE A 1 90 ? -6.935  -9.287  7.754   1.00 75.69 ? 90  ILE A CG1 1 
ATOM   378 C CG2 . ILE A 1 90 ? -9.061  -10.387 8.519   1.00 80.69 ? 90  ILE A CG2 1 
ATOM   379 C CD1 . ILE A 1 90 ? -7.622  -8.556  6.619   1.00 71.75 ? 90  ILE A CD1 1 
HETATM 380 S S   . SO4 B 2 .  ? 3.852   15.098  0.722   1.00 66.43 ? 401 SO4 A S   1 
HETATM 381 O O1  . SO4 B 2 .  ? 4.862   14.299  1.405   1.00 66.02 ? 401 SO4 A O1  1 
HETATM 382 O O2  . SO4 B 2 .  ? 3.597   16.325  1.476   1.00 67.84 ? 401 SO4 A O2  1 
HETATM 383 O O3  . SO4 B 2 .  ? 4.344   15.445  -0.607  1.00 68.10 ? 401 SO4 A O3  1 
HETATM 384 O O4  . SO4 B 2 .  ? 2.615   14.332  0.607   1.00 64.74 ? 401 SO4 A O4  1 
HETATM 385 O O   . HOH C 3 .  ? 2.938   12.827  10.052  1.00 63.52 ? 501 HOH A O   1 
HETATM 386 O O   . HOH C 3 .  ? 3.472   -8.415  8.541   1.00 39.64 ? 502 HOH A O   1 
HETATM 387 O O   . HOH C 3 .  ? -9.974  7.414   -5.992  0.50 38.23 ? 503 HOH A O   1 
HETATM 388 O O   . HOH C 3 .  ? -8.246  -7.664  -2.372  1.00 37.56 ? 504 HOH A O   1 
HETATM 389 O O   . HOH C 3 .  ? -8.607  3.299   -10.723 1.00 55.34 ? 505 HOH A O   1 
HETATM 390 O O   . HOH C 3 .  ? 12.840  -4.528  -2.997  1.00 63.97 ? 506 HOH A O   1 
HETATM 391 O O   . HOH C 3 .  ? -0.978  -4.133  9.379   1.00 65.25 ? 507 HOH A O   1 
HETATM 392 O O   . HOH C 3 .  ? -14.644 -0.899  -12.413 1.00 69.33 ? 508 HOH A O   1 
HETATM 393 O O   . HOH C 3 .  ? -10.519 4.925   0.700   1.00 62.18 ? 509 HOH A O   1 
HETATM 394 O O   . HOH C 3 .  ? -0.613  -7.958  11.237  1.00 63.30 ? 510 HOH A O   1 
HETATM 395 O O   . HOH C 3 .  ? -2.807  13.017  6.208   1.00 48.92 ? 511 HOH A O   1 
HETATM 396 O O   . HOH C 3 .  ? 11.766  -0.947  -4.315  1.00 41.98 ? 512 HOH A O   1 
HETATM 397 O O   . HOH C 3 .  ? 9.089   -7.932  5.249   1.00 60.51 ? 513 HOH A O   1 
HETATM 398 O O   . HOH C 3 .  ? -10.593 -6.556  -12.196 1.00 65.19 ? 514 HOH A O   1 
HETATM 399 O O   . HOH C 3 .  ? 13.490  -5.296  0.382   1.00 53.30 ? 515 HOH A O   1 
HETATM 400 O O   . HOH C 3 .  ? 11.194  -9.384  3.662   1.00 72.26 ? 516 HOH A O   1 
HETATM 401 O O   . HOH C 3 .  ? 7.453   -9.796  6.109   1.00 64.14 ? 517 HOH A O   1 
HETATM 402 O O   . HOH C 3 .  ? -1.366  9.393   8.449   1.00 63.37 ? 518 HOH A O   1 
HETATM 403 O O   . HOH C 3 .  ? -7.052  5.945   -9.195  1.00 54.46 ? 519 HOH A O   1 
HETATM 404 O O   . HOH C 3 .  ? -8.582  7.938   -7.900  0.50 54.55 ? 520 HOH A O   1 
HETATM 405 O O   . HOH C 3 .  ? 11.254  -3.369  -6.188  1.00 67.00 ? 521 HOH A O   1 
HETATM 406 O O   . HOH C 3 .  ? 6.486   -8.842  8.509   1.00 54.42 ? 522 HOH A O   1 
# 
loop_
_atom_site_anisotrop.id 
_atom_site_anisotrop.type_symbol 
_atom_site_anisotrop.pdbx_label_atom_id 
_atom_site_anisotrop.pdbx_label_alt_id 
_atom_site_anisotrop.pdbx_label_comp_id 
_atom_site_anisotrop.pdbx_label_asym_id 
_atom_site_anisotrop.pdbx_label_seq_id 
_atom_site_anisotrop.pdbx_PDB_ins_code 
_atom_site_anisotrop.U[1][1] 
_atom_site_anisotrop.U[2][2] 
_atom_site_anisotrop.U[3][3] 
_atom_site_anisotrop.U[1][2] 
_atom_site_anisotrop.U[1][3] 
_atom_site_anisotrop.U[2][3] 
_atom_site_anisotrop.pdbx_auth_seq_id 
_atom_site_anisotrop.pdbx_auth_comp_id 
_atom_site_anisotrop.pdbx_auth_asym_id 
_atom_site_anisotrop.pdbx_auth_atom_id 
1   N N   . ILE A 43 ? 1.1756 0.4935 1.0349 0.0263  0.0367  0.1049  43  ILE A N   
2   C CA  . ILE A 43 ? 1.0186 0.6988 1.0541 -0.1027 0.0105  0.1353  43  ILE A CA  
3   C C   . ILE A 43 ? 0.9674 0.8222 0.9189 -0.1212 -0.0576 0.0435  43  ILE A C   
4   O O   . ILE A 43 ? 0.9901 0.7970 0.9812 -0.2333 -0.0855 0.0362  43  ILE A O   
5   C CB  . ILE A 43 ? 1.0224 0.9115 1.1334 -0.1421 -0.0245 0.1839  43  ILE A CB  
6   C CG1 . ILE A 43 ? 1.0566 1.0183 1.1246 -0.0468 0.0134  0.1754  43  ILE A CG1 
7   C CG2 . ILE A 43 ? 1.0313 0.8243 1.1734 -0.2380 -0.1175 0.1850  43  ILE A CG2 
8   C CD1 . ILE A 43 ? 1.0774 1.0198 1.1196 0.0352  0.0383  0.1579  43  ILE A CD1 
9   N N   . PRO A 44 ? 0.7550 0.7916 0.7809 -0.0940 -0.0618 0.0054  44  PRO A N   
10  C CA  . PRO A 44 ? 0.6223 0.7272 0.6759 -0.0967 -0.0753 -0.0397 44  PRO A CA  
11  C C   . PRO A 44 ? 0.7111 0.5432 0.7031 -0.0984 -0.1496 0.0226  44  PRO A C   
12  O O   . PRO A 44 ? 0.8933 0.5807 0.7603 0.1573  -0.1159 0.0605  44  PRO A O   
13  C CB  . PRO A 44 ? 0.4816 0.7408 0.7666 -0.1237 0.0142  -0.0050 44  PRO A CB  
14  C CG  . PRO A 44 ? 0.5938 0.8185 0.8325 -0.0518 0.0252  0.0457  44  PRO A CG  
15  C CD  . PRO A 44 ? 0.7672 0.5849 0.8546 -0.0142 0.0252  0.0252  44  PRO A CD  
16  N N   . SER A 45 ? 0.6772 0.4489 0.5718 -0.0459 -0.1973 -0.0884 45  SER A N   
17  C CA  . SER A 45 ? 0.6817 0.4915 0.6324 0.0680  -0.2181 0.0199  45  SER A CA  
18  C C   . SER A 45 ? 0.6288 0.5558 0.6098 0.1029  -0.1373 -0.0484 45  SER A C   
19  O O   . SER A 45 ? 0.5681 0.5289 0.6108 0.2100  -0.2320 -0.1014 45  SER A O   
20  C CB  . SER A 45 ? 0.6921 0.3614 0.6820 0.1949  -0.2184 0.0330  45  SER A CB  
21  O OG  . SER A 45 ? 0.6445 0.4518 0.6582 0.1819  -0.2720 0.0421  45  SER A OG  
22  N N   . SER A 46 ? 0.6410 0.4842 0.6096 0.0518  -0.0839 -0.1101 46  SER A N   
23  C CA  . SER A 46 ? 0.6704 0.5304 0.6416 0.1642  -0.0080 -0.0500 46  SER A CA  
24  C C   . SER A 46 ? 0.5494 0.4472 0.5416 0.1412  -0.0296 -0.0124 46  SER A C   
25  O O   . SER A 46 ? 0.5032 0.3439 0.5353 0.1103  -0.0533 -0.0065 46  SER A O   
26  C CB  . SER A 46 ? 0.7538 0.5369 0.7077 0.2068  0.0845  -0.0154 46  SER A CB  
27  O OG  . SER A 46 ? 0.9493 0.5057 0.7473 0.2583  0.1590  0.0709  46  SER A OG  
28  N N   . GLN A 47 ? 0.6089 0.4935 0.3791 0.2644  -0.0841 -0.0601 47  GLN A N   
29  C CA  . GLN A 47 ? 0.6746 0.5458 0.4043 0.1755  -0.0817 -0.0488 47  GLN A CA  
30  C C   . GLN A 47 ? 0.5760 0.4603 0.4551 0.1267  -0.0270 0.0239  47  GLN A C   
31  O O   . GLN A 47 ? 0.4589 0.4486 0.5777 0.1287  -0.1654 -0.0113 47  GLN A O   
32  C CB  . GLN A 47 ? 0.7207 0.6356 0.3601 0.2412  -0.0425 -0.1242 47  GLN A CB  
33  C CG  . GLN A 47 ? 0.8360 0.7618 0.4130 0.1733  -0.0199 -0.2237 47  GLN A CG  
34  C CD  . GLN A 47 ? 0.7886 0.9300 0.7454 0.0874  -0.1506 -0.1149 47  GLN A CD  
35  O OE1 . GLN A 47 ? 0.4982 0.8236 0.7678 -0.0148 -0.1457 -0.1968 47  GLN A OE1 
36  N NE2 . GLN A 47 ? 0.9514 0.8926 0.7269 0.0964  -0.2389 -0.2386 47  GLN A NE2 
37  N N   . GLU A 48 ? 0.6039 0.4129 0.4561 0.1023  -0.1536 0.0402  48  GLU A N   
38  C CA  . GLU A 48 ? 0.4670 0.4254 0.5608 0.0643  -0.0956 0.0170  48  GLU A CA  
39  C C   . GLU A 48 ? 0.3946 0.4023 0.5366 0.0078  -0.0214 0.0217  48  GLU A C   
40  O O   . GLU A 48 ? 0.4759 0.3919 0.5436 0.0636  -0.1670 -0.0183 48  GLU A O   
41  C CB  . GLU A 48 ? 0.4820 0.4085 0.6983 -0.0108 -0.1201 0.0408  48  GLU A CB  
42  C CG  . GLU A 48 ? 0.5886 0.4596 0.9000 0.0519  -0.1083 0.0069  48  GLU A CG  
43  C CD  . GLU A 48 ? 0.5433 0.4992 1.1028 0.0467  -0.0680 0.0354  48  GLU A CD  
44  O OE1 . GLU A 48 ? 0.6322 0.5139 1.1025 -0.0306 -0.2732 0.0361  48  GLU A OE1 
45  O OE2 . GLU A 48 ? 0.5435 0.5948 1.2809 -0.0104 -0.1038 0.1274  48  GLU A OE2 
46  N N   . LYS A 49 ? 0.3811 0.3702 0.4587 0.0144  -0.0228 -0.0354 49  LYS A N   
47  C CA  . LYS A 49 ? 0.4189 0.3836 0.4839 0.0782  -0.1319 -0.0564 49  LYS A CA  
48  C C   . LYS A 49 ? 0.4249 0.4193 0.3487 0.0717  -0.1447 -0.1261 49  LYS A C   
49  O O   . LYS A 49 ? 0.4087 0.3177 0.4496 0.0233  -0.0918 0.0049  49  LYS A O   
50  C CB  . LYS A 49 ? 0.4253 0.1475 0.5602 0.0107  -0.0668 0.0029  49  LYS A CB  
51  C CG  . LYS A 49 ? 0.4324 0.2221 0.6188 -0.0059 -0.1440 0.0480  49  LYS A CG  
52  C CD  . LYS A 49 ? 0.5671 0.3552 0.6521 0.0782  -0.2428 0.0386  49  LYS A CD  
53  C CE  . LYS A 49 ? 0.5771 0.5746 0.7292 -0.0105 -0.2691 0.1909  49  LYS A CE  
54  N NZ  . LYS A 49 ? 0.6144 0.5493 0.8324 -0.1606 -0.3329 0.1899  49  LYS A NZ  
55  N N   . ILE A 50 ? 0.4564 0.4289 0.3617 0.1035  -0.0335 -0.0477 50  ILE A N   
56  C CA  . ILE A 50 ? 0.4065 0.3344 0.5732 0.0311  -0.0103 0.0585  50  ILE A CA  
57  C C   . ILE A 50 ? 0.4141 0.3409 0.5895 0.0337  -0.0768 0.0580  50  ILE A C   
58  O O   . ILE A 50 ? 0.3273 0.3433 0.4937 0.0727  0.0167  0.0816  50  ILE A O   
59  C CB  . ILE A 50 ? 0.4594 0.4432 0.5974 0.1129  0.0698  0.0398  50  ILE A CB  
60  C CG1 . ILE A 50 ? 0.4968 0.4024 0.7175 0.0546  -0.1364 0.1100  50  ILE A CG1 
61  C CG2 . ILE A 50 ? 0.6239 0.4265 0.5597 0.1263  0.1342  0.0486  50  ILE A CG2 
62  C CD1 . ILE A 50 ? 0.7495 0.4997 0.6813 0.2431  -0.1496 -0.0177 50  ILE A CD1 
63  N N   . ALA A 51 ? 0.3361 0.4302 0.4370 0.0937  0.0026  -0.0235 51  ALA A N   
64  C CA  . ALA A 51 ? 0.3930 0.3459 0.4569 0.0555  0.0177  -0.0536 51  ALA A CA  
65  C C   . ALA A 51 ? 0.4383 0.2953 0.4987 0.0595  -0.0371 -0.0772 51  ALA A C   
66  O O   . ALA A 51 ? 0.4015 0.4047 0.4543 0.0914  -0.0343 -0.0761 51  ALA A O   
67  C CB  . ALA A 51 ? 0.3428 0.3302 0.5247 0.0042  0.0140  0.0054  51  ALA A CB  
68  N N   . THR A 52 ? 0.4369 0.2388 0.5092 0.0324  -0.0092 0.0010  52  THR A N   
69  C CA  . THR A 52 ? 0.3634 0.3390 0.4262 0.0065  -0.0279 0.0496  52  THR A CA  
70  C C   . THR A 52 ? 0.3679 0.3856 0.4133 0.0172  -0.0109 0.0419  52  THR A C   
71  O O   . THR A 52 ? 0.4153 0.4479 0.3460 0.1049  -0.0163 0.0156  52  THR A O   
72  C CB  . THR A 52 ? 0.3575 0.3789 0.4679 -0.0584 0.0270  -0.0012 52  THR A CB  
73  O OG1 . THR A 52 ? 0.3658 0.4806 0.5879 -0.0934 -0.0291 -0.0243 52  THR A OG1 
74  C CG2 . THR A 52 ? 0.4960 0.3629 0.4861 -0.0482 0.0133  0.0559  52  THR A CG2 
75  N N   . ILE A 53 ? 0.3486 0.3205 0.4404 0.0537  -0.0676 0.0368  53  ILE A N   
76  C CA  . ILE A 53 ? 0.3539 0.2891 0.4939 0.1003  -0.1058 -0.0039 53  ILE A CA  
77  C C   . ILE A 53 ? 0.3491 0.3632 0.4905 0.0396  -0.0665 0.0535  53  ILE A C   
78  O O   . ILE A 53 ? 0.4016 0.3505 0.4815 0.0592  -0.0276 0.0428  53  ILE A O   
79  C CB  . ILE A 53 ? 0.2986 0.1672 0.4683 0.0271  -0.1065 0.0505  53  ILE A CB  
80  C CG1 . ILE A 53 ? 0.3752 0.1984 0.3754 0.1144  0.0154  -0.0918 53  ILE A CG1 
81  C CG2 . ILE A 53 ? 0.2372 0.3222 0.3701 0.0241  -0.1351 0.0028  53  ILE A CG2 
82  C CD1 . ILE A 53 ? 0.4396 0.2057 0.2849 0.1227  0.0365  -0.0176 53  ILE A CD1 
83  N N   . HIS A 54 ? 0.3775 0.2321 0.4201 0.1202  -0.0644 0.0094  54  HIS A N   
84  C CA  . HIS A 54 ? 0.4547 0.2562 0.5061 0.0574  0.0019  0.0889  54  HIS A CA  
85  C C   . HIS A 54 ? 0.4886 0.4415 0.5980 0.1507  0.0293  0.1600  54  HIS A C   
86  O O   . HIS A 54 ? 0.3605 0.3853 0.5412 0.0724  0.0287  0.1234  54  HIS A O   
87  C CB  . HIS A 54 ? 0.4045 0.3148 0.4245 -0.0965 0.0505  0.0802  54  HIS A CB  
88  C CG  . HIS A 54 ? 0.5682 0.2950 0.4622 -0.1235 0.1137  0.0012  54  HIS A CG  
89  N ND1 . HIS A 54 ? 0.7280 0.5331 0.6890 -0.0319 0.1323  0.1822  54  HIS A ND1 
90  C CD2 . HIS A 54 ? 0.7425 0.3986 0.4037 -0.1574 0.0364  -0.0337 54  HIS A CD2 
91  C CE1 . HIS A 54 ? 0.6630 0.2758 0.6838 -0.0296 0.1729  0.1356  54  HIS A CE1 
92  N NE2 . HIS A 54 ? 0.7546 0.4725 0.6403 -0.0797 0.0191  0.1153  54  HIS A NE2 
93  N N   . GLU A 55 ? 0.3888 0.4330 0.5378 0.1501  0.0758  0.0882  55  GLU A N   
94  C CA  . GLU A 55 ? 0.4639 0.5295 0.4314 0.2751  0.0570  0.0233  55  GLU A CA  
95  C C   . GLU A 55 ? 0.4512 0.4847 0.5243 0.2231  -0.0648 0.0855  55  GLU A C   
96  O O   . GLU A 55 ? 0.5158 0.2423 0.5641 0.0834  -0.0518 0.0551  55  GLU A O   
102 N N   . TYR A 56 ? 0.3189 0.3784 0.4799 0.1012  -0.0787 0.0994  56  TYR A N   
103 C CA  . TYR A 56 ? 0.4345 0.3090 0.3834 0.0688  0.0649  0.0075  56  TYR A CA  
104 C C   . TYR A 56 ? 0.5275 0.3206 0.4434 0.0824  0.0757  0.0027  56  TYR A C   
105 O O   . TYR A 56 ? 0.4980 0.3984 0.5343 0.1363  -0.0004 -0.0139 56  TYR A O   
106 C CB  . TYR A 56 ? 0.4889 0.2174 0.4520 0.0127  0.0540  0.0659  56  TYR A CB  
107 C CG  . TYR A 56 ? 0.6180 0.3606 0.5147 -0.0144 -0.0282 0.1058  56  TYR A CG  
108 C CD1 . TYR A 56 ? 0.6768 0.3568 0.5059 -0.0095 -0.0769 0.1021  56  TYR A CD1 
109 C CD2 . TYR A 56 ? 0.5874 0.2820 0.4540 0.0690  -0.0473 -0.0330 56  TYR A CD2 
110 C CE1 . TYR A 56 ? 0.6587 0.3727 0.4859 -0.0397 -0.0709 0.0506  56  TYR A CE1 
111 C CE2 . TYR A 56 ? 0.5101 0.3826 0.4530 0.0158  0.0465  0.0002  56  TYR A CE2 
112 C CZ  . TYR A 56 ? 0.6428 0.4409 0.4291 -0.0221 -0.0380 -0.0029 56  TYR A CZ  
113 O OH  . TYR A 56 ? 0.6628 0.4092 0.4729 -0.0145 -0.0411 -0.0299 56  TYR A OH  
114 N N   . LEU A 57 ? 0.4638 0.3720 0.3110 0.0493  0.0875  -0.0538 57  LEU A N   
115 C CA  . LEU A 57 ? 0.4503 0.2757 0.4175 0.0786  0.0131  -0.0341 57  LEU A CA  
116 C C   . LEU A 57 ? 0.4845 0.2659 0.5353 0.0304  0.0195  0.0094  57  LEU A C   
117 O O   . LEU A 57 ? 0.6017 0.2439 0.5867 0.0500  0.0221  0.0530  57  LEU A O   
118 C CB  . LEU A 57 ? 0.4979 0.3163 0.3152 0.0790  -0.0352 -0.0149 57  LEU A CB  
119 C CG  . LEU A 57 ? 0.5081 0.2803 0.4293 0.0914  -0.0786 0.0069  57  LEU A CG  
120 C CD1 . LEU A 57 ? 0.3632 0.3855 0.4458 0.0529  0.0171  0.0209  57  LEU A CD1 
121 C CD2 . LEU A 57 ? 0.5976 0.3478 0.4784 0.1537  -0.1139 0.0872  57  LEU A CD2 
122 N N   . LEU A 58 ? 0.4518 0.1881 0.5390 0.0662  0.0718  -0.0335 58  LEU A N   
123 C CA  . LEU A 58 ? 0.5521 0.3197 0.5666 0.0928  0.0655  -0.0052 58  LEU A CA  
124 C C   . LEU A 58 ? 0.5635 0.2617 0.6348 -0.0541 -0.0933 0.0035  58  LEU A C   
125 O O   . LEU A 58 ? 0.5980 0.2349 0.6121 0.0392  -0.1648 -0.0587 58  LEU A O   
126 C CB  . LEU A 58 ? 0.5262 0.3009 0.5921 0.0858  0.0913  0.1639  58  LEU A CB  
127 C CG  . LEU A 58 ? 0.3322 0.3311 0.5227 -0.1149 -0.0051 0.1347  58  LEU A CG  
128 C CD1 . LEU A 58 ? 0.3499 0.5142 0.6781 -0.0649 -0.1442 0.2148  58  LEU A CD1 
129 C CD2 . LEU A 58 ? 0.5045 0.3109 0.4486 -0.0229 0.0951  0.0198  58  LEU A CD2 
130 N N   . GLU A 59 ? 0.5614 0.2449 0.5290 -0.0528 -0.0666 -0.0367 59  GLU A N   
131 C CA  . GLU A 59 ? 0.6659 0.4003 0.5869 0.1086  -0.0047 -0.0587 59  GLU A CA  
132 C C   . GLU A 59 ? 0.7102 0.3998 0.5497 0.1251  0.0234  -0.0945 59  GLU A C   
133 O O   . GLU A 59 ? 0.7094 0.4513 0.5255 0.1711  0.1249  -0.1312 59  GLU A O   
134 C CB  . GLU A 59 ? 0.5994 0.3676 0.7650 0.0788  -0.0678 -0.0531 59  GLU A CB  
135 C CG  . GLU A 59 ? 0.6764 0.6229 0.7808 0.1317  -0.0809 -0.0242 59  GLU A CG  
136 C CD  . GLU A 59 ? 0.7390 0.8149 0.9532 0.0804  -0.0987 0.2037  59  GLU A CD  
137 O OE1 . GLU A 59 ? 0.7821 0.8704 1.0214 0.0784  -0.0282 0.3003  59  GLU A OE1 
138 O OE2 . GLU A 59 ? 0.6861 0.7404 0.9688 0.0855  -0.0986 0.2078  59  GLU A OE2 
139 N N   . HIS A 60 ? 0.7124 0.3088 0.5924 0.0910  -0.0404 -0.0172 60  HIS A N   
140 C CA  . HIS A 60 ? 0.7143 0.2343 0.5216 0.0725  -0.0595 -0.0384 60  HIS A CA  
141 C C   . HIS A 60 ? 0.6929 0.4102 0.4852 0.1365  -0.1013 -0.0608 60  HIS A C   
142 O O   . HIS A 60 ? 0.5906 0.2738 0.5638 0.0820  -0.1814 -0.0767 60  HIS A O   
143 C CB  . HIS A 60 ? 0.5582 0.3425 0.4634 -0.0599 -0.0288 -0.0361 60  HIS A CB  
144 C CG  . HIS A 60 ? 0.6515 0.4014 0.5298 0.0060  -0.1098 -0.0133 60  HIS A CG  
145 N ND1 . HIS A 60 ? 0.7645 0.4322 0.6001 0.1693  -0.0297 -0.0519 60  HIS A ND1 
146 C CD2 . HIS A 60 ? 0.5852 0.5388 0.4378 0.0116  0.0098  0.0277  60  HIS A CD2 
147 C CE1 . HIS A 60 ? 0.5887 0.4688 0.6911 0.0179  0.0228  0.1194  60  HIS A CE1 
148 N NE2 . HIS A 60 ? 0.6699 0.4520 0.5780 0.0899  0.0897  0.0669  60  HIS A NE2 
149 N N   . LYS A 61 ? 0.5786 0.3313 0.4707 0.0370  -0.1402 -0.0659 61  LYS A N   
150 C CA  . LYS A 61 ? 0.6051 0.3219 0.4520 0.0669  -0.1062 0.0294  61  LYS A CA  
151 C C   . LYS A 61 ? 0.6535 0.3379 0.3075 0.0127  -0.0469 -0.0371 61  LYS A C   
152 O O   . LYS A 61 ? 0.5809 0.3815 0.3650 -0.0850 -0.1044 0.0319  61  LYS A O   
153 C CB  . LYS A 61 ? 0.6098 0.2852 0.4692 0.1043  -0.0394 0.1663  61  LYS A CB  
154 C CG  . LYS A 61 ? 0.6501 0.5875 0.4798 0.0654  -0.0667 0.1775  61  LYS A CG  
155 C CD  . LYS A 61 ? 0.6783 0.5022 0.6017 0.0005  -0.0735 0.2231  61  LYS A CD  
156 C CE  . LYS A 61 ? 0.9110 0.4867 0.6021 0.1115  -0.0046 0.1863  61  LYS A CE  
157 N NZ  . LYS A 61 ? 0.9344 0.5217 0.5372 0.1474  0.1104  0.1518  61  LYS A NZ  
158 N N   . GLU A 62 ? 0.5516 0.3412 0.2218 -0.1236 -0.0063 -0.0574 62  GLU A N   
159 C CA  . GLU A 62 ? 0.6887 0.4232 0.3893 0.0392  -0.0538 0.0028  62  GLU A CA  
160 C C   . GLU A 62 ? 0.5702 0.3834 0.3748 -0.0949 -0.0002 -0.0110 62  GLU A C   
161 O O   . GLU A 62 ? 0.6158 0.2537 0.2872 -0.0826 -0.0403 0.0092  62  GLU A O   
162 C CB  . GLU A 62 ? 0.7921 0.4018 0.2983 0.1653  -0.1251 -0.1069 62  GLU A CB  
163 C CG  . GLU A 62 ? 0.8303 0.7915 0.3128 0.1592  -0.1856 -0.0276 62  GLU A CG  
164 C CD  . GLU A 62 ? 0.9320 0.8670 0.4816 0.1242  -0.0843 -0.0467 62  GLU A CD  
165 O OE1 . GLU A 62 ? 1.0979 0.7616 0.6466 0.1272  0.0218  -0.0190 62  GLU A OE1 
166 O OE2 . GLU A 62 ? 0.6573 0.7432 0.6092 -0.1169 -0.1111 -0.0064 62  GLU A OE2 
167 N N   . LEU A 63 ? 0.4949 0.2949 0.4315 -0.1382 -0.0423 0.0101  63  LEU A N   
168 C CA  . LEU A 63 ? 0.5839 0.3104 0.3934 -0.0163 -0.0553 -0.0304 63  LEU A CA  
169 C C   . LEU A 63 ? 0.5013 0.3765 0.4117 -0.0308 -0.0087 0.0342  63  LEU A C   
170 O O   . LEU A 63 ? 0.4431 0.3670 0.3900 -0.0134 -0.0638 -0.0291 63  LEU A O   
171 C CB  . LEU A 63 ? 0.5443 0.2374 0.4052 -0.0445 -0.0671 -0.0591 63  LEU A CB  
172 C CG  . LEU A 63 ? 0.4236 0.2514 0.3828 -0.1262 -0.0931 -0.0361 63  LEU A CG  
173 C CD1 . LEU A 63 ? 0.5643 0.2872 0.2609 -0.0990 0.0243  -0.0739 63  LEU A CD1 
174 C CD2 . LEU A 63 ? 0.3140 0.3785 0.4127 -0.1067 -0.0717 -0.0150 63  LEU A CD2 
175 N N   . GLU A 64 ? 0.3901 0.3933 0.3376 -0.1434 0.0729  0.0348  64  GLU A N   
176 C CA  . GLU A 64 ? 0.5206 0.4100 0.2874 -0.1078 -0.0644 0.0073  64  GLU A CA  
177 C C   . GLU A 64 ? 0.5506 0.3485 0.2622 -0.0135 -0.1072 -0.0613 64  GLU A C   
178 O O   . GLU A 64 ? 0.4731 0.3357 0.2745 -0.0661 -0.0713 -0.0075 64  GLU A O   
179 C CB  . GLU A 64 ? 0.4772 0.3729 0.3825 -0.1411 0.0000  0.1487  64  GLU A CB  
180 C CG  . GLU A 64 ? 0.5086 0.1644 0.4880 -0.0673 -0.0627 0.0529  64  GLU A CG  
181 C CD  . GLU A 64 ? 0.6105 0.4010 0.4731 0.0692  -0.0544 0.0672  64  GLU A CD  
182 O OE1 . GLU A 64 ? 0.8228 0.4233 0.4348 0.2146  -0.1152 0.1015  64  GLU A OE1 
183 O OE2 . GLU A 64 ? 0.8129 0.5409 0.4852 0.0314  -0.0660 0.0993  64  GLU A OE2 
184 N N   . GLU A 65 ? 0.5472 0.2649 0.2281 0.0483  -0.1464 -0.0628 65  GLU A N   
185 C CA  . GLU A 65 ? 0.5276 0.3165 0.2992 -0.0521 -0.1706 -0.0543 65  GLU A CA  
186 C C   . GLU A 65 ? 0.4706 0.3132 0.4001 -0.1027 -0.1098 -0.0024 65  GLU A C   
187 O O   . GLU A 65 ? 0.4136 0.3668 0.3650 -0.0857 -0.1274 -0.0721 65  GLU A O   
188 C CB  . GLU A 65 ? 0.6364 0.2141 0.3816 0.0134  -0.1487 -0.0673 65  GLU A CB  
189 C CG  . GLU A 65 ? 0.6281 0.3335 0.4328 -0.0597 -0.1606 -0.1278 65  GLU A CG  
190 C CD  . GLU A 65 ? 0.7799 0.2913 0.5712 -0.0909 -0.1247 -0.0872 65  GLU A CD  
191 O OE1 . GLU A 65 ? 0.8507 0.4254 0.7647 -0.1737 -0.3317 0.1485  65  GLU A OE1 
192 O OE2 . GLU A 65 ? 0.9826 0.3286 0.6788 -0.0130 -0.0284 -0.1550 65  GLU A OE2 
193 N N   . ALA A 66 ? 0.5400 0.2730 0.3082 -0.0956 -0.0579 -0.0751 66  ALA A N   
194 C CA  . ALA A 66 ? 0.4558 0.3140 0.2721 -0.0815 -0.0263 -0.0303 66  ALA A CA  
195 C C   . ALA A 66 ? 0.4837 0.3673 0.3437 -0.0610 -0.0545 -0.0208 66  ALA A C   
196 O O   . ALA A 66 ? 0.4423 0.3968 0.4090 0.0231  -0.0596 -0.0086 66  ALA A O   
197 C CB  . ALA A 66 ? 0.4251 0.2816 0.2671 -0.0367 -0.0035 0.0587  66  ALA A CB  
198 N N   . MET A 67 ? 0.5055 0.2704 0.3080 -0.0686 -0.0838 -0.1223 67  MET A N   
199 C CA  . MET A 67 ? 0.2971 0.3313 0.3441 -0.1286 -0.0803 -0.0796 67  MET A CA  
200 C C   . MET A 67 ? 0.3862 0.4296 0.2852 -0.0396 -0.0527 -0.0746 67  MET A C   
201 O O   . MET A 67 ? 0.5227 0.4358 0.3648 0.0040  0.0464  -0.0364 67  MET A O   
202 C CB  . MET A 67 ? 0.2666 0.2534 0.3825 -0.1239 -0.0297 0.0174  67  MET A CB  
203 C CG  . MET A 67 ? 0.3725 0.4454 0.2964 -0.0283 -0.0725 -0.0516 67  MET A CG  
204 S SD  . MET A 67 ? 0.5501 0.5330 0.3679 -0.0063 -0.0284 -0.0726 67  MET A SD  
205 C CE  . MET A 67 ? 0.4888 0.5478 0.2682 0.0028  0.0522  -0.1221 67  MET A CE  
206 N N   . PHE A 68 ? 0.3954 0.3991 0.2931 -0.0459 -0.0855 -0.0696 68  PHE A N   
207 C CA  . PHE A 68 ? 0.4337 0.4464 0.3607 -0.1088 -0.0150 0.0413  68  PHE A CA  
208 C C   . PHE A 68 ? 0.4621 0.3578 0.4428 -0.1191 -0.0370 0.0420  68  PHE A C   
209 O O   . PHE A 68 ? 0.4958 0.5356 0.4779 -0.1726 -0.0324 -0.0018 68  PHE A O   
210 C CB  . PHE A 68 ? 0.4017 0.4247 0.2612 -0.0813 0.0119  0.0123  68  PHE A CB  
211 C CG  . PHE A 68 ? 0.4412 0.4060 0.3383 -0.1352 0.0344  -0.0101 68  PHE A CG  
212 C CD1 . PHE A 68 ? 0.4919 0.4062 0.3581 -0.0168 -0.0002 -0.0092 68  PHE A CD1 
213 C CD2 . PHE A 68 ? 0.4645 0.4594 0.3866 -0.2089 0.0097  -0.0298 68  PHE A CD2 
214 C CE1 . PHE A 68 ? 0.4455 0.4136 0.4540 -0.1448 -0.0390 0.0022  68  PHE A CE1 
215 C CE2 . PHE A 68 ? 0.5094 0.5211 0.3715 -0.1867 -0.0203 -0.0685 68  PHE A CE2 
216 C CZ  . PHE A 68 ? 0.5323 0.5360 0.3940 -0.2290 -0.0886 -0.0761 68  PHE A CZ  
217 N N   . SER A 69 ? 0.5172 0.3840 0.4081 -0.0180 -0.0642 0.0585  69  SER A N   
218 C CA  . SER A 69 ? 0.6764 0.3732 0.3459 0.0805  -0.0675 -0.1214 69  SER A CA  
219 C C   . SER A 69 ? 0.4371 0.4059 0.4831 -0.1340 -0.0223 -0.0171 69  SER A C   
220 O O   . SER A 69 ? 0.4310 0.4619 0.5306 -0.1114 -0.0709 0.0099  69  SER A O   
221 C CB  . SER A 69 ? 0.5821 0.5357 0.4525 -0.0072 -0.1145 -0.0585 69  SER A CB  
222 O OG  . SER A 69 ? 0.7438 0.4343 0.5178 0.0218  -0.1326 -0.0873 69  SER A OG  
223 N N   . LEU A 70 ? 0.3972 0.3407 0.3641 -0.0727 -0.0133 -0.1022 70  LEU A N   
224 C CA  . LEU A 70 ? 0.4768 0.4560 0.3463 0.0275  -0.0414 -0.0521 70  LEU A CA  
225 C C   . LEU A 70 ? 0.4536 0.4135 0.4903 -0.0316 -0.1238 -0.0094 70  LEU A C   
226 O O   . LEU A 70 ? 0.4363 0.4462 0.5961 0.0243  -0.0523 -0.0280 70  LEU A O   
227 C CB  . LEU A 70 ? 0.5266 0.3987 0.3502 -0.0332 0.0082  -0.0103 70  LEU A CB  
228 C CG  . LEU A 70 ? 0.5316 0.4435 0.3631 -0.0139 -0.0168 -0.0249 70  LEU A CG  
229 C CD1 . LEU A 70 ? 0.5695 0.4275 0.3020 -0.0914 -0.0478 -0.0368 70  LEU A CD1 
230 C CD2 . LEU A 70 ? 0.4384 0.4231 0.5467 0.0078  -0.0374 -0.0796 70  LEU A CD2 
231 N N   . ILE A 71 ? 0.4202 0.5189 0.4257 -0.0230 -0.0150 0.0063  71  ILE A N   
232 C CA  . ILE A 71 ? 0.4999 0.5147 0.5000 0.0324  0.0488  0.0041  71  ILE A CA  
233 C C   . ILE A 71 ? 0.6444 0.5104 0.5517 0.0561  0.0764  -0.0146 71  ILE A C   
234 O O   . ILE A 71 ? 0.5864 0.5419 0.5720 0.0074  0.0423  -0.0338 71  ILE A O   
235 C CB  . ILE A 71 ? 0.4701 0.5027 0.3536 0.0274  0.0554  -0.1006 71  ILE A CB  
236 C CG1 . ILE A 71 ? 0.2907 0.5252 0.4644 -0.0075 0.0825  0.0213  71  ILE A CG1 
237 C CG2 . ILE A 71 ? 0.6173 0.3617 0.4540 0.1041  -0.0109 -0.1231 71  ILE A CG2 
238 C CD1 . ILE A 71 ? 0.2977 0.4927 0.3660 0.0329  0.0711  -0.0674 71  ILE A CD1 
239 N N   . SER A 72 ? 0.5599 0.4657 0.4891 -0.0708 0.0497  -0.0531 72  SER A N   
240 C CA  . SER A 72 ? 0.5824 0.5965 0.6733 -0.1835 -0.0382 0.0150  72  SER A CA  
241 C C   . SER A 72 ? 0.5896 0.5938 0.8226 -0.2004 0.0148  0.0648  72  SER A C   
242 O O   . SER A 72 ? 0.4726 0.6837 0.8941 -0.2220 0.0641  0.0792  72  SER A O   
243 C CB  . SER A 72 ? 0.6666 0.5651 0.6364 -0.2040 0.0083  -0.0663 72  SER A CB  
244 O OG  . SER A 72 ? 0.7852 0.5679 0.6751 -0.1977 0.0006  -0.1038 72  SER A OG  
245 N N   . GLN A 73 ? 0.5849 0.5453 0.7372 -0.1191 0.0622  -0.0356 73  GLN A N   
246 C CA  . GLN A 73 ? 0.6054 0.4868 0.7628 -0.0757 -0.0547 -0.0574 73  GLN A CA  
247 C C   . GLN A 73 ? 0.5102 0.6383 0.8216 -0.0965 -0.0576 0.0542  73  GLN A C   
248 O O   . GLN A 73 ? 0.5038 0.7590 0.7763 -0.0934 -0.0685 0.0483  73  GLN A O   
249 C CB  . GLN A 73 ? 0.6126 0.7107 0.6318 0.0155  0.0251  -0.1709 73  GLN A CB  
250 C CG  . GLN A 73 ? 0.7164 0.8680 0.7797 -0.0309 -0.0535 -0.1325 73  GLN A CG  
251 C CD  . GLN A 73 ? 0.8945 1.0071 0.8882 0.0300  -0.0159 -0.1434 73  GLN A CD  
252 O OE1 . GLN A 73 ? 1.0063 1.2499 0.9069 0.0322  -0.0654 -0.1636 73  GLN A OE1 
253 N NE2 . GLN A 73 ? 0.9244 0.8423 1.0605 -0.0188 0.0343  -0.0248 73  GLN A NE2 
254 N N   . GLY A 74 ? 0.5225 0.6055 0.7747 -0.0656 -0.0215 -0.0041 74  GLY A N   
255 C CA  . GLY A 74 ? 0.5656 0.6534 0.7123 0.0249  -0.0010 -0.0556 74  GLY A CA  
256 C C   . GLY A 74 ? 0.5431 0.5494 0.7466 0.0426  0.0342  -0.0599 74  GLY A C   
257 O O   . GLY A 74 ? 0.4723 0.4803 0.8130 0.0212  0.0782  -0.0291 74  GLY A O   
258 N N   . ARG A 75 ? 0.4737 0.5498 0.6674 0.0690  0.0151  -0.1375 75  ARG A N   
259 C CA  . ARG A 75 ? 0.4352 0.5561 0.5801 -0.0108 -0.1111 -0.1237 75  ARG A CA  
260 C C   . ARG A 75 ? 0.5085 0.5555 0.5104 0.0538  -0.1363 -0.1279 75  ARG A C   
261 O O   . ARG A 75 ? 0.4589 0.5845 0.4613 0.0515  -0.1780 -0.1328 75  ARG A O   
262 C CB  . ARG A 75 ? 0.6475 0.5530 0.5052 -0.0142 -0.1590 -0.1712 75  ARG A CB  
263 C CG  . ARG A 75 ? 0.7056 0.7179 0.6491 -0.0842 -0.1212 -0.0730 75  ARG A CG  
264 C CD  . ARG A 75 ? 0.8664 1.0280 1.0004 -0.0069 -0.1349 0.1183  75  ARG A CD  
265 N NE  . ARG A 75 ? 1.0048 1.1603 1.1775 0.1331  -0.1181 0.2040  75  ARG A NE  
266 C CZ  . ARG A 75 ? 1.1480 1.2127 1.1498 0.2306  -0.1337 0.2396  75  ARG A CZ  
267 N NH1 . ARG A 75 ? 1.1697 1.1631 1.1132 0.0673  -0.2802 0.1872  75  ARG A NH1 
268 N NH2 . ARG A 75 ? 1.1743 1.2418 1.0829 0.4122  -0.0350 0.2360  75  ARG A NH2 
269 N N   . GLY A 76 ? 0.2669 0.5133 0.4736 -0.0670 -0.0518 -0.1008 76  GLY A N   
270 C CA  . GLY A 76 ? 0.2092 0.4870 0.6133 -0.1014 0.0039  -0.0549 76  GLY A CA  
271 C C   . GLY A 76 ? 0.3768 0.3931 0.5580 0.0294  -0.0346 -0.0800 76  GLY A C   
272 O O   . GLY A 76 ? 0.4206 0.5071 0.4514 0.0460  -0.0405 -0.1201 76  GLY A O   
273 N N   . ARG A 77 ? 0.4316 0.3463 0.5744 0.1252  -0.1222 -0.0508 77  ARG A N   
274 C CA  . ARG A 77 ? 0.4468 0.3950 0.6786 0.1653  -0.0385 -0.0347 77  ARG A CA  
275 C C   . ARG A 77 ? 0.5183 0.4849 0.5916 0.1485  -0.0301 -0.0927 77  ARG A C   
276 O O   . ARG A 77 ? 0.5475 0.4344 0.5514 0.0587  -0.0477 -0.0836 77  ARG A O   
277 C CB  . ARG A 77 ? 0.3835 0.4289 0.7913 0.0633  -0.0123 0.0448  77  ARG A CB  
278 C CG  . ARG A 77 ? 0.4240 0.6678 0.6821 -0.0142 -0.0926 0.0376  77  ARG A CG  
279 C CD  . ARG A 77 ? 0.6014 0.7764 0.6807 -0.0074 -0.1014 0.0030  77  ARG A CD  
280 N NE  . ARG A 77 ? 0.6466 0.7544 0.7166 -0.0356 -0.1522 -0.1069 77  ARG A NE  
281 C CZ  . ARG A 77 ? 0.7835 0.7798 0.7827 0.0533  -0.1112 -0.1348 77  ARG A CZ  
282 N NH1 . ARG A 77 ? 0.7369 0.7528 0.8215 0.1178  -0.1169 -0.2107 77  ARG A NH1 
283 N NH2 . ARG A 77 ? 0.9293 0.5717 0.6620 0.1063  -0.0497 -0.2416 77  ARG A NH2 
284 N N   . SER A 78 ? 0.4451 0.5323 0.5488 0.1196  -0.0841 -0.0927 78  SER A N   
285 C CA  . SER A 78 ? 0.4487 0.4435 0.4960 0.0625  -0.1008 -0.1091 78  SER A CA  
286 C C   . SER A 78 ? 0.5770 0.5421 0.3427 0.0638  -0.0461 -0.0467 78  SER A C   
287 O O   . SER A 78 ? 0.6084 0.3621 0.3535 0.0026  -0.0382 -0.0390 78  SER A O   
288 C CB  . SER A 78 ? 0.4782 0.4903 0.6853 -0.0168 -0.1497 -0.1495 78  SER A CB  
289 O OG  . SER A 78 ? 0.5848 0.7289 0.6756 0.0663  -0.2197 -0.2682 78  SER A OG  
290 N N   . LEU A 79 ? 0.4430 0.5074 0.3520 0.0042  -0.1438 -0.0099 79  LEU A N   
291 C CA  . LEU A 79 ? 0.4696 0.2385 0.4613 -0.0555 -0.1188 0.0058  79  LEU A CA  
292 C C   . LEU A 79 ? 0.4829 0.2706 0.5112 0.0670  -0.1037 -0.0198 79  LEU A C   
293 O O   . LEU A 79 ? 0.4752 0.3499 0.3643 0.0772  -0.0224 -0.0594 79  LEU A O   
294 C CB  . LEU A 79 ? 0.6104 0.2680 0.3146 -0.0179 0.0170  -0.0403 79  LEU A CB  
295 C CG  . LEU A 79 ? 0.5855 0.3799 0.3091 -0.0454 0.0706  0.0565  79  LEU A CG  
296 C CD1 . LEU A 79 ? 0.4412 0.3843 0.3225 -0.1092 0.0480  -0.0199 79  LEU A CD1 
297 C CD2 . LEU A 79 ? 0.5981 0.3145 0.2854 -0.0502 0.0352  0.0111  79  LEU A CD2 
298 N N   . ILE A 80 ? 0.3774 0.2106 0.4452 -0.0700 -0.0586 -0.0723 80  ILE A N   
299 C CA  . ILE A 80 ? 0.4323 0.2321 0.4656 -0.0882 -0.0756 -0.1248 80  ILE A CA  
300 C C   . ILE A 80 ? 0.5036 0.3635 0.4508 -0.0056 -0.0993 -0.0873 80  ILE A C   
301 O O   . ILE A 80 ? 0.5122 0.3442 0.4239 0.0095  -0.1718 -0.0907 80  ILE A O   
302 C CB  . ILE A 80 ? 0.4575 0.2515 0.4772 -0.1541 -0.0624 -0.0867 80  ILE A CB  
303 C CG1 . ILE A 80 ? 0.6085 0.3127 0.4312 0.0199  0.0708  -0.0910 80  ILE A CG1 
304 C CG2 . ILE A 80 ? 0.3845 0.2476 0.4628 -0.1043 0.0183  -0.0969 80  ILE A CG2 
305 C CD1 . ILE A 80 ? 0.6780 0.3550 0.4021 0.0444  -0.0194 -0.1035 80  ILE A CD1 
306 N N   . ASN A 81 ? 0.4966 0.4875 0.4081 0.0493  -0.2293 -0.0999 81  ASN A N   
307 C CA  . ASN A 81 ? 0.5505 0.4916 0.4669 0.0914  -0.0910 -0.0543 81  ASN A CA  
308 C C   . ASN A 81 ? 0.5373 0.3095 0.4376 0.0255  -0.1721 -0.0535 81  ASN A C   
309 O O   . ASN A 81 ? 0.5869 0.2044 0.4994 0.0564  -0.1804 -0.0598 81  ASN A O   
310 C CB  . ASN A 81 ? 0.4416 0.4002 0.4894 0.0951  -0.0519 -0.1547 81  ASN A CB  
311 C CG  . ASN A 81 ? 0.5927 0.4904 0.6728 0.0836  -0.0771 -0.1452 81  ASN A CG  
312 O OD1 . ASN A 81 ? 0.7135 0.4007 0.7460 0.0467  -0.0846 -0.2379 81  ASN A OD1 
313 N ND2 . ASN A 81 ? 0.4606 0.4882 0.8246 0.0624  -0.1869 -0.0983 81  ASN A ND2 
314 N N   . MET A 82 ? 0.5205 0.1720 0.4760 0.0237  -0.1722 0.0115  82  MET A N   
315 C CA  . MET A 82 ? 0.4943 0.2932 0.5344 -0.0187 -0.2089 -0.0142 82  MET A CA  
316 C C   . MET A 82 ? 0.5610 0.3519 0.4383 0.0285  -0.2058 -0.0482 82  MET A C   
317 O O   . MET A 82 ? 0.6033 0.2755 0.4791 0.0272  -0.1462 -0.0387 82  MET A O   
318 C CB  . MET A 82 ? 0.6129 0.3302 0.6399 -0.0106 -0.1419 -0.1111 82  MET A CB  
319 C CG  . MET A 82 ? 0.6283 0.4888 0.7146 -0.0661 -0.2714 -0.2080 82  MET A CG  
320 S SD  . MET A 82 ? 0.6998 0.4834 0.8179 -0.0370 -0.2602 -0.2619 82  MET A SD  
321 C CE  . MET A 82 ? 0.7481 0.5569 0.5737 -0.0255 -0.1005 -0.2952 82  MET A CE  
322 N N   . VAL A 83 ? 0.3824 0.3142 0.4334 0.0220  -0.2426 -0.0085 83  VAL A N   
323 C CA  . VAL A 83 ? 0.4203 0.1752 0.4218 -0.0368 -0.2004 -0.0130 83  VAL A CA  
324 C C   . VAL A 83 ? 0.4505 0.2481 0.4152 0.0160  -0.1690 -0.0124 83  VAL A C   
325 O O   . VAL A 83 ? 0.4480 0.3082 0.3693 0.0010  -0.1242 -0.0250 83  VAL A O   
326 C CB  . VAL A 83 ? 0.4325 0.1556 0.4373 -0.0398 -0.1566 0.0104  83  VAL A CB  
327 C CG1 . VAL A 83 ? 0.4599 0.1661 0.3975 -0.0596 -0.1640 0.0055  83  VAL A CG1 
328 C CG2 . VAL A 83 ? 0.3862 0.1276 0.3894 -0.0280 -0.0122 -0.0779 83  VAL A CG2 
329 N N   . VAL A 84 ? 0.4974 0.1786 0.3574 -0.0134 -0.1396 -0.0420 84  VAL A N   
330 C CA  . VAL A 84 ? 0.5119 0.2782 0.2724 0.0169  -0.1439 -0.1005 84  VAL A CA  
331 C C   . VAL A 84 ? 0.6317 0.3434 0.3132 0.1043  -0.1754 -0.0484 84  VAL A C   
332 O O   . VAL A 84 ? 0.5777 0.3143 0.3293 0.0011  -0.1554 0.0025  84  VAL A O   
333 C CB  . VAL A 84 ? 0.5235 0.2153 0.4176 -0.1353 -0.0808 -0.0309 84  VAL A CB  
334 C CG1 . VAL A 84 ? 0.4164 0.2063 0.4204 -0.0856 -0.1077 -0.0778 84  VAL A CG1 
335 C CG2 . VAL A 84 ? 0.5369 0.3416 0.3219 -0.0467 0.0127  -0.0004 84  VAL A CG2 
336 N N   . LYS A 85 ? 0.6721 0.3138 0.3230 0.1917  -0.2207 -0.0875 85  LYS A N   
337 C CA  . LYS A 85 ? 0.5711 0.3187 0.3829 0.0244  -0.0895 0.0151  85  LYS A CA  
338 C C   . LYS A 85 ? 0.6825 0.2392 0.4206 0.0093  -0.1091 -0.0456 85  LYS A C   
339 O O   . LYS A 85 ? 0.6393 0.2429 0.4750 -0.0515 -0.0778 -0.0145 85  LYS A O   
340 C CB  . LYS A 85 ? 0.5591 0.3961 0.4710 -0.0158 -0.1436 0.0921  85  LYS A CB  
341 C CG  . LYS A 85 ? 0.6563 0.5061 0.5884 0.0464  -0.3143 0.1404  85  LYS A CG  
342 C CD  . LYS A 85 ? 0.7786 0.4883 0.6522 0.1206  -0.3346 0.1039  85  LYS A CD  
343 C CE  . LYS A 85 ? 0.7465 0.6254 0.6201 0.0384  -0.3679 0.1158  85  LYS A CE  
344 N NZ  . LYS A 85 ? 0.8866 0.5779 0.6386 -0.0876 -0.2126 0.1107  85  LYS A NZ  
345 N N   . SER A 86 ? 0.6762 0.2225 0.4305 0.0290  -0.0941 -0.0467 86  SER A N   
346 C CA  . SER A 86 ? 0.6307 0.2485 0.4240 -0.0909 -0.1618 -0.0600 86  SER A CA  
347 C C   . SER A 86 ? 0.6672 0.3392 0.3017 0.0128  -0.0748 -0.0244 86  SER A C   
348 O O   . SER A 86 ? 0.5975 0.4428 0.2720 -0.0503 -0.0326 -0.0057 86  SER A O   
349 C CB  . SER A 86 ? 0.7377 0.2104 0.4317 0.0240  -0.0210 -0.0779 86  SER A CB  
350 O OG  . SER A 86 ? 0.8628 0.2526 0.6565 -0.0771 -0.1571 0.0534  86  SER A OG  
351 N N   . ALA A 87 ? 0.5571 0.2736 0.3273 -0.0218 -0.1396 -0.0942 87  ALA A N   
352 C CA  . ALA A 87 ? 0.5707 0.2766 0.4557 -0.0531 -0.0943 -0.0127 87  ALA A CA  
353 C C   . ALA A 87 ? 0.5924 0.2705 0.5063 -0.1022 -0.0787 0.0615  87  ALA A C   
354 O O   . ALA A 87 ? 0.5725 0.3434 0.5952 -0.0980 -0.1229 0.0885  87  ALA A O   
355 C CB  . ALA A 87 ? 0.5896 0.2973 0.3980 0.0442  -0.1066 -0.0548 87  ALA A CB  
356 N N   . LEU A 88 ? 0.6169 0.1682 0.4256 -0.0453 -0.0265 -0.0428 88  LEU A N   
357 C CA  . LEU A 88 ? 0.5709 0.2223 0.4539 0.0070  -0.0486 -0.0930 88  LEU A CA  
358 C C   . LEU A 88 ? 0.6519 0.2799 0.5223 -0.0309 -0.0845 -0.0732 88  LEU A C   
359 O O   . LEU A 88 ? 0.7411 0.3230 0.6464 -0.1184 -0.1193 0.0141  88  LEU A O   
360 C CB  . LEU A 88 ? 0.5765 0.2783 0.4324 0.0558  -0.1047 -0.0254 88  LEU A CB  
361 C CG  . LEU A 88 ? 0.4886 0.3911 0.4301 -0.0186 -0.2689 0.0029  88  LEU A CG  
362 C CD1 . LEU A 88 ? 0.4995 0.2530 0.5079 0.0210  -0.0857 0.0239  88  LEU A CD1 
363 C CD2 . LEU A 88 ? 0.5195 0.3090 0.4134 -0.0301 -0.2286 -0.0307 88  LEU A CD2 
364 N N   . ASN A 89 ? 0.7203 0.4357 0.4201 -0.0108 -0.0562 -0.1913 89  ASN A N   
365 C CA  . ASN A 89 ? 0.7831 0.5655 0.5109 0.0262  -0.0639 -0.1005 89  ASN A CA  
366 C C   . ASN A 89 ? 0.8495 0.7396 0.5217 0.1395  -0.0793 -0.1528 89  ASN A C   
367 O O   . ASN A 89 ? 0.9961 0.8885 0.5365 0.1934  -0.2165 -0.1292 89  ASN A O   
368 C CB  . ASN A 89 ? 0.8180 0.5870 0.5726 0.0444  -0.0821 0.0028  89  ASN A CB  
369 C CG  . ASN A 89 ? 0.9351 0.6964 0.6312 -0.0257 -0.2592 -0.0216 89  ASN A CG  
370 O OD1 . ASN A 89 ? 1.0186 0.5563 0.7576 0.1284  -0.3372 0.0352  89  ASN A OD1 
371 N ND2 . ASN A 89 ? 0.9833 0.9339 0.5904 -0.1099 -0.3183 -0.0407 89  ASN A ND2 
372 N N   . ILE A 90 ? 0.9248 0.7514 0.7078 0.1023  -0.0440 -0.0714 90  ILE A N   
373 C CA  . ILE A 90 ? 0.9289 0.7334 0.8958 0.0008  0.0263  0.0486  90  ILE A CA  
374 C C   . ILE A 90 ? 0.9781 0.7088 0.9959 -0.1112 0.0053  0.0867  90  ILE A C   
375 O O   . ILE A 90 ? 1.0583 0.8298 1.0594 -0.0779 -0.0366 0.0826  90  ILE A O   
376 C CB  . ILE A 90 ? 0.9201 0.9258 0.9496 0.0208  0.0489  0.0714  90  ILE A CB  
377 C CG1 . ILE A 90 ? 1.0348 0.8173 1.0237 0.0184  -0.0617 0.1394  90  ILE A CG1 
378 C CG2 . ILE A 90 ? 0.9385 1.1635 0.9638 0.0442  0.0050  0.0440  90  ILE A CG2 
379 C CD1 . ILE A 90 ? 1.0509 0.5923 1.0830 -0.0964 -0.1688 0.1933  90  ILE A CD1 
380 S S   . SO4 B .  ? 1.1989 0.8094 0.5156 -0.0553 -0.0891 -0.0265 401 SO4 A S   
381 O O1  . SO4 B .  ? 1.3014 0.4898 0.7171 -0.0289 -0.2812 0.0472  401 SO4 A O1  
382 O O2  . SO4 B .  ? 1.2933 0.7037 0.5808 0.0955  0.0691  -0.0351 401 SO4 A O2  
383 O O3  . SO4 B .  ? 1.2378 0.8954 0.4543 0.1108  0.0361  -0.1278 401 SO4 A O3  
384 O O4  . SO4 B .  ? 1.1795 0.6379 0.6425 -0.1303 0.0892  0.0921  401 SO4 A O4  
385 O O   . HOH C .  ? 0.9226 1.0836 0.4075 -0.0027 -0.1522 -0.2309 501 HOH A O   
386 O O   . HOH C .  ? 0.8152 0.3115 0.3795 -0.0628 -0.1726 -0.0149 502 HOH A O   
387 O O   . HOH C .  ? 0.5210 0.2784 0.6532 0.1626  -0.1138 -0.0078 503 HOH A O   
388 O O   . HOH C .  ? 0.4535 0.2991 0.6745 0.0215  -0.1324 0.0731  504 HOH A O   
389 O O   . HOH C .  ? 0.7967 0.5134 0.7927 0.0598  0.1949  0.2144  505 HOH A O   
390 O O   . HOH C .  ? 0.6492 0.6529 1.1283 0.0553  0.1885  -0.2888 506 HOH A O   
391 O O   . HOH C .  ? 1.3841 0.4167 0.6785 0.1053  -0.0300 0.1339  507 HOH A O   
392 O O   . HOH C .  ? 1.2026 0.4966 0.9350 0.0344  -0.2349 -0.1589 508 HOH A O   
393 O O   . HOH C .  ? 0.6002 0.7223 1.0399 -0.0658 -0.0026 -0.1353 509 HOH A O   
394 O O   . HOH C .  ? 1.0010 0.8793 0.5248 0.1078  -0.0659 -0.0573 510 HOH A O   
395 O O   . HOH C .  ? 0.8404 0.3322 0.6861 -0.0532 0.0997  -0.1266 511 HOH A O   
396 O O   . HOH C .  ? 0.5063 0.5156 0.5732 -0.0244 0.0421  0.0654  512 HOH A O   
397 O O   . HOH C .  ? 1.0216 0.5172 0.7605 0.0666  -0.1964 0.1873  513 HOH A O   
398 O O   . HOH C .  ? 1.1044 0.6672 0.7053 0.0675  -0.1076 -0.1605 514 HOH A O   
399 O O   . HOH C .  ? 0.5516 0.6359 0.8377 -0.0767 0.0141  -0.0591 515 HOH A O   
400 O O   . HOH C .  ? 0.8719 0.9094 0.9643 0.4543  -0.0546 -0.0206 516 HOH A O   
401 O O   . HOH C .  ? 0.8619 0.6922 0.8830 0.2878  -0.1529 0.2111  517 HOH A O   
402 O O   . HOH C .  ? 0.9685 0.4756 0.9636 0.0723  -0.4619 -0.1976 518 HOH A O   
403 O O   . HOH C .  ? 0.5327 0.7090 0.8274 0.2122  0.1534  0.2621  519 HOH A O   
404 O O   . HOH C .  ? 0.5830 0.8736 0.6158 -0.0428 -0.0637 0.0290  520 HOH A O   
405 O O   . HOH C .  ? 0.9316 0.9408 0.6732 0.4676  -0.0077 0.0084  521 HOH A O   
406 O O   . HOH C .  ? 0.7808 0.5996 0.6874 0.1567  -0.2031 0.0546  522 HOH A O   
# 
